data_7X5J
#
_entry.id   7X5J
#
_cell.length_a   107.623
_cell.length_b   224.972
_cell.length_c   152.371
_cell.angle_alpha   90.000
_cell.angle_beta   90.000
_cell.angle_gamma   90.000
#
_symmetry.space_group_name_H-M   'C 2 2 21'
#
loop_
_entity.id
_entity.type
_entity.pdbx_description
1 polymer '3-oxoacyl-ACP reductase'
2 non-polymer 'NADP NICOTINAMIDE-ADENINE-DINUCLEOTIDE PHOSPHATE'
3 non-polymer PHENYLALANINE
4 water water
#
_entity_poly.entity_id   1
_entity_poly.type   'polypeptide(L)'
_entity_poly.pdbx_seq_one_letter_code
;MSLQKRVALVTGGSGGLGRVHALTLAQNGADVAVTGNRNIDKAESVANEIRALGRKALAIKVDVSNEDEVNEGVEKIKKE
LGSVDILVNNAASGIVRATLIEKTAKEDWDQDLRVNLTGAFNCIKAVIPDMKKNNWGRIINISSVTGTMGGSGQCSYATT
KAGLIGLTKTVALEGARYNITCNALVLGVFGGRGREDSSFYDVAEPFRERIIKRTAMRRPGDPKELSNVLAFLASDEASY
VTGDAIVVGGGIDLFTF
;
_entity_poly.pdbx_strand_id   D,C,A,E,B,F
#
# COMPACT_ATOMS: atom_id res chain seq x y z
N SER A 2 -26.76 9.49 28.02
CA SER A 2 -25.68 8.65 28.61
C SER A 2 -25.88 7.21 28.14
N LEU A 3 -24.91 6.66 27.39
CA LEU A 3 -24.87 5.27 26.90
C LEU A 3 -23.87 4.43 27.73
N GLN A 4 -23.49 4.91 28.92
CA GLN A 4 -22.55 4.23 29.84
C GLN A 4 -23.11 2.83 30.12
N LYS A 5 -22.27 1.79 30.01
CA LYS A 5 -22.62 0.36 30.27
C LYS A 5 -23.33 -0.25 29.05
N ARG A 6 -23.24 0.39 27.87
CA ARG A 6 -23.79 -0.19 26.60
C ARG A 6 -22.64 -0.54 25.66
N VAL A 7 -22.81 -1.61 24.90
CA VAL A 7 -21.89 -2.06 23.81
C VAL A 7 -22.55 -1.77 22.45
N ALA A 8 -21.90 -0.95 21.64
CA ALA A 8 -22.32 -0.58 20.28
C ALA A 8 -21.47 -1.34 19.25
N LEU A 9 -22.09 -1.79 18.15
CA LEU A 9 -21.41 -2.27 16.92
C LEU A 9 -21.80 -1.35 15.77
N VAL A 10 -20.87 -0.52 15.30
CA VAL A 10 -21.03 0.27 14.05
C VAL A 10 -20.40 -0.50 12.89
N THR A 11 -21.21 -1.09 12.01
CA THR A 11 -20.70 -1.72 10.75
C THR A 11 -20.17 -0.59 9.88
N GLY A 12 -19.07 -0.85 9.16
CA GLY A 12 -18.32 0.17 8.41
C GLY A 12 -17.84 1.32 9.29
N GLY A 13 -17.43 1.01 10.53
CA GLY A 13 -16.76 1.98 11.42
C GLY A 13 -15.31 2.23 11.02
N SER A 14 -14.82 1.60 9.94
CA SER A 14 -13.42 1.70 9.43
C SER A 14 -13.12 3.13 8.96
N GLY A 15 -14.11 3.83 8.42
CA GLY A 15 -14.03 5.27 8.10
C GLY A 15 -15.38 5.84 7.71
N GLY A 16 -15.38 7.07 7.19
CA GLY A 16 -16.57 7.82 6.77
C GLY A 16 -17.47 8.16 7.94
N LEU A 17 -18.78 8.15 7.73
CA LEU A 17 -19.79 8.55 8.75
C LEU A 17 -19.77 7.52 9.90
N GLY A 18 -19.58 6.23 9.59
CA GLY A 18 -19.51 5.14 10.58
C GLY A 18 -18.49 5.42 11.67
N ARG A 19 -17.27 5.84 11.30
CA ARG A 19 -16.21 6.26 12.26
C ARG A 19 -16.79 7.31 13.21
N VAL A 20 -17.42 8.36 12.67
CA VAL A 20 -17.96 9.46 13.52
C VAL A 20 -19.11 8.89 14.37
N HIS A 21 -19.88 7.95 13.82
CA HIS A 21 -20.95 7.25 14.60
C HIS A 21 -20.31 6.61 15.83
N ALA A 22 -19.27 5.80 15.63
CA ALA A 22 -18.57 5.03 16.70
C ALA A 22 -18.01 6.02 17.72
N LEU A 23 -17.29 7.04 17.25
CA LEU A 23 -16.66 8.06 18.13
C LEU A 23 -17.73 8.77 18.96
N THR A 24 -18.90 9.09 18.37
CA THR A 24 -19.95 9.91 19.04
C THR A 24 -20.60 9.06 20.13
N LEU A 25 -20.82 7.77 19.85
CA LEU A 25 -21.43 6.81 20.80
C LEU A 25 -20.50 6.59 21.99
N ALA A 26 -19.18 6.61 21.76
CA ALA A 26 -18.12 6.47 22.78
C ALA A 26 -18.16 7.69 23.70
N GLN A 27 -18.09 8.89 23.11
CA GLN A 27 -18.23 10.17 23.84
C GLN A 27 -19.45 10.11 24.75
N ASN A 28 -20.49 9.38 24.33
CA ASN A 28 -21.76 9.31 25.10
C ASN A 28 -21.67 8.14 26.08
N GLY A 29 -20.54 7.43 26.14
CA GLY A 29 -20.27 6.52 27.27
C GLY A 29 -20.29 5.05 26.89
N ALA A 30 -20.53 4.73 25.62
CA ALA A 30 -20.67 3.33 25.15
C ALA A 30 -19.28 2.70 24.96
N ASP A 31 -19.17 1.39 25.18
CA ASP A 31 -18.04 0.56 24.69
C ASP A 31 -18.38 0.16 23.25
N VAL A 32 -17.47 0.40 22.30
CA VAL A 32 -17.83 0.45 20.86
C VAL A 32 -16.93 -0.50 20.07
N ALA A 33 -17.54 -1.49 19.41
CA ALA A 33 -16.90 -2.33 18.38
C ALA A 33 -17.20 -1.71 17.00
N VAL A 34 -16.18 -1.61 16.15
CA VAL A 34 -16.30 -1.13 14.74
C VAL A 34 -15.82 -2.28 13.84
N THR A 35 -16.29 -2.35 12.59
CA THR A 35 -15.79 -3.35 11.60
C THR A 35 -14.85 -2.68 10.59
N GLY A 36 -13.96 -3.49 10.05
CA GLY A 36 -13.25 -3.24 8.78
C GLY A 36 -13.48 -4.41 7.84
N ASN A 37 -13.37 -4.19 6.55
CA ASN A 37 -13.40 -5.26 5.53
C ASN A 37 -12.13 -5.17 4.67
N ARG A 38 -12.02 -4.12 3.86
CA ARG A 38 -10.81 -3.78 3.06
C ARG A 38 -9.82 -2.96 3.91
N ASN A 39 -10.25 -2.41 5.06
CA ASN A 39 -9.46 -1.40 5.84
C ASN A 39 -9.47 -1.69 7.35
N ILE A 40 -9.10 -2.91 7.75
CA ILE A 40 -9.00 -3.37 9.17
C ILE A 40 -8.04 -2.48 9.98
N ASP A 41 -7.00 -1.95 9.34
CA ASP A 41 -5.98 -1.05 9.96
C ASP A 41 -6.62 0.30 10.31
N LYS A 42 -7.46 0.84 9.43
CA LYS A 42 -8.25 2.07 9.71
C LYS A 42 -9.21 1.78 10.88
N ALA A 43 -9.81 0.58 10.91
CA ALA A 43 -10.77 0.13 11.95
C ALA A 43 -10.05 -0.01 13.31
N GLU A 44 -8.81 -0.53 13.33
CA GLU A 44 -7.97 -0.65 14.55
C GLU A 44 -7.62 0.75 15.04
N SER A 45 -7.35 1.67 14.12
CA SER A 45 -7.05 3.10 14.41
C SER A 45 -8.26 3.75 15.08
N VAL A 46 -9.48 3.40 14.64
CA VAL A 46 -10.73 4.00 15.18
C VAL A 46 -10.91 3.50 16.61
N ALA A 47 -10.69 2.20 16.83
CA ALA A 47 -10.78 1.57 18.16
C ALA A 47 -9.84 2.30 19.14
N ASN A 48 -8.66 2.71 18.69
CA ASN A 48 -7.64 3.40 19.54
C ASN A 48 -8.12 4.81 19.89
N GLU A 49 -8.78 5.51 18.95
CA GLU A 49 -9.42 6.82 19.23
C GLU A 49 -10.51 6.66 20.30
N ILE A 50 -11.24 5.55 20.27
CA ILE A 50 -12.26 5.21 21.32
C ILE A 50 -11.53 5.07 22.66
N ARG A 51 -10.39 4.37 22.68
CA ARG A 51 -9.61 4.09 23.92
C ARG A 51 -9.09 5.40 24.52
N ALA A 52 -8.68 6.34 23.68
CA ALA A 52 -8.24 7.71 24.06
C ALA A 52 -9.37 8.44 24.78
N LEU A 53 -10.64 8.09 24.48
CA LEU A 53 -11.81 8.62 25.23
C LEU A 53 -11.98 7.82 26.53
N GLY A 54 -11.16 6.79 26.74
CA GLY A 54 -11.20 5.94 27.95
C GLY A 54 -12.37 4.98 27.93
N ARG A 55 -12.71 4.45 26.74
CA ARG A 55 -13.72 3.37 26.57
C ARG A 55 -12.99 2.14 26.04
N LYS A 56 -13.62 0.98 26.17
CA LYS A 56 -13.16 -0.28 25.51
C LYS A 56 -13.65 -0.27 24.06
N ALA A 57 -12.85 -0.84 23.15
CA ALA A 57 -13.12 -0.93 21.70
C ALA A 57 -12.83 -2.35 21.23
N LEU A 58 -12.99 -2.61 19.94
CA LEU A 58 -12.55 -3.84 19.25
C LEU A 58 -12.83 -3.66 17.76
N ALA A 59 -11.78 -3.52 16.94
CA ALA A 59 -11.83 -3.76 15.49
C ALA A 59 -12.07 -5.25 15.27
N ILE A 60 -12.97 -5.61 14.36
CA ILE A 60 -13.22 -7.01 13.94
C ILE A 60 -13.32 -6.99 12.42
N LYS A 61 -12.66 -7.92 11.75
CA LYS A 61 -12.63 -7.99 10.27
C LYS A 61 -13.89 -8.72 9.81
N VAL A 62 -14.88 -7.99 9.26
CA VAL A 62 -16.20 -8.56 8.86
C VAL A 62 -16.55 -8.09 7.45
N ASP A 63 -16.89 -9.04 6.59
CA ASP A 63 -17.73 -8.83 5.38
C ASP A 63 -19.16 -9.15 5.81
N VAL A 64 -19.96 -8.12 6.09
CA VAL A 64 -21.33 -8.24 6.69
C VAL A 64 -22.21 -9.19 5.85
N SER A 65 -21.90 -9.42 4.56
CA SER A 65 -22.63 -10.38 3.69
C SER A 65 -22.36 -11.84 4.10
N ASN A 66 -21.20 -12.10 4.71
CA ASN A 66 -20.77 -13.45 5.17
C ASN A 66 -21.32 -13.66 6.58
N GLU A 67 -22.35 -14.49 6.76
CA GLU A 67 -22.99 -14.64 8.09
C GLU A 67 -21.98 -15.26 9.09
N ASP A 68 -21.14 -16.20 8.62
CA ASP A 68 -20.04 -16.83 9.41
C ASP A 68 -19.14 -15.74 9.99
N GLU A 69 -18.58 -14.88 9.13
CA GLU A 69 -17.73 -13.73 9.55
C GLU A 69 -18.48 -12.87 10.57
N VAL A 70 -19.80 -12.67 10.38
CA VAL A 70 -20.65 -11.77 11.23
C VAL A 70 -20.86 -12.45 12.58
N ASN A 71 -21.26 -13.73 12.57
CA ASN A 71 -21.52 -14.51 13.81
C ASN A 71 -20.25 -14.55 14.69
N GLU A 72 -19.08 -14.91 14.14
CA GLU A 72 -17.80 -14.92 14.90
C GLU A 72 -17.54 -13.53 15.50
N GLY A 73 -17.54 -12.49 14.67
CA GLY A 73 -17.37 -11.09 15.08
C GLY A 73 -18.22 -10.74 16.28
N VAL A 74 -19.50 -11.10 16.27
CA VAL A 74 -20.45 -10.79 17.37
C VAL A 74 -20.05 -11.65 18.59
N GLU A 75 -19.77 -12.94 18.39
CA GLU A 75 -19.18 -13.85 19.41
C GLU A 75 -17.96 -13.18 20.05
N LYS A 76 -17.01 -12.71 19.24
CA LYS A 76 -15.76 -12.04 19.71
C LYS A 76 -16.11 -10.82 20.55
N ILE A 77 -16.97 -9.92 20.06
CA ILE A 77 -17.42 -8.69 20.79
C ILE A 77 -17.95 -9.12 22.16
N LYS A 78 -18.83 -10.13 22.19
CA LYS A 78 -19.51 -10.53 23.44
C LYS A 78 -18.45 -10.81 24.51
N LYS A 79 -17.50 -11.70 24.22
CA LYS A 79 -16.37 -12.10 25.11
C LYS A 79 -15.59 -10.86 25.60
N GLU A 80 -15.17 -9.97 24.68
CA GLU A 80 -14.30 -8.80 24.98
C GLU A 80 -15.09 -7.62 25.57
N LEU A 81 -16.26 -7.28 25.03
CA LEU A 81 -16.99 -6.03 25.40
C LEU A 81 -18.27 -6.35 26.17
N GLY A 82 -18.86 -7.52 25.93
CA GLY A 82 -20.24 -7.84 26.33
C GLY A 82 -21.18 -7.81 25.12
N SER A 83 -22.32 -8.47 25.24
CA SER A 83 -23.40 -8.50 24.21
C SER A 83 -23.70 -7.10 23.64
N VAL A 84 -23.78 -7.00 22.31
CA VAL A 84 -24.16 -5.76 21.57
C VAL A 84 -25.55 -5.34 22.07
N ASP A 85 -25.68 -4.11 22.56
CA ASP A 85 -26.97 -3.46 22.92
C ASP A 85 -27.43 -2.53 21.79
N ILE A 86 -26.48 -1.96 21.03
CA ILE A 86 -26.68 -0.94 19.96
C ILE A 86 -26.05 -1.44 18.65
N LEU A 87 -26.85 -1.74 17.62
CA LEU A 87 -26.34 -2.13 16.26
C LEU A 87 -26.58 -0.98 15.29
N VAL A 88 -25.53 -0.50 14.63
CA VAL A 88 -25.64 0.48 13.51
C VAL A 88 -25.20 -0.23 12.23
N ASN A 89 -26.16 -0.53 11.35
CA ASN A 89 -25.94 -1.18 10.04
C ASN A 89 -25.51 -0.14 9.00
N ASN A 90 -24.27 0.35 9.10
CA ASN A 90 -23.80 1.54 8.35
C ASN A 90 -22.98 1.13 7.12
N ALA A 91 -22.43 -0.09 7.10
CA ALA A 91 -21.69 -0.63 5.93
C ALA A 91 -22.59 -0.60 4.68
N ALA A 92 -22.08 -0.08 3.56
CA ALA A 92 -22.81 -0.04 2.26
C ALA A 92 -21.87 -0.22 1.06
N SER A 93 -22.35 -0.95 0.05
CA SER A 93 -21.73 -1.11 -1.29
C SER A 93 -22.61 -0.42 -2.34
N GLY A 94 -21.98 0.09 -3.40
CA GLY A 94 -22.64 0.70 -4.55
C GLY A 94 -23.14 2.09 -4.22
N ILE A 95 -22.48 2.80 -3.32
CA ILE A 95 -22.98 4.08 -2.77
C ILE A 95 -23.08 5.14 -3.88
N VAL A 96 -22.17 5.11 -4.87
CA VAL A 96 -22.13 6.17 -5.92
C VAL A 96 -21.99 5.52 -7.30
N ARG A 97 -22.69 4.42 -7.57
CA ARG A 97 -22.93 3.98 -8.97
C ARG A 97 -23.60 5.13 -9.72
N ALA A 98 -23.34 5.22 -11.03
CA ALA A 98 -23.98 6.16 -11.96
C ALA A 98 -24.13 5.42 -13.30
N THR A 99 -24.97 4.39 -13.31
CA THR A 99 -25.13 3.44 -14.42
C THR A 99 -26.62 3.15 -14.58
N LEU A 100 -27.20 3.47 -15.74
CA LEU A 100 -28.62 3.20 -16.03
C LEU A 100 -28.86 1.71 -15.78
N ILE A 101 -30.10 1.32 -15.50
CA ILE A 101 -30.42 -0.08 -15.11
C ILE A 101 -29.97 -1.06 -16.20
N GLU A 102 -30.23 -0.78 -17.47
CA GLU A 102 -29.95 -1.74 -18.58
C GLU A 102 -28.44 -1.93 -18.74
N LYS A 103 -27.63 -0.95 -18.35
CA LYS A 103 -26.15 -1.02 -18.43
C LYS A 103 -25.55 -1.44 -17.07
N THR A 104 -26.37 -1.79 -16.07
CA THR A 104 -25.89 -2.16 -14.71
C THR A 104 -25.65 -3.66 -14.70
N ALA A 105 -24.45 -4.09 -14.28
CA ALA A 105 -24.03 -5.51 -14.28
C ALA A 105 -24.71 -6.25 -13.11
N LYS A 106 -25.24 -7.44 -13.37
CA LYS A 106 -25.81 -8.33 -12.33
C LYS A 106 -24.88 -8.41 -11.12
N GLU A 107 -23.56 -8.57 -11.31
CA GLU A 107 -22.58 -8.84 -10.22
C GLU A 107 -22.47 -7.64 -9.28
N ASP A 108 -22.52 -6.42 -9.83
CA ASP A 108 -22.55 -5.16 -9.03
C ASP A 108 -23.89 -5.07 -8.26
N TRP A 109 -25.00 -5.37 -8.93
CA TRP A 109 -26.34 -5.41 -8.28
C TRP A 109 -26.35 -6.41 -7.11
N ASP A 110 -26.01 -7.68 -7.38
CA ASP A 110 -25.99 -8.80 -6.39
C ASP A 110 -25.12 -8.43 -5.17
N GLN A 111 -24.01 -7.73 -5.38
CA GLN A 111 -23.04 -7.39 -4.32
C GLN A 111 -23.66 -6.31 -3.42
N ASP A 112 -24.15 -5.24 -4.04
CA ASP A 112 -24.93 -4.14 -3.41
C ASP A 112 -26.07 -4.72 -2.56
N LEU A 113 -26.82 -5.70 -3.06
CA LEU A 113 -27.94 -6.33 -2.28
C LEU A 113 -27.35 -7.13 -1.10
N ARG A 114 -26.32 -7.95 -1.34
CA ARG A 114 -25.68 -8.83 -0.30
C ARG A 114 -25.16 -7.97 0.86
N VAL A 115 -24.56 -6.83 0.54
CA VAL A 115 -23.95 -5.94 1.56
C VAL A 115 -25.05 -5.13 2.25
N ASN A 116 -25.93 -4.48 1.47
CA ASN A 116 -26.82 -3.43 2.01
C ASN A 116 -28.04 -4.06 2.70
N LEU A 117 -28.51 -5.21 2.19
CA LEU A 117 -29.70 -5.89 2.76
C LEU A 117 -29.25 -7.11 3.59
N THR A 118 -28.51 -8.06 3.01
CA THR A 118 -28.10 -9.30 3.74
C THR A 118 -27.19 -8.92 4.91
N GLY A 119 -26.37 -7.88 4.77
CA GLY A 119 -25.56 -7.35 5.88
C GLY A 119 -26.42 -7.01 7.10
N ALA A 120 -27.41 -6.14 6.91
CA ALA A 120 -28.36 -5.71 7.96
C ALA A 120 -29.03 -6.95 8.56
N PHE A 121 -29.50 -7.87 7.70
CA PHE A 121 -30.16 -9.14 8.12
C PHE A 121 -29.21 -9.93 9.03
N ASN A 122 -28.00 -10.22 8.53
CA ASN A 122 -27.02 -11.09 9.23
C ASN A 122 -26.70 -10.49 10.60
N CYS A 123 -26.41 -9.18 10.64
CA CYS A 123 -26.02 -8.51 11.91
C CYS A 123 -27.20 -8.54 12.89
N ILE A 124 -28.41 -8.16 12.44
CA ILE A 124 -29.62 -8.17 13.31
C ILE A 124 -29.83 -9.61 13.81
N LYS A 125 -29.64 -10.60 12.94
CA LYS A 125 -29.85 -12.04 13.23
C LYS A 125 -28.94 -12.45 14.40
N ALA A 126 -27.70 -11.94 14.41
CA ALA A 126 -26.64 -12.33 15.37
C ALA A 126 -26.87 -11.66 16.73
N VAL A 127 -27.35 -10.41 16.77
CA VAL A 127 -27.33 -9.60 18.01
C VAL A 127 -28.70 -9.66 18.71
N ILE A 128 -29.78 -9.94 17.99
CA ILE A 128 -31.14 -9.72 18.59
C ILE A 128 -31.46 -10.77 19.66
N PRO A 129 -30.98 -12.04 19.62
CA PRO A 129 -31.29 -13.01 20.67
C PRO A 129 -30.90 -12.49 22.05
N ASP A 130 -29.70 -11.92 22.19
CA ASP A 130 -29.21 -11.38 23.48
C ASP A 130 -29.91 -10.06 23.81
N MET A 131 -30.18 -9.18 22.84
CA MET A 131 -31.01 -7.98 23.13
C MET A 131 -32.34 -8.42 23.75
N LYS A 132 -32.94 -9.47 23.21
CA LYS A 132 -34.23 -10.01 23.74
C LYS A 132 -33.99 -10.54 25.16
N LYS A 133 -32.92 -11.30 25.34
CA LYS A 133 -32.55 -11.92 26.66
C LYS A 133 -32.41 -10.79 27.68
N ASN A 134 -31.69 -9.70 27.34
CA ASN A 134 -31.41 -8.56 28.26
C ASN A 134 -32.56 -7.54 28.27
N ASN A 135 -33.66 -7.85 27.57
CA ASN A 135 -34.89 -7.01 27.49
C ASN A 135 -34.57 -5.54 27.15
N TRP A 136 -33.59 -5.29 26.29
CA TRP A 136 -33.25 -3.92 25.83
C TRP A 136 -32.42 -4.03 24.54
N GLY A 137 -32.55 -3.05 23.66
CA GLY A 137 -31.92 -3.10 22.32
C GLY A 137 -32.17 -1.85 21.48
N ARG A 138 -31.19 -1.49 20.65
CA ARG A 138 -31.28 -0.37 19.67
C ARG A 138 -30.65 -0.83 18.35
N ILE A 139 -31.44 -0.83 17.27
CA ILE A 139 -30.98 -1.12 15.88
C ILE A 139 -31.28 0.11 15.03
N ILE A 140 -30.22 0.67 14.45
CA ILE A 140 -30.26 1.88 13.58
C ILE A 140 -29.80 1.46 12.18
N ASN A 141 -30.74 1.45 11.25
CA ASN A 141 -30.48 1.17 9.81
C ASN A 141 -30.21 2.50 9.13
N ILE A 142 -29.30 2.50 8.17
CA ILE A 142 -28.88 3.72 7.42
C ILE A 142 -29.52 3.63 6.02
N SER A 143 -30.51 4.47 5.76
CA SER A 143 -31.20 4.63 4.46
C SER A 143 -30.77 5.96 3.82
N SER A 144 -31.43 6.37 2.74
CA SER A 144 -31.05 7.53 1.90
C SER A 144 -32.29 8.02 1.16
N VAL A 145 -32.40 9.33 1.00
CA VAL A 145 -33.45 10.00 0.19
C VAL A 145 -33.50 9.37 -1.22
N THR A 146 -32.40 8.80 -1.75
CA THR A 146 -32.42 8.06 -3.06
C THR A 146 -33.39 6.88 -2.95
N GLY A 147 -33.53 6.32 -1.74
CA GLY A 147 -34.45 5.20 -1.45
C GLY A 147 -35.91 5.60 -1.51
N THR A 148 -36.25 6.80 -1.04
CA THR A 148 -37.65 7.31 -0.92
C THR A 148 -38.04 8.20 -2.10
N MET A 149 -37.07 8.77 -2.83
CA MET A 149 -37.31 9.68 -3.99
C MET A 149 -36.67 9.16 -5.31
N GLY A 150 -36.01 8.00 -5.32
CA GLY A 150 -35.28 7.49 -6.49
C GLY A 150 -33.98 8.26 -6.75
N GLY A 151 -33.14 7.72 -7.64
CA GLY A 151 -31.98 8.44 -8.21
C GLY A 151 -31.55 7.81 -9.53
N SER A 152 -31.46 8.60 -10.58
CA SER A 152 -31.09 8.09 -11.93
C SER A 152 -29.73 7.41 -11.81
N GLY A 153 -29.57 6.21 -12.35
CA GLY A 153 -28.29 5.47 -12.43
C GLY A 153 -27.93 4.81 -11.12
N GLN A 154 -28.87 4.74 -10.18
CA GLN A 154 -28.65 4.16 -8.84
C GLN A 154 -29.70 3.09 -8.51
N CYS A 155 -29.96 2.13 -9.39
CA CYS A 155 -31.08 1.18 -9.21
C CYS A 155 -30.86 0.32 -7.95
N SER A 156 -29.63 -0.12 -7.67
CA SER A 156 -29.31 -1.01 -6.53
C SER A 156 -29.33 -0.21 -5.23
N TYR A 157 -28.81 1.01 -5.26
CA TYR A 157 -28.74 1.87 -4.04
C TYR A 157 -30.17 2.24 -3.61
N ALA A 158 -30.98 2.77 -4.54
CA ALA A 158 -32.37 3.16 -4.27
C ALA A 158 -33.16 1.93 -3.81
N THR A 159 -32.94 0.77 -4.45
CA THR A 159 -33.65 -0.49 -4.09
C THR A 159 -33.29 -0.86 -2.65
N THR A 160 -32.00 -0.80 -2.29
CA THR A 160 -31.51 -1.38 -1.03
C THR A 160 -31.84 -0.42 0.10
N LYS A 161 -31.71 0.88 -0.16
CA LYS A 161 -31.94 1.93 0.86
C LYS A 161 -33.43 1.98 1.18
N ALA A 162 -34.30 1.70 0.21
CA ALA A 162 -35.76 1.61 0.41
C ALA A 162 -36.07 0.34 1.19
N GLY A 163 -35.46 -0.79 0.81
CA GLY A 163 -35.68 -2.10 1.43
C GLY A 163 -35.32 -2.07 2.91
N LEU A 164 -34.28 -1.33 3.28
CA LEU A 164 -33.89 -1.17 4.71
C LEU A 164 -35.02 -0.53 5.52
N ILE A 165 -35.91 0.25 4.91
CA ILE A 165 -37.06 0.85 5.66
C ILE A 165 -38.09 -0.25 5.95
N GLY A 166 -38.42 -1.06 4.96
CA GLY A 166 -39.26 -2.27 5.16
C GLY A 166 -38.69 -3.14 6.28
N LEU A 167 -37.38 -3.44 6.21
CA LEU A 167 -36.69 -4.33 7.20
C LEU A 167 -36.82 -3.70 8.60
N THR A 168 -36.66 -2.38 8.68
CA THR A 168 -36.76 -1.59 9.93
C THR A 168 -38.12 -1.89 10.55
N LYS A 169 -39.19 -1.83 9.76
CA LYS A 169 -40.58 -1.86 10.29
C LYS A 169 -40.89 -3.27 10.85
N THR A 170 -40.47 -4.33 10.15
CA THR A 170 -40.67 -5.74 10.59
C THR A 170 -39.94 -5.97 11.91
N VAL A 171 -38.68 -5.54 12.00
CA VAL A 171 -37.80 -5.75 13.19
C VAL A 171 -38.34 -4.93 14.36
N ALA A 172 -38.92 -3.76 14.08
CA ALA A 172 -39.60 -2.93 15.10
C ALA A 172 -40.79 -3.73 15.68
N LEU A 173 -41.57 -4.40 14.83
CA LEU A 173 -42.75 -5.18 15.26
C LEU A 173 -42.29 -6.40 16.07
N GLU A 174 -41.21 -7.07 15.66
CA GLU A 174 -40.73 -8.31 16.32
C GLU A 174 -40.00 -7.97 17.63
N GLY A 175 -39.39 -6.78 17.73
CA GLY A 175 -38.56 -6.35 18.87
C GLY A 175 -39.32 -5.57 19.95
N ALA A 176 -40.48 -5.02 19.61
CA ALA A 176 -41.22 -4.03 20.44
C ALA A 176 -41.45 -4.53 21.87
N ARG A 177 -41.78 -5.81 22.07
CA ARG A 177 -42.18 -6.35 23.42
C ARG A 177 -40.94 -6.53 24.33
N TYR A 178 -39.73 -6.42 23.80
CA TYR A 178 -38.45 -6.57 24.53
C TYR A 178 -37.72 -5.22 24.69
N ASN A 179 -38.43 -4.10 24.57
CA ASN A 179 -37.80 -2.75 24.54
C ASN A 179 -36.60 -2.70 23.58
N ILE A 180 -36.69 -3.39 22.43
CA ILE A 180 -35.81 -3.25 21.24
C ILE A 180 -36.50 -2.33 20.24
N THR A 181 -35.97 -1.13 20.01
CA THR A 181 -36.43 -0.24 18.93
C THR A 181 -35.57 -0.50 17.69
N CYS A 182 -36.15 -0.30 16.50
CA CYS A 182 -35.47 -0.40 15.20
C CYS A 182 -35.95 0.74 14.31
N ASN A 183 -35.03 1.60 13.90
CA ASN A 183 -35.33 2.88 13.22
C ASN A 183 -34.35 3.06 12.06
N ALA A 184 -34.82 3.70 10.98
CA ALA A 184 -33.99 4.03 9.82
C ALA A 184 -33.69 5.53 9.86
N LEU A 185 -32.45 5.90 9.61
CA LEU A 185 -32.07 7.31 9.34
C LEU A 185 -32.03 7.42 7.81
N VAL A 186 -32.82 8.35 7.27
CA VAL A 186 -32.93 8.64 5.81
C VAL A 186 -32.03 9.85 5.54
N LEU A 187 -30.80 9.58 5.10
CA LEU A 187 -29.72 10.61 4.95
C LEU A 187 -29.95 11.42 3.67
N GLY A 188 -29.68 12.71 3.72
CA GLY A 188 -29.34 13.52 2.54
C GLY A 188 -27.88 13.30 2.18
N VAL A 189 -27.14 14.40 2.01
CA VAL A 189 -25.69 14.33 1.63
C VAL A 189 -24.87 14.99 2.74
N PHE A 190 -23.67 14.45 2.97
CA PHE A 190 -22.79 14.87 4.10
C PHE A 190 -21.40 15.28 3.57
N GLY A 191 -20.86 16.38 4.09
CA GLY A 191 -19.50 16.88 3.79
C GLY A 191 -18.47 16.40 4.81
N GLY A 192 -18.00 17.30 5.67
CA GLY A 192 -16.85 17.04 6.56
C GLY A 192 -15.55 17.47 5.90
N ARG A 193 -14.48 16.70 6.09
CA ARG A 193 -13.08 17.09 5.73
C ARG A 193 -12.76 16.75 4.27
N GLY A 194 -13.54 15.88 3.64
CA GLY A 194 -13.22 15.34 2.30
C GLY A 194 -13.58 13.87 2.22
N ARG A 195 -13.02 13.14 1.26
CA ARG A 195 -13.36 11.70 1.02
C ARG A 195 -13.21 10.88 2.31
N GLU A 196 -12.38 11.33 3.26
CA GLU A 196 -12.15 10.65 4.56
C GLU A 196 -13.48 10.51 5.31
N ASP A 197 -14.25 11.60 5.40
CA ASP A 197 -15.47 11.71 6.25
C ASP A 197 -16.73 11.31 5.48
N SER A 198 -16.73 11.32 4.13
CA SER A 198 -17.96 11.15 3.30
C SER A 198 -17.67 10.58 1.91
N SER A 199 -18.55 9.66 1.46
CA SER A 199 -18.62 9.14 0.08
C SER A 199 -19.43 10.10 -0.81
N PHE A 200 -19.88 11.25 -0.28
CA PHE A 200 -20.40 12.35 -1.13
C PHE A 200 -19.30 12.79 -2.09
N TYR A 201 -18.01 12.70 -1.68
CA TYR A 201 -16.87 13.28 -2.42
C TYR A 201 -16.49 12.38 -3.60
N ASP A 202 -17.03 11.16 -3.69
CA ASP A 202 -16.93 10.32 -4.90
C ASP A 202 -17.78 10.89 -6.02
N VAL A 203 -18.63 11.89 -5.76
CA VAL A 203 -19.50 12.54 -6.78
C VAL A 203 -18.75 13.75 -7.34
N ALA A 204 -18.76 13.89 -8.67
CA ALA A 204 -18.06 14.97 -9.41
C ALA A 204 -18.54 16.33 -8.87
N GLU A 205 -17.62 17.28 -8.69
CA GLU A 205 -17.84 18.59 -7.99
C GLU A 205 -18.98 19.38 -8.63
N PRO A 206 -19.12 19.41 -9.98
CA PRO A 206 -20.30 20.02 -10.59
C PRO A 206 -21.62 19.44 -10.06
N PHE A 207 -21.73 18.11 -9.94
CA PHE A 207 -22.98 17.40 -9.53
C PHE A 207 -23.26 17.69 -8.05
N ARG A 208 -22.21 17.69 -7.23
CA ARG A 208 -22.28 18.00 -5.77
C ARG A 208 -22.84 19.42 -5.54
N GLU A 209 -22.51 20.39 -6.38
CA GLU A 209 -22.98 21.78 -6.20
C GLU A 209 -24.47 21.87 -6.53
N ARG A 210 -24.94 21.15 -7.55
CA ARG A 210 -26.38 21.11 -7.95
C ARG A 210 -27.17 20.45 -6.81
N ILE A 211 -26.68 19.33 -6.27
CA ILE A 211 -27.29 18.59 -5.13
C ILE A 211 -27.36 19.52 -3.91
N ILE A 212 -26.25 20.16 -3.53
CA ILE A 212 -26.18 21.10 -2.38
C ILE A 212 -27.22 22.21 -2.58
N LYS A 213 -27.35 22.77 -3.79
CA LYS A 213 -28.24 23.94 -3.96
C LYS A 213 -29.71 23.48 -3.83
N ARG A 214 -29.98 22.17 -3.92
CA ARG A 214 -31.33 21.58 -3.77
C ARG A 214 -31.62 21.08 -2.34
N THR A 215 -30.69 21.30 -1.39
CA THR A 215 -30.94 21.30 0.07
C THR A 215 -31.48 22.67 0.46
N ALA A 216 -32.49 22.73 1.33
CA ALA A 216 -33.06 24.00 1.86
C ALA A 216 -31.97 24.75 2.63
N MET A 217 -31.01 24.05 3.27
CA MET A 217 -29.95 24.70 4.09
C MET A 217 -28.74 25.10 3.23
N ARG A 218 -28.71 24.67 1.96
CA ARG A 218 -27.68 25.07 0.96
C ARG A 218 -26.29 24.68 1.50
N ARG A 219 -26.15 23.47 2.03
CA ARG A 219 -24.86 22.93 2.55
C ARG A 219 -25.06 21.45 2.82
N PRO A 220 -24.02 20.61 2.65
CA PRO A 220 -24.10 19.22 3.07
C PRO A 220 -24.17 19.22 4.60
N GLY A 221 -24.53 18.09 5.22
CA GLY A 221 -24.50 17.97 6.68
C GLY A 221 -23.08 17.72 7.17
N ASP A 222 -22.72 18.27 8.33
CA ASP A 222 -21.53 17.84 9.11
C ASP A 222 -21.81 16.41 9.58
N PRO A 223 -20.89 15.45 9.47
CA PRO A 223 -21.16 14.07 9.91
C PRO A 223 -21.75 14.01 11.32
N LYS A 224 -21.35 14.93 12.20
CA LYS A 224 -21.80 15.02 13.60
C LYS A 224 -23.31 15.27 13.65
N GLU A 225 -23.83 16.12 12.77
CA GLU A 225 -25.28 16.47 12.69
C GLU A 225 -26.12 15.20 12.45
N LEU A 226 -25.55 14.17 11.83
CA LEU A 226 -26.19 12.84 11.68
C LEU A 226 -25.90 11.95 12.89
N SER A 227 -24.64 11.87 13.33
CA SER A 227 -24.21 11.00 14.45
C SER A 227 -24.98 11.38 15.72
N ASN A 228 -25.29 12.67 15.90
CA ASN A 228 -25.99 13.17 17.12
C ASN A 228 -27.44 12.68 17.11
N VAL A 229 -28.08 12.60 15.95
CA VAL A 229 -29.47 12.08 15.83
C VAL A 229 -29.37 10.60 16.18
N LEU A 230 -28.36 9.90 15.65
CA LEU A 230 -28.16 8.44 15.83
C LEU A 230 -27.94 8.13 17.32
N ALA A 231 -27.14 8.97 17.98
CA ALA A 231 -26.82 8.87 19.43
C ALA A 231 -28.10 8.98 20.25
N PHE A 232 -28.97 9.96 19.95
CA PHE A 232 -30.25 10.16 20.68
C PHE A 232 -31.17 8.92 20.53
N LEU A 233 -31.24 8.34 19.33
CA LEU A 233 -32.10 7.16 19.06
C LEU A 233 -31.57 5.96 19.86
N ALA A 234 -30.24 5.91 20.04
CA ALA A 234 -29.52 4.86 20.80
C ALA A 234 -29.73 5.02 22.32
N SER A 235 -30.16 6.19 22.80
CA SER A 235 -30.36 6.45 24.25
C SER A 235 -31.64 5.75 24.73
N ASP A 236 -31.76 5.60 26.06
CA ASP A 236 -32.91 4.97 26.75
C ASP A 236 -34.16 5.83 26.52
N GLU A 237 -33.97 7.14 26.35
CA GLU A 237 -35.04 8.17 26.23
C GLU A 237 -35.82 8.02 24.91
N ALA A 238 -35.27 7.33 23.90
CA ALA A 238 -35.87 7.16 22.54
C ALA A 238 -36.71 5.87 22.50
N SER A 239 -37.31 5.49 23.63
CA SER A 239 -37.85 4.13 23.90
C SER A 239 -39.22 3.97 23.23
N TYR A 240 -39.89 5.08 22.91
CA TYR A 240 -41.24 5.09 22.26
C TYR A 240 -41.14 5.43 20.76
N VAL A 241 -39.93 5.53 20.22
CA VAL A 241 -39.63 5.78 18.77
C VAL A 241 -39.19 4.44 18.17
N THR A 242 -40.04 3.79 17.38
CA THR A 242 -39.62 2.54 16.71
C THR A 242 -40.24 2.45 15.31
N GLY A 243 -39.52 1.84 14.37
CA GLY A 243 -40.01 1.58 13.01
C GLY A 243 -40.17 2.85 12.19
N ASP A 244 -39.62 3.99 12.64
CA ASP A 244 -39.70 5.25 11.86
C ASP A 244 -38.54 5.34 10.87
N ALA A 245 -38.79 6.10 9.81
CA ALA A 245 -37.83 6.55 8.78
C ALA A 245 -37.62 8.04 9.06
N ILE A 246 -36.56 8.39 9.79
CA ILE A 246 -36.30 9.80 10.22
C ILE A 246 -35.30 10.41 9.23
N VAL A 247 -35.70 11.54 8.62
CA VAL A 247 -34.90 12.19 7.55
C VAL A 247 -33.89 13.12 8.22
N VAL A 248 -32.61 12.90 7.93
CA VAL A 248 -31.52 13.85 8.28
C VAL A 248 -30.87 14.35 6.98
N GLY A 249 -31.35 15.45 6.42
CA GLY A 249 -30.98 15.85 5.04
C GLY A 249 -31.16 17.32 4.71
N GLY A 250 -31.30 18.20 5.69
CA GLY A 250 -31.24 19.65 5.49
C GLY A 250 -32.24 20.14 4.45
N GLY A 251 -33.36 19.45 4.32
CA GLY A 251 -34.47 19.88 3.43
C GLY A 251 -34.28 19.40 2.02
N ILE A 252 -33.34 18.48 1.77
CA ILE A 252 -33.08 17.91 0.41
C ILE A 252 -34.36 17.25 -0.12
N ASP A 253 -35.24 16.77 0.78
CA ASP A 253 -36.49 16.05 0.41
C ASP A 253 -37.67 17.03 0.29
N LEU A 254 -37.48 18.31 0.57
CA LEU A 254 -38.56 19.32 0.41
C LEU A 254 -38.49 19.92 -1.00
N PHE A 255 -39.53 20.65 -1.40
CA PHE A 255 -39.67 21.30 -2.72
C PHE A 255 -38.85 22.61 -2.71
N THR A 256 -37.52 22.46 -2.75
CA THR A 256 -36.47 23.50 -2.60
C THR A 256 -36.43 24.42 -3.84
N SER B 2 -57.82 1.49 -24.87
CA SER B 2 -57.47 0.16 -25.29
C SER B 2 -55.95 0.02 -25.20
N LEU B 3 -55.52 -1.22 -25.00
CA LEU B 3 -54.12 -1.66 -25.03
C LEU B 3 -53.90 -2.41 -26.35
N GLN B 4 -54.78 -2.21 -27.34
CA GLN B 4 -54.61 -2.79 -28.72
C GLN B 4 -53.23 -2.38 -29.25
N LYS B 5 -52.53 -3.32 -29.88
CA LYS B 5 -51.19 -3.14 -30.51
C LYS B 5 -50.09 -3.02 -29.45
N ARG B 6 -50.40 -3.33 -28.18
CA ARG B 6 -49.38 -3.37 -27.11
C ARG B 6 -49.13 -4.82 -26.75
N VAL B 7 -47.90 -5.11 -26.35
CA VAL B 7 -47.51 -6.48 -25.91
C VAL B 7 -47.20 -6.38 -24.41
N ALA B 8 -47.80 -7.25 -23.59
CA ALA B 8 -47.60 -7.33 -22.13
C ALA B 8 -46.88 -8.63 -21.78
N LEU B 9 -45.90 -8.54 -20.87
CA LEU B 9 -45.27 -9.66 -20.11
C LEU B 9 -45.69 -9.54 -18.63
N VAL B 10 -46.44 -10.52 -18.14
CA VAL B 10 -46.78 -10.65 -16.70
C VAL B 10 -45.95 -11.82 -16.13
N THR B 11 -44.94 -11.53 -15.33
CA THR B 11 -44.15 -12.57 -14.59
C THR B 11 -45.06 -13.14 -13.52
N GLY B 12 -45.05 -14.46 -13.32
CA GLY B 12 -45.92 -15.16 -12.35
C GLY B 12 -47.33 -15.22 -12.89
N GLY B 13 -47.45 -15.31 -14.21
CA GLY B 13 -48.74 -15.27 -14.94
C GLY B 13 -49.46 -16.59 -14.89
N SER B 14 -48.79 -17.62 -14.36
CA SER B 14 -49.22 -19.04 -14.39
C SER B 14 -50.45 -19.27 -13.49
N GLY B 15 -50.64 -18.43 -12.48
CA GLY B 15 -51.86 -18.49 -11.66
C GLY B 15 -51.89 -17.35 -10.65
N GLY B 16 -52.81 -17.42 -9.70
CA GLY B 16 -52.98 -16.38 -8.67
C GLY B 16 -53.47 -15.07 -9.29
N LEU B 17 -52.92 -13.94 -8.83
CA LEU B 17 -53.31 -12.58 -9.27
C LEU B 17 -52.72 -12.34 -10.66
N GLY B 18 -51.50 -12.86 -10.91
CA GLY B 18 -50.77 -12.67 -12.17
C GLY B 18 -51.57 -13.12 -13.37
N ARG B 19 -52.34 -14.20 -13.19
CA ARG B 19 -53.25 -14.76 -14.22
C ARG B 19 -54.34 -13.74 -14.51
N VAL B 20 -54.92 -13.15 -13.47
CA VAL B 20 -56.06 -12.21 -13.66
C VAL B 20 -55.50 -10.91 -14.26
N HIS B 21 -54.26 -10.56 -13.96
CA HIS B 21 -53.55 -9.43 -14.61
C HIS B 21 -53.47 -9.68 -16.13
N ALA B 22 -52.93 -10.84 -16.53
CA ALA B 22 -52.83 -11.27 -17.94
C ALA B 22 -54.22 -11.17 -18.59
N LEU B 23 -55.25 -11.80 -18.02
CA LEU B 23 -56.58 -11.85 -18.67
C LEU B 23 -57.15 -10.43 -18.77
N THR B 24 -56.88 -9.59 -17.77
CA THR B 24 -57.43 -8.21 -17.75
C THR B 24 -56.73 -7.43 -18.85
N LEU B 25 -55.40 -7.54 -18.96
CA LEU B 25 -54.62 -6.83 -20.02
C LEU B 25 -55.13 -7.31 -21.40
N ALA B 26 -55.32 -8.62 -21.58
CA ALA B 26 -55.91 -9.26 -22.78
C ALA B 26 -57.27 -8.66 -23.08
N GLN B 27 -58.18 -8.64 -22.10
CA GLN B 27 -59.57 -8.15 -22.30
C GLN B 27 -59.54 -6.71 -22.81
N ASN B 28 -58.55 -5.93 -22.39
CA ASN B 28 -58.42 -4.49 -22.72
C ASN B 28 -57.68 -4.32 -24.05
N GLY B 29 -57.20 -5.40 -24.69
CA GLY B 29 -56.72 -5.35 -26.09
C GLY B 29 -55.28 -5.83 -26.27
N ALA B 30 -54.52 -5.99 -25.19
CA ALA B 30 -53.09 -6.38 -25.23
C ALA B 30 -52.96 -7.82 -25.74
N ASP B 31 -51.91 -8.09 -26.51
CA ASP B 31 -51.34 -9.45 -26.67
C ASP B 31 -50.40 -9.64 -25.48
N VAL B 32 -50.46 -10.80 -24.84
CA VAL B 32 -49.88 -11.03 -23.48
C VAL B 32 -48.98 -12.27 -23.51
N ALA B 33 -47.77 -12.12 -22.99
CA ALA B 33 -46.91 -13.24 -22.55
C ALA B 33 -47.08 -13.44 -21.04
N VAL B 34 -47.10 -14.70 -20.60
CA VAL B 34 -47.08 -15.06 -19.15
C VAL B 34 -45.85 -15.94 -18.96
N THR B 35 -45.16 -15.81 -17.82
CA THR B 35 -44.11 -16.77 -17.41
C THR B 35 -44.73 -17.89 -16.56
N GLY B 36 -44.07 -19.05 -16.62
CA GLY B 36 -44.17 -20.14 -15.65
C GLY B 36 -42.78 -20.53 -15.21
N ASN B 37 -42.63 -21.04 -13.99
CA ASN B 37 -41.33 -21.50 -13.43
C ASN B 37 -41.44 -23.00 -13.13
N ARG B 38 -42.25 -23.31 -12.13
CA ARG B 38 -42.56 -24.69 -11.66
C ARG B 38 -43.94 -25.09 -12.20
N ASN B 39 -44.57 -24.23 -13.01
CA ASN B 39 -45.94 -24.48 -13.56
C ASN B 39 -46.02 -24.01 -15.03
N ILE B 40 -45.03 -24.32 -15.86
CA ILE B 40 -45.05 -23.92 -17.30
C ILE B 40 -46.36 -24.38 -17.95
N ASP B 41 -46.97 -25.48 -17.45
CA ASP B 41 -48.25 -26.06 -17.96
C ASP B 41 -49.41 -25.13 -17.62
N LYS B 42 -49.44 -24.61 -16.40
CA LYS B 42 -50.47 -23.65 -15.93
C LYS B 42 -50.37 -22.37 -16.76
N ALA B 43 -49.14 -21.89 -17.01
CA ALA B 43 -48.84 -20.75 -17.94
C ALA B 43 -49.50 -21.00 -19.30
N GLU B 44 -49.19 -22.14 -19.95
CA GLU B 44 -49.73 -22.49 -21.29
C GLU B 44 -51.27 -22.41 -21.25
N SER B 45 -51.89 -22.88 -20.16
CA SER B 45 -53.37 -22.90 -19.98
C SER B 45 -53.94 -21.46 -19.94
N VAL B 46 -53.24 -20.55 -19.27
CA VAL B 46 -53.58 -19.10 -19.24
C VAL B 46 -53.45 -18.54 -20.67
N ALA B 47 -52.37 -18.86 -21.38
CA ALA B 47 -52.12 -18.45 -22.78
C ALA B 47 -53.32 -18.89 -23.64
N ASN B 48 -53.84 -20.09 -23.42
CA ASN B 48 -55.03 -20.59 -24.16
C ASN B 48 -56.28 -19.80 -23.73
N GLU B 49 -56.42 -19.41 -22.46
CA GLU B 49 -57.52 -18.49 -22.03
C GLU B 49 -57.40 -17.14 -22.75
N ILE B 50 -56.19 -16.62 -22.87
CA ILE B 50 -55.94 -15.34 -23.59
C ILE B 50 -56.31 -15.51 -25.07
N ARG B 51 -55.85 -16.59 -25.71
CA ARG B 51 -56.21 -16.93 -27.12
C ARG B 51 -57.73 -17.02 -27.26
N ALA B 52 -58.43 -17.69 -26.35
CA ALA B 52 -59.90 -17.80 -26.40
C ALA B 52 -60.58 -16.41 -26.33
N LEU B 53 -59.90 -15.38 -25.80
CA LEU B 53 -60.42 -13.96 -25.80
C LEU B 53 -60.16 -13.28 -27.16
N GLY B 54 -59.36 -13.90 -28.04
CA GLY B 54 -59.09 -13.41 -29.41
C GLY B 54 -57.79 -12.64 -29.50
N ARG B 55 -56.88 -12.84 -28.54
CA ARG B 55 -55.56 -12.16 -28.50
C ARG B 55 -54.46 -13.18 -28.76
N LYS B 56 -53.30 -12.70 -29.20
CA LYS B 56 -52.06 -13.51 -29.28
C LYS B 56 -51.54 -13.63 -27.84
N ALA B 57 -50.97 -14.78 -27.51
CA ALA B 57 -50.44 -15.12 -26.17
C ALA B 57 -49.18 -15.96 -26.34
N LEU B 58 -48.28 -15.93 -25.36
CA LEU B 58 -47.10 -16.84 -25.33
C LEU B 58 -46.77 -17.16 -23.87
N ALA B 59 -46.79 -18.44 -23.50
CA ALA B 59 -46.24 -18.94 -22.22
C ALA B 59 -44.75 -19.21 -22.44
N ILE B 60 -43.87 -18.62 -21.62
CA ILE B 60 -42.41 -18.89 -21.63
C ILE B 60 -42.03 -19.37 -20.23
N LYS B 61 -40.92 -20.09 -20.13
CA LYS B 61 -40.49 -20.72 -18.87
C LYS B 61 -39.30 -19.92 -18.36
N VAL B 62 -39.53 -19.16 -17.29
CA VAL B 62 -38.54 -18.20 -16.74
C VAL B 62 -38.58 -18.36 -15.22
N ASP B 63 -37.41 -18.63 -14.65
CA ASP B 63 -37.01 -18.26 -13.27
C ASP B 63 -36.46 -16.83 -13.37
N VAL B 64 -37.20 -15.85 -12.86
CA VAL B 64 -36.88 -14.39 -13.08
C VAL B 64 -35.56 -14.03 -12.41
N SER B 65 -35.09 -14.81 -11.43
CA SER B 65 -33.77 -14.62 -10.76
C SER B 65 -32.62 -14.87 -11.73
N ASN B 66 -32.88 -15.62 -12.81
CA ASN B 66 -31.85 -16.05 -13.81
C ASN B 66 -31.87 -15.14 -15.06
N GLU B 67 -30.88 -14.25 -15.20
CA GLU B 67 -30.80 -13.24 -16.28
C GLU B 67 -30.77 -13.92 -17.66
N ASP B 68 -30.14 -15.09 -17.80
CA ASP B 68 -30.08 -15.81 -19.10
C ASP B 68 -31.49 -16.22 -19.53
N GLU B 69 -32.29 -16.83 -18.63
CA GLU B 69 -33.68 -17.30 -18.90
C GLU B 69 -34.61 -16.10 -19.17
N VAL B 70 -34.41 -14.97 -18.48
CA VAL B 70 -35.26 -13.76 -18.66
C VAL B 70 -34.99 -13.21 -20.08
N ASN B 71 -33.71 -13.00 -20.40
CA ASN B 71 -33.23 -12.45 -21.70
C ASN B 71 -33.70 -13.33 -22.85
N GLU B 72 -33.53 -14.63 -22.72
CA GLU B 72 -34.00 -15.61 -23.72
C GLU B 72 -35.52 -15.48 -23.84
N GLY B 73 -36.23 -15.43 -22.71
CA GLY B 73 -37.71 -15.30 -22.69
C GLY B 73 -38.21 -14.04 -23.39
N VAL B 74 -37.63 -12.87 -23.10
CA VAL B 74 -38.05 -11.55 -23.67
C VAL B 74 -37.76 -11.56 -25.19
N GLU B 75 -36.57 -12.04 -25.59
CA GLU B 75 -36.16 -12.20 -27.01
C GLU B 75 -37.16 -13.12 -27.73
N LYS B 76 -37.59 -14.20 -27.08
CA LYS B 76 -38.66 -15.08 -27.62
C LYS B 76 -39.94 -14.26 -27.82
N ILE B 77 -40.36 -13.44 -26.85
CA ILE B 77 -41.63 -12.65 -26.94
C ILE B 77 -41.51 -11.73 -28.15
N LYS B 78 -40.36 -11.05 -28.28
CA LYS B 78 -40.05 -10.04 -29.33
C LYS B 78 -40.18 -10.66 -30.73
N LYS B 79 -39.71 -11.90 -30.90
CA LYS B 79 -39.80 -12.62 -32.20
C LYS B 79 -41.27 -12.95 -32.48
N GLU B 80 -41.99 -13.46 -31.49
CA GLU B 80 -43.35 -14.05 -31.65
C GLU B 80 -44.42 -12.94 -31.64
N LEU B 81 -44.32 -11.96 -30.73
CA LEU B 81 -45.40 -10.97 -30.48
C LEU B 81 -44.93 -9.57 -30.87
N GLY B 82 -43.67 -9.24 -30.57
CA GLY B 82 -43.10 -7.89 -30.64
C GLY B 82 -42.55 -7.49 -29.30
N SER B 83 -41.69 -6.47 -29.24
CA SER B 83 -41.00 -6.08 -27.98
C SER B 83 -42.07 -5.82 -26.91
N VAL B 84 -41.73 -6.13 -25.66
CA VAL B 84 -42.62 -5.88 -24.47
C VAL B 84 -42.85 -4.37 -24.33
N ASP B 85 -44.10 -3.89 -24.37
CA ASP B 85 -44.51 -2.49 -24.08
C ASP B 85 -44.88 -2.35 -22.58
N ILE B 86 -45.51 -3.37 -22.02
CA ILE B 86 -46.09 -3.40 -20.65
C ILE B 86 -45.43 -4.54 -19.87
N LEU B 87 -44.62 -4.24 -18.85
CA LEU B 87 -44.01 -5.24 -17.92
C LEU B 87 -44.72 -5.22 -16.56
N VAL B 88 -45.25 -6.37 -16.12
CA VAL B 88 -45.75 -6.56 -14.73
C VAL B 88 -44.83 -7.52 -13.98
N ASN B 89 -44.09 -6.99 -12.99
CA ASN B 89 -43.22 -7.79 -12.08
C ASN B 89 -44.10 -8.28 -10.93
N ASN B 90 -44.82 -9.38 -11.17
CA ASN B 90 -45.84 -9.97 -10.28
C ASN B 90 -45.24 -11.20 -9.58
N ALA B 91 -44.26 -11.87 -10.19
CA ALA B 91 -43.57 -13.05 -9.60
C ALA B 91 -42.94 -12.65 -8.27
N ALA B 92 -43.14 -13.49 -7.26
CA ALA B 92 -42.67 -13.29 -5.87
C ALA B 92 -42.38 -14.63 -5.21
N SER B 93 -41.33 -14.65 -4.39
CA SER B 93 -40.98 -15.74 -3.44
C SER B 93 -41.17 -15.23 -2.00
N GLY B 94 -41.55 -16.14 -1.10
CA GLY B 94 -41.58 -15.86 0.35
C GLY B 94 -42.76 -14.97 0.71
N ILE B 95 -43.89 -15.16 0.04
CA ILE B 95 -45.09 -14.30 0.21
C ILE B 95 -45.61 -14.48 1.64
N VAL B 96 -45.71 -15.72 2.10
CA VAL B 96 -46.34 -16.05 3.42
C VAL B 96 -45.33 -16.86 4.26
N ARG B 97 -44.15 -16.30 4.53
CA ARG B 97 -43.24 -16.77 5.59
C ARG B 97 -43.82 -16.26 6.92
N ALA B 98 -43.52 -16.97 8.00
CA ALA B 98 -43.99 -16.65 9.35
C ALA B 98 -42.88 -17.03 10.33
N THR B 99 -41.74 -16.36 10.24
CA THR B 99 -40.50 -16.69 11.00
C THR B 99 -39.83 -15.40 11.45
N LEU B 100 -39.63 -15.23 12.76
CA LEU B 100 -38.77 -14.17 13.33
C LEU B 100 -37.44 -14.15 12.55
N ILE B 101 -36.85 -12.97 12.41
CA ILE B 101 -35.60 -12.72 11.64
C ILE B 101 -34.48 -13.66 12.10
N GLU B 102 -34.31 -13.85 13.40
CA GLU B 102 -33.15 -14.61 13.97
C GLU B 102 -33.32 -16.12 13.73
N LYS B 103 -34.54 -16.60 13.50
CA LYS B 103 -34.84 -18.01 13.10
C LYS B 103 -34.98 -18.13 11.58
N THR B 104 -34.98 -17.01 10.84
CA THR B 104 -35.10 -17.00 9.35
C THR B 104 -33.81 -17.55 8.74
N ALA B 105 -33.93 -18.55 7.86
CA ALA B 105 -32.78 -19.21 7.19
C ALA B 105 -32.28 -18.28 6.07
N LYS B 106 -30.96 -18.10 6.01
CA LYS B 106 -30.23 -17.20 5.08
C LYS B 106 -30.56 -17.58 3.63
N GLU B 107 -30.78 -18.87 3.36
CA GLU B 107 -31.04 -19.36 1.98
C GLU B 107 -32.49 -19.08 1.58
N ASP B 108 -33.42 -18.96 2.54
CA ASP B 108 -34.81 -18.49 2.27
C ASP B 108 -34.74 -16.98 1.97
N TRP B 109 -34.11 -16.21 2.85
CA TRP B 109 -33.86 -14.75 2.63
C TRP B 109 -33.29 -14.55 1.23
N ASP B 110 -32.20 -15.26 0.90
CA ASP B 110 -31.43 -15.09 -0.35
C ASP B 110 -32.34 -15.35 -1.56
N GLN B 111 -33.22 -16.36 -1.49
CA GLN B 111 -34.09 -16.72 -2.63
C GLN B 111 -35.13 -15.60 -2.84
N ASP B 112 -35.73 -15.15 -1.74
CA ASP B 112 -36.77 -14.08 -1.71
C ASP B 112 -36.19 -12.85 -2.41
N LEU B 113 -34.94 -12.50 -2.11
CA LEU B 113 -34.27 -11.30 -2.69
C LEU B 113 -33.99 -11.53 -4.18
N ARG B 114 -33.59 -12.73 -4.60
CA ARG B 114 -33.26 -13.07 -6.02
C ARG B 114 -34.54 -12.98 -6.87
N VAL B 115 -35.63 -13.56 -6.39
CA VAL B 115 -36.94 -13.57 -7.11
C VAL B 115 -37.53 -12.16 -7.09
N ASN B 116 -37.69 -11.56 -5.90
CA ASN B 116 -38.57 -10.37 -5.67
C ASN B 116 -37.88 -9.09 -6.12
N LEU B 117 -36.58 -8.93 -5.87
CA LEU B 117 -35.81 -7.75 -6.34
C LEU B 117 -35.10 -8.05 -7.67
N THR B 118 -34.16 -9.00 -7.69
CA THR B 118 -33.30 -9.27 -8.88
C THR B 118 -34.16 -9.75 -10.06
N GLY B 119 -35.25 -10.46 -9.79
CA GLY B 119 -36.27 -10.80 -10.80
C GLY B 119 -36.75 -9.54 -11.53
N ALA B 120 -37.10 -8.50 -10.78
CA ALA B 120 -37.64 -7.23 -11.33
C ALA B 120 -36.53 -6.51 -12.08
N PHE B 121 -35.35 -6.38 -11.47
CA PHE B 121 -34.12 -5.84 -12.10
C PHE B 121 -33.82 -6.56 -13.45
N ASN B 122 -33.77 -7.90 -13.46
CA ASN B 122 -33.53 -8.68 -14.71
C ASN B 122 -34.56 -8.29 -15.79
N CYS B 123 -35.85 -8.48 -15.50
CA CYS B 123 -36.96 -8.22 -16.44
C CYS B 123 -36.93 -6.76 -16.92
N ILE B 124 -36.64 -5.79 -16.05
CA ILE B 124 -36.67 -4.36 -16.46
C ILE B 124 -35.51 -4.11 -17.43
N LYS B 125 -34.33 -4.60 -17.07
CA LYS B 125 -33.09 -4.49 -17.89
C LYS B 125 -33.39 -5.08 -19.29
N ALA B 126 -34.06 -6.24 -19.36
CA ALA B 126 -34.38 -6.95 -20.63
C ALA B 126 -35.30 -6.10 -21.53
N VAL B 127 -36.32 -5.42 -21.00
CA VAL B 127 -37.42 -4.83 -21.83
C VAL B 127 -37.17 -3.34 -22.11
N ILE B 128 -36.39 -2.64 -21.28
CA ILE B 128 -36.41 -1.15 -21.29
C ILE B 128 -35.67 -0.59 -22.52
N PRO B 129 -34.61 -1.24 -23.05
CA PRO B 129 -33.95 -0.73 -24.24
C PRO B 129 -34.92 -0.57 -25.43
N ASP B 130 -35.78 -1.56 -25.68
CA ASP B 130 -36.79 -1.50 -26.77
C ASP B 130 -37.90 -0.50 -26.41
N MET B 131 -38.27 -0.36 -25.13
CA MET B 131 -39.25 0.68 -24.70
C MET B 131 -38.67 2.07 -25.03
N LYS B 132 -37.41 2.32 -24.69
CA LYS B 132 -36.75 3.63 -24.95
C LYS B 132 -36.74 3.89 -26.47
N LYS B 133 -36.24 2.92 -27.24
CA LYS B 133 -36.16 2.96 -28.72
C LYS B 133 -37.55 3.31 -29.28
N ASN B 134 -38.61 2.81 -28.65
CA ASN B 134 -40.00 2.97 -29.13
C ASN B 134 -40.67 4.21 -28.48
N ASN B 135 -39.99 4.86 -27.54
CA ASN B 135 -40.51 6.06 -26.81
C ASN B 135 -41.89 5.76 -26.19
N TRP B 136 -42.09 4.56 -25.66
CA TRP B 136 -43.31 4.21 -24.89
C TRP B 136 -43.02 3.00 -24.01
N GLY B 137 -43.54 2.99 -22.79
CA GLY B 137 -43.32 1.92 -21.80
C GLY B 137 -44.19 2.10 -20.57
N ARG B 138 -44.67 0.99 -20.02
CA ARG B 138 -45.35 0.88 -18.73
C ARG B 138 -44.68 -0.26 -17.96
N ILE B 139 -44.07 0.05 -16.81
CA ILE B 139 -43.55 -0.97 -15.88
C ILE B 139 -44.35 -0.84 -14.57
N ILE B 140 -44.98 -1.94 -14.14
CA ILE B 140 -45.77 -1.98 -12.89
C ILE B 140 -45.11 -3.01 -11.96
N ASN B 141 -44.66 -2.54 -10.80
CA ASN B 141 -44.02 -3.36 -9.76
C ASN B 141 -45.08 -3.64 -8.69
N ILE B 142 -45.05 -4.84 -8.12
CA ILE B 142 -46.06 -5.31 -7.14
C ILE B 142 -45.44 -5.29 -5.73
N SER B 143 -45.86 -4.32 -4.92
CA SER B 143 -45.46 -4.16 -3.51
C SER B 143 -46.59 -4.62 -2.60
N SER B 144 -46.47 -4.32 -1.31
CA SER B 144 -47.40 -4.78 -0.26
C SER B 144 -47.36 -3.79 0.90
N VAL B 145 -48.47 -3.65 1.61
CA VAL B 145 -48.54 -2.78 2.81
C VAL B 145 -47.58 -3.37 3.84
N THR B 146 -47.25 -4.67 3.73
CA THR B 146 -46.20 -5.30 4.55
C THR B 146 -44.88 -4.56 4.34
N GLY B 147 -44.59 -4.12 3.12
CA GLY B 147 -43.41 -3.30 2.78
C GLY B 147 -43.42 -1.90 3.40
N THR B 148 -44.58 -1.25 3.55
CA THR B 148 -44.68 0.16 4.02
C THR B 148 -45.02 0.23 5.52
N MET B 149 -45.55 -0.84 6.09
CA MET B 149 -46.06 -0.87 7.49
C MET B 149 -45.41 -1.98 8.31
N GLY B 150 -44.66 -2.85 7.66
CA GLY B 150 -43.95 -3.96 8.33
C GLY B 150 -44.87 -5.14 8.47
N GLY B 151 -44.30 -6.29 8.76
CA GLY B 151 -45.04 -7.52 9.04
C GLY B 151 -44.17 -8.45 9.87
N SER B 152 -44.64 -8.72 11.09
CA SER B 152 -43.99 -9.65 12.03
C SER B 152 -43.76 -10.98 11.32
N GLY B 153 -42.52 -11.48 11.34
CA GLY B 153 -42.17 -12.83 10.82
C GLY B 153 -41.95 -12.86 9.32
N GLN B 154 -41.87 -11.70 8.69
CA GLN B 154 -41.81 -11.56 7.22
C GLN B 154 -40.71 -10.58 6.82
N CYS B 155 -39.52 -10.77 7.35
CA CYS B 155 -38.39 -9.83 7.16
C CYS B 155 -38.06 -9.72 5.67
N SER B 156 -38.00 -10.82 4.92
CA SER B 156 -37.63 -10.80 3.46
C SER B 156 -38.75 -10.11 2.67
N TYR B 157 -40.01 -10.45 2.94
CA TYR B 157 -41.16 -9.88 2.20
C TYR B 157 -41.26 -8.38 2.44
N ALA B 158 -41.16 -7.93 3.71
CA ALA B 158 -41.21 -6.50 4.05
C ALA B 158 -40.03 -5.78 3.38
N THR B 159 -38.85 -6.42 3.35
CA THR B 159 -37.62 -5.82 2.75
C THR B 159 -37.81 -5.72 1.23
N THR B 160 -38.20 -6.79 0.57
CA THR B 160 -38.23 -6.85 -0.92
C THR B 160 -39.36 -5.94 -1.43
N LYS B 161 -40.52 -5.95 -0.75
CA LYS B 161 -41.72 -5.20 -1.19
C LYS B 161 -41.48 -3.70 -1.01
N ALA B 162 -40.71 -3.31 0.00
CA ALA B 162 -40.31 -1.90 0.23
C ALA B 162 -39.21 -1.55 -0.78
N GLY B 163 -38.32 -2.51 -1.04
CA GLY B 163 -37.21 -2.27 -1.98
C GLY B 163 -37.71 -1.93 -3.36
N LEU B 164 -38.79 -2.59 -3.77
CA LEU B 164 -39.45 -2.41 -5.08
C LEU B 164 -39.97 -0.97 -5.25
N ILE B 165 -40.30 -0.27 -4.18
CA ILE B 165 -40.73 1.16 -4.29
C ILE B 165 -39.52 2.04 -4.67
N GLY B 166 -38.34 1.75 -4.12
CA GLY B 166 -37.10 2.47 -4.45
C GLY B 166 -36.75 2.25 -5.91
N LEU B 167 -36.86 0.99 -6.35
CA LEU B 167 -36.52 0.55 -7.72
C LEU B 167 -37.43 1.28 -8.70
N THR B 168 -38.71 1.35 -8.35
CA THR B 168 -39.79 2.01 -9.10
C THR B 168 -39.40 3.46 -9.37
N LYS B 169 -38.87 4.16 -8.36
CA LYS B 169 -38.65 5.63 -8.44
C LYS B 169 -37.40 5.93 -9.27
N THR B 170 -36.34 5.13 -9.14
CA THR B 170 -35.14 5.24 -9.98
C THR B 170 -35.53 4.99 -11.44
N VAL B 171 -36.24 3.88 -11.71
CA VAL B 171 -36.63 3.52 -13.11
C VAL B 171 -37.61 4.57 -13.66
N ALA B 172 -38.45 5.17 -12.84
CA ALA B 172 -39.35 6.24 -13.31
C ALA B 172 -38.49 7.41 -13.80
N LEU B 173 -37.41 7.71 -13.08
CA LEU B 173 -36.46 8.81 -13.46
C LEU B 173 -35.75 8.49 -14.78
N GLU B 174 -35.18 7.29 -14.96
CA GLU B 174 -34.45 6.90 -16.19
C GLU B 174 -35.41 6.85 -17.40
N GLY B 175 -36.71 6.55 -17.19
CA GLY B 175 -37.65 6.28 -18.29
C GLY B 175 -38.50 7.47 -18.70
N ALA B 176 -38.53 8.52 -17.88
CA ALA B 176 -39.50 9.64 -17.95
C ALA B 176 -39.49 10.25 -19.35
N ARG B 177 -38.30 10.56 -19.86
CA ARG B 177 -38.15 11.31 -21.14
C ARG B 177 -38.39 10.38 -22.34
N TYR B 178 -38.77 9.12 -22.12
CA TYR B 178 -39.13 8.11 -23.15
C TYR B 178 -40.62 7.75 -23.13
N ASN B 179 -41.47 8.48 -22.41
CA ASN B 179 -42.87 8.09 -22.08
C ASN B 179 -42.86 6.66 -21.55
N ILE B 180 -41.83 6.27 -20.80
CA ILE B 180 -41.84 5.04 -19.96
C ILE B 180 -42.22 5.46 -18.53
N THR B 181 -43.41 5.11 -18.06
CA THR B 181 -43.80 5.25 -16.62
C THR B 181 -43.41 3.98 -15.87
N CYS B 182 -43.10 4.11 -14.58
CA CYS B 182 -42.86 3.01 -13.63
C CYS B 182 -43.56 3.34 -12.30
N ASN B 183 -44.47 2.47 -11.88
CA ASN B 183 -45.30 2.63 -10.67
C ASN B 183 -45.36 1.32 -9.90
N ALA B 184 -45.57 1.42 -8.59
CA ALA B 184 -45.76 0.28 -7.67
C ALA B 184 -47.20 0.24 -7.20
N LEU B 185 -47.84 -0.91 -7.31
CA LEU B 185 -49.14 -1.15 -6.64
C LEU B 185 -48.81 -1.68 -5.24
N VAL B 186 -49.26 -0.99 -4.19
CA VAL B 186 -49.05 -1.42 -2.78
C VAL B 186 -50.31 -2.19 -2.35
N LEU B 187 -50.25 -3.52 -2.42
CA LEU B 187 -51.43 -4.41 -2.28
C LEU B 187 -51.81 -4.59 -0.80
N GLY B 188 -53.10 -4.61 -0.53
CA GLY B 188 -53.66 -5.14 0.73
C GLY B 188 -53.73 -6.66 0.66
N VAL B 189 -54.92 -7.23 0.79
CA VAL B 189 -55.13 -8.70 0.69
C VAL B 189 -56.26 -8.95 -0.31
N PHE B 190 -56.12 -10.03 -1.11
CA PHE B 190 -57.06 -10.44 -2.17
C PHE B 190 -57.60 -11.84 -1.92
N GLY B 191 -58.91 -11.99 -2.15
CA GLY B 191 -59.64 -13.27 -2.10
C GLY B 191 -59.69 -13.87 -3.48
N GLY B 192 -60.89 -14.00 -4.05
CA GLY B 192 -61.15 -14.79 -5.26
C GLY B 192 -61.63 -16.18 -4.88
N ARG B 193 -61.59 -17.12 -5.83
CA ARG B 193 -62.23 -18.46 -5.68
C ARG B 193 -61.52 -19.27 -4.58
N GLY B 194 -60.23 -19.03 -4.34
CA GLY B 194 -59.42 -19.78 -3.36
C GLY B 194 -57.95 -19.69 -3.70
N ARG B 195 -57.16 -20.68 -3.31
CA ARG B 195 -55.68 -20.66 -3.42
C ARG B 195 -55.25 -20.44 -4.88
N GLU B 196 -55.98 -21.00 -5.85
CA GLU B 196 -55.69 -20.83 -7.30
C GLU B 196 -55.66 -19.33 -7.65
N ASP B 197 -56.46 -18.51 -6.97
CA ASP B 197 -56.63 -17.06 -7.26
C ASP B 197 -55.70 -16.18 -6.42
N SER B 198 -55.21 -16.64 -5.26
CA SER B 198 -54.58 -15.74 -4.24
C SER B 198 -53.81 -16.53 -3.19
N SER B 199 -52.57 -16.11 -2.91
CA SER B 199 -51.68 -16.60 -1.84
C SER B 199 -52.27 -16.28 -0.45
N PHE B 200 -53.26 -15.40 -0.35
CA PHE B 200 -53.90 -15.08 0.96
C PHE B 200 -54.39 -16.40 1.61
N TYR B 201 -54.75 -17.41 0.82
CA TYR B 201 -55.36 -18.67 1.32
C TYR B 201 -54.30 -19.64 1.91
N ASP B 202 -53.02 -19.33 1.78
CA ASP B 202 -51.91 -19.95 2.56
C ASP B 202 -51.90 -19.40 4.00
N VAL B 203 -52.77 -18.45 4.31
CA VAL B 203 -52.90 -17.91 5.70
C VAL B 203 -54.10 -18.59 6.33
N ALA B 204 -53.93 -19.06 7.57
CA ALA B 204 -54.94 -19.76 8.39
C ALA B 204 -56.23 -18.93 8.40
N GLU B 205 -57.35 -19.58 8.07
CA GLU B 205 -58.67 -18.93 7.93
C GLU B 205 -58.88 -17.95 9.08
N PRO B 206 -58.71 -18.30 10.38
CA PRO B 206 -59.05 -17.36 11.45
C PRO B 206 -58.10 -16.14 11.53
N PHE B 207 -56.86 -16.28 11.04
CA PHE B 207 -55.93 -15.15 10.82
C PHE B 207 -56.44 -14.31 9.62
N ARG B 208 -56.95 -14.93 8.55
CA ARG B 208 -57.53 -14.15 7.42
C ARG B 208 -58.74 -13.34 7.92
N GLU B 209 -59.63 -13.93 8.71
CA GLU B 209 -60.85 -13.22 9.21
C GLU B 209 -60.43 -11.97 9.99
N ARG B 210 -59.31 -12.09 10.71
CA ARG B 210 -58.77 -11.00 11.56
C ARG B 210 -58.19 -9.91 10.65
N ILE B 211 -57.39 -10.28 9.65
CA ILE B 211 -56.80 -9.31 8.66
C ILE B 211 -57.96 -8.62 7.93
N ILE B 212 -58.99 -9.34 7.53
CA ILE B 212 -60.17 -8.76 6.83
C ILE B 212 -60.83 -7.70 7.73
N LYS B 213 -60.94 -7.96 9.03
CA LYS B 213 -61.53 -6.97 9.99
C LYS B 213 -60.60 -5.77 10.14
N ARG B 214 -59.35 -5.83 9.67
CA ARG B 214 -58.41 -4.66 9.65
C ARG B 214 -58.55 -3.85 8.35
N THR B 215 -59.34 -4.30 7.38
CA THR B 215 -59.64 -3.53 6.15
C THR B 215 -60.86 -2.67 6.47
N ALA B 216 -60.89 -1.40 6.03
CA ALA B 216 -62.03 -0.50 6.26
C ALA B 216 -63.26 -1.06 5.52
N MET B 217 -63.05 -1.77 4.42
CA MET B 217 -64.17 -2.35 3.64
C MET B 217 -64.59 -3.72 4.18
N ARG B 218 -63.85 -4.33 5.11
CA ARG B 218 -64.24 -5.55 5.87
C ARG B 218 -64.44 -6.69 4.86
N ARG B 219 -63.59 -6.74 3.85
CA ARG B 219 -63.58 -7.80 2.82
C ARG B 219 -62.20 -7.74 2.16
N PRO B 220 -61.69 -8.89 1.68
CA PRO B 220 -60.47 -8.89 0.89
C PRO B 220 -60.86 -8.38 -0.50
N GLY B 221 -59.90 -7.84 -1.26
CA GLY B 221 -60.16 -7.36 -2.64
C GLY B 221 -60.46 -8.53 -3.57
N ASP B 222 -61.35 -8.38 -4.55
CA ASP B 222 -61.37 -9.28 -5.74
C ASP B 222 -60.08 -9.05 -6.52
N PRO B 223 -59.44 -10.12 -7.04
CA PRO B 223 -58.37 -9.97 -8.04
C PRO B 223 -58.62 -8.92 -9.12
N LYS B 224 -59.85 -8.81 -9.64
CA LYS B 224 -60.26 -7.82 -10.67
C LYS B 224 -60.09 -6.38 -10.17
N GLU B 225 -60.36 -6.12 -8.89
CA GLU B 225 -60.23 -4.77 -8.30
C GLU B 225 -58.77 -4.32 -8.34
N LEU B 226 -57.82 -5.25 -8.25
CA LEU B 226 -56.38 -4.96 -8.43
C LEU B 226 -56.05 -4.83 -9.93
N SER B 227 -56.48 -5.78 -10.75
CA SER B 227 -56.10 -5.87 -12.19
C SER B 227 -56.60 -4.63 -12.94
N ASN B 228 -57.75 -4.08 -12.55
CA ASN B 228 -58.36 -2.92 -13.21
C ASN B 228 -57.53 -1.66 -12.92
N VAL B 229 -56.93 -1.53 -11.73
CA VAL B 229 -56.01 -0.40 -11.43
C VAL B 229 -54.77 -0.57 -12.32
N LEU B 230 -54.24 -1.78 -12.36
CA LEU B 230 -53.03 -2.11 -13.16
C LEU B 230 -53.31 -1.76 -14.63
N ALA B 231 -54.49 -2.11 -15.13
CA ALA B 231 -54.88 -1.92 -16.55
C ALA B 231 -54.95 -0.43 -16.89
N PHE B 232 -55.47 0.38 -15.97
CA PHE B 232 -55.49 1.84 -16.13
C PHE B 232 -54.05 2.37 -16.19
N LEU B 233 -53.18 1.97 -15.26
CA LEU B 233 -51.77 2.44 -15.24
C LEU B 233 -51.06 2.08 -16.55
N ALA B 234 -51.42 0.94 -17.15
CA ALA B 234 -50.82 0.35 -18.37
C ALA B 234 -51.33 1.09 -19.62
N SER B 235 -52.39 1.87 -19.50
CA SER B 235 -53.00 2.61 -20.62
C SER B 235 -52.16 3.84 -20.97
N ASP B 236 -52.36 4.36 -22.18
CA ASP B 236 -51.69 5.60 -22.65
C ASP B 236 -52.16 6.77 -21.77
N GLU B 237 -53.39 6.74 -21.26
CA GLU B 237 -54.03 7.85 -20.51
C GLU B 237 -53.32 8.12 -19.16
N ALA B 238 -52.55 7.17 -18.64
CA ALA B 238 -51.85 7.25 -17.34
C ALA B 238 -50.42 7.79 -17.54
N SER B 239 -50.17 8.58 -18.61
CA SER B 239 -48.82 9.02 -19.06
C SER B 239 -48.13 9.99 -18.08
N TYR B 240 -48.85 10.64 -17.17
CA TYR B 240 -48.32 11.65 -16.21
C TYR B 240 -48.30 11.11 -14.77
N VAL B 241 -48.58 9.82 -14.59
CA VAL B 241 -48.43 9.10 -13.29
C VAL B 241 -47.11 8.35 -13.36
N THR B 242 -46.10 8.71 -12.56
CA THR B 242 -44.88 7.88 -12.54
C THR B 242 -44.19 7.93 -11.19
N GLY B 243 -43.52 6.85 -10.83
CA GLY B 243 -42.75 6.76 -9.58
C GLY B 243 -43.65 6.68 -8.35
N ASP B 244 -44.97 6.44 -8.50
CA ASP B 244 -45.87 6.39 -7.32
C ASP B 244 -45.95 4.96 -6.78
N ALA B 245 -46.21 4.89 -5.47
CA ALA B 245 -46.66 3.72 -4.71
C ALA B 245 -48.18 3.86 -4.50
N ILE B 246 -49.00 3.19 -5.30
CA ILE B 246 -50.48 3.38 -5.25
C ILE B 246 -51.10 2.22 -4.44
N VAL B 247 -51.73 2.54 -3.33
CA VAL B 247 -52.30 1.55 -2.39
C VAL B 247 -53.61 1.01 -2.97
N VAL B 248 -53.70 -0.30 -3.14
CA VAL B 248 -54.98 -0.99 -3.52
C VAL B 248 -55.26 -1.98 -2.38
N GLY B 249 -55.89 -1.50 -1.31
CA GLY B 249 -55.92 -2.23 -0.02
C GLY B 249 -57.22 -2.10 0.77
N GLY B 250 -58.25 -1.47 0.22
CA GLY B 250 -59.58 -1.35 0.86
C GLY B 250 -59.50 -0.77 2.27
N GLY B 251 -58.53 0.10 2.49
CA GLY B 251 -58.37 0.82 3.76
C GLY B 251 -57.57 0.01 4.77
N ILE B 252 -56.84 -1.02 4.35
CA ILE B 252 -56.04 -1.87 5.27
C ILE B 252 -54.92 -1.04 5.92
N ASP B 253 -54.55 0.09 5.31
CA ASP B 253 -53.37 0.91 5.69
C ASP B 253 -53.82 2.14 6.50
N LEU B 254 -55.13 2.32 6.68
CA LEU B 254 -55.73 3.39 7.51
C LEU B 254 -55.91 2.91 8.96
N PHE B 255 -56.29 3.79 9.88
CA PHE B 255 -56.46 3.41 11.32
C PHE B 255 -57.86 2.84 11.54
N THR B 256 -58.12 1.64 11.03
CA THR B 256 -59.45 1.02 11.03
C THR B 256 -59.74 0.37 12.40
N PHE B 257 -60.97 0.54 12.91
CA PHE B 257 -61.70 -0.28 13.91
C PHE B 257 -62.94 -0.95 13.28
N SER C 2 40.76 -5.44 -3.08
CA SER C 2 39.45 -4.88 -2.67
C SER C 2 38.38 -5.28 -3.69
N LEU C 3 37.13 -4.89 -3.45
CA LEU C 3 36.02 -5.05 -4.41
C LEU C 3 35.68 -3.67 -5.00
N GLN C 4 36.68 -2.77 -5.10
CA GLN C 4 36.49 -1.40 -5.66
C GLN C 4 35.96 -1.55 -7.10
N LYS C 5 34.86 -0.84 -7.41
CA LYS C 5 34.15 -0.81 -8.72
C LYS C 5 33.30 -2.08 -8.93
N ARG C 6 33.29 -3.04 -8.00
CA ARG C 6 32.37 -4.21 -8.10
C ARG C 6 31.01 -3.79 -7.52
N VAL C 7 29.92 -4.34 -8.07
CA VAL C 7 28.53 -4.15 -7.54
C VAL C 7 28.01 -5.48 -7.00
N ALA C 8 27.54 -5.49 -5.76
CA ALA C 8 27.10 -6.67 -4.99
C ALA C 8 25.59 -6.59 -4.76
N LEU C 9 24.90 -7.72 -4.84
CA LEU C 9 23.50 -7.86 -4.38
C LEU C 9 23.46 -8.97 -3.31
N VAL C 10 23.02 -8.64 -2.10
CA VAL C 10 22.82 -9.60 -0.99
C VAL C 10 21.32 -9.74 -0.79
N THR C 11 20.73 -10.89 -1.15
CA THR C 11 19.30 -11.18 -0.85
C THR C 11 19.16 -11.44 0.66
N GLY C 12 18.05 -10.99 1.24
CA GLY C 12 17.87 -10.96 2.69
C GLY C 12 18.95 -10.14 3.36
N GLY C 13 19.24 -8.97 2.79
CA GLY C 13 20.20 -7.98 3.35
C GLY C 13 19.59 -7.12 4.45
N SER C 14 18.28 -7.27 4.70
CA SER C 14 17.47 -6.42 5.63
C SER C 14 17.88 -6.66 7.09
N GLY C 15 18.43 -7.84 7.40
CA GLY C 15 18.95 -8.13 8.75
C GLY C 15 19.77 -9.40 8.78
N GLY C 16 20.01 -9.92 9.98
CA GLY C 16 20.68 -11.21 10.21
C GLY C 16 22.06 -11.23 9.59
N LEU C 17 22.49 -12.41 9.12
CA LEU C 17 23.84 -12.60 8.54
C LEU C 17 23.95 -11.81 7.22
N GLY C 18 22.81 -11.58 6.54
CA GLY C 18 22.73 -10.87 5.26
C GLY C 18 23.27 -9.45 5.38
N ARG C 19 22.90 -8.75 6.45
CA ARG C 19 23.31 -7.35 6.71
C ARG C 19 24.83 -7.30 6.82
N VAL C 20 25.43 -8.25 7.59
CA VAL C 20 26.89 -8.26 7.87
C VAL C 20 27.64 -8.61 6.58
N HIS C 21 27.04 -9.44 5.74
CA HIS C 21 27.58 -9.72 4.38
C HIS C 21 27.67 -8.42 3.59
N ALA C 22 26.54 -7.72 3.48
CA ALA C 22 26.38 -6.44 2.75
C ALA C 22 27.43 -5.45 3.26
N LEU C 23 27.50 -5.26 4.57
CA LEU C 23 28.43 -4.27 5.19
C LEU C 23 29.88 -4.69 4.93
N THR C 24 30.21 -6.00 5.04
CA THR C 24 31.60 -6.50 4.84
C THR C 24 32.00 -6.29 3.38
N LEU C 25 31.13 -6.59 2.40
CA LEU C 25 31.47 -6.33 0.97
C LEU C 25 31.63 -4.82 0.75
N ALA C 26 30.80 -3.99 1.37
CA ALA C 26 30.93 -2.52 1.35
C ALA C 26 32.31 -2.10 1.89
N GLN C 27 32.70 -2.58 3.08
CA GLN C 27 33.97 -2.21 3.76
C GLN C 27 35.16 -2.59 2.90
N ASN C 28 35.04 -3.64 2.08
CA ASN C 28 36.10 -4.15 1.15
C ASN C 28 36.06 -3.42 -0.20
N GLY C 29 35.12 -2.51 -0.41
CA GLY C 29 35.13 -1.58 -1.57
C GLY C 29 33.93 -1.72 -2.50
N ALA C 30 33.02 -2.68 -2.32
CA ALA C 30 31.86 -2.86 -3.21
C ALA C 30 30.79 -1.78 -3.00
N ASP C 31 30.12 -1.39 -4.07
CA ASP C 31 28.74 -0.83 -4.02
C ASP C 31 27.79 -2.01 -3.85
N VAL C 32 26.73 -1.84 -3.08
CA VAL C 32 25.94 -2.99 -2.55
C VAL C 32 24.47 -2.67 -2.62
N ALA C 33 23.69 -3.51 -3.31
CA ALA C 33 22.21 -3.58 -3.15
C ALA C 33 21.87 -4.65 -2.10
N VAL C 34 20.81 -4.39 -1.33
CA VAL C 34 20.25 -5.33 -0.32
C VAL C 34 18.76 -5.44 -0.61
N THR C 35 18.19 -6.63 -0.47
CA THR C 35 16.74 -6.84 -0.62
C THR C 35 16.09 -6.75 0.75
N GLY C 36 14.81 -6.39 0.74
CA GLY C 36 13.85 -6.63 1.82
C GLY C 36 12.60 -7.21 1.20
N ASN C 37 11.89 -8.05 1.94
CA ASN C 37 10.59 -8.59 1.53
C ASN C 37 9.53 -8.02 2.47
N ARG C 38 9.55 -8.43 3.73
CA ARG C 38 8.63 -7.94 4.81
C ARG C 38 9.30 -6.77 5.56
N ASN C 39 10.61 -6.55 5.37
CA ASN C 39 11.37 -5.56 6.17
C ASN C 39 12.10 -4.62 5.22
N ILE C 40 11.38 -3.95 4.32
CA ILE C 40 11.99 -3.01 3.34
C ILE C 40 12.59 -1.80 4.08
N ASP C 41 12.02 -1.38 5.21
CA ASP C 41 12.59 -0.32 6.06
C ASP C 41 13.96 -0.75 6.61
N LYS C 42 14.12 -1.99 7.07
CA LYS C 42 15.44 -2.42 7.62
C LYS C 42 16.47 -2.49 6.50
N ALA C 43 16.06 -2.90 5.29
CA ALA C 43 16.92 -2.88 4.08
C ALA C 43 17.44 -1.45 3.86
N GLU C 44 16.57 -0.45 3.98
CA GLU C 44 16.96 0.98 3.78
C GLU C 44 17.94 1.43 4.88
N SER C 45 17.73 1.08 6.16
CA SER C 45 18.71 1.35 7.24
C SER C 45 20.07 0.79 6.83
N VAL C 46 20.09 -0.43 6.26
CA VAL C 46 21.38 -1.12 5.93
C VAL C 46 22.03 -0.38 4.77
N ALA C 47 21.23 0.03 3.78
CA ALA C 47 21.67 0.86 2.63
C ALA C 47 22.33 2.15 3.14
N ASN C 48 21.75 2.79 4.17
CA ASN C 48 22.29 4.02 4.79
C ASN C 48 23.62 3.73 5.49
N GLU C 49 23.72 2.63 6.27
CA GLU C 49 24.99 2.23 6.93
C GLU C 49 26.07 2.02 5.85
N ILE C 50 25.69 1.49 4.69
CA ILE C 50 26.66 1.27 3.58
C ILE C 50 27.11 2.64 3.08
N ARG C 51 26.18 3.60 2.94
CA ARG C 51 26.49 5.00 2.49
C ARG C 51 27.42 5.73 3.47
N ALA C 52 27.23 5.56 4.79
CA ALA C 52 28.11 6.06 5.87
C ALA C 52 29.57 5.57 5.71
N LEU C 53 29.83 4.55 4.88
CA LEU C 53 31.20 4.04 4.58
C LEU C 53 31.71 4.68 3.29
N GLY C 54 30.85 5.51 2.67
CA GLY C 54 31.14 6.26 1.44
C GLY C 54 30.87 5.45 0.18
N ARG C 55 30.14 4.33 0.25
CA ARG C 55 29.77 3.50 -0.94
C ARG C 55 28.37 3.87 -1.46
N LYS C 56 28.11 3.60 -2.74
CA LYS C 56 26.72 3.63 -3.27
C LYS C 56 25.99 2.37 -2.76
N ALA C 57 24.75 2.54 -2.28
CA ALA C 57 23.86 1.47 -1.79
C ALA C 57 22.46 1.61 -2.40
N LEU C 58 21.68 0.52 -2.37
CA LEU C 58 20.31 0.49 -2.89
C LEU C 58 19.55 -0.59 -2.12
N ALA C 59 18.37 -0.27 -1.57
CA ALA C 59 17.44 -1.26 -1.00
C ALA C 59 16.26 -1.44 -1.96
N ILE C 60 16.08 -2.65 -2.51
CA ILE C 60 14.96 -3.01 -3.43
C ILE C 60 14.01 -3.97 -2.70
N LYS C 61 12.70 -3.88 -2.96
CA LYS C 61 11.70 -4.79 -2.35
C LYS C 61 11.57 -6.01 -3.27
N VAL C 62 12.10 -7.15 -2.84
CA VAL C 62 12.11 -8.39 -3.68
C VAL C 62 11.68 -9.59 -2.82
N ASP C 63 10.63 -10.25 -3.26
CA ASP C 63 10.32 -11.68 -2.91
C ASP C 63 11.07 -12.52 -3.95
N VAL C 64 12.15 -13.20 -3.56
CA VAL C 64 13.10 -13.81 -4.53
C VAL C 64 12.41 -14.96 -5.28
N SER C 65 11.31 -15.50 -4.77
CA SER C 65 10.58 -16.60 -5.47
C SER C 65 9.82 -16.05 -6.68
N ASN C 66 9.59 -14.72 -6.74
CA ASN C 66 8.85 -14.03 -7.83
C ASN C 66 9.81 -13.54 -8.91
N GLU C 67 9.85 -14.19 -10.08
CA GLU C 67 10.83 -13.83 -11.13
C GLU C 67 10.62 -12.37 -11.57
N ASP C 68 9.39 -11.87 -11.61
CA ASP C 68 9.11 -10.48 -12.03
C ASP C 68 9.78 -9.53 -11.03
N GLU C 69 9.54 -9.69 -9.71
CA GLU C 69 10.14 -8.77 -8.70
C GLU C 69 11.67 -8.88 -8.76
N VAL C 70 12.22 -10.04 -9.07
CA VAL C 70 13.69 -10.25 -9.09
C VAL C 70 14.22 -9.54 -10.34
N ASN C 71 13.57 -9.75 -11.48
CA ASN C 71 13.99 -9.12 -12.77
C ASN C 71 13.88 -7.59 -12.65
N GLU C 72 12.79 -7.05 -12.09
CA GLU C 72 12.61 -5.59 -11.90
C GLU C 72 13.77 -5.08 -11.02
N GLY C 73 13.99 -5.73 -9.87
CA GLY C 73 15.03 -5.32 -8.91
C GLY C 73 16.39 -5.27 -9.56
N VAL C 74 16.77 -6.28 -10.35
CA VAL C 74 18.14 -6.37 -10.94
C VAL C 74 18.32 -5.30 -12.03
N GLU C 75 17.25 -4.98 -12.77
CA GLU C 75 17.30 -3.90 -13.81
C GLU C 75 17.51 -2.55 -13.08
N LYS C 76 16.82 -2.35 -11.95
CA LYS C 76 16.94 -1.17 -11.06
C LYS C 76 18.39 -1.03 -10.57
N ILE C 77 18.98 -2.11 -10.06
CA ILE C 77 20.42 -2.08 -9.65
C ILE C 77 21.27 -1.70 -10.86
N LYS C 78 21.01 -2.31 -12.02
CA LYS C 78 21.83 -2.09 -13.23
C LYS C 78 21.76 -0.60 -13.61
N LYS C 79 20.57 0.02 -13.56
CA LYS C 79 20.43 1.47 -13.86
C LYS C 79 21.15 2.31 -12.80
N GLU C 80 20.90 2.02 -11.52
CA GLU C 80 21.29 2.88 -10.37
C GLU C 80 22.74 2.63 -9.94
N LEU C 81 23.30 1.40 -10.02
CA LEU C 81 24.69 1.13 -9.53
C LEU C 81 25.61 0.55 -10.62
N GLY C 82 25.04 -0.01 -11.69
CA GLY C 82 25.79 -0.89 -12.62
C GLY C 82 25.43 -2.35 -12.38
N SER C 83 25.64 -3.16 -13.41
CA SER C 83 25.43 -4.63 -13.45
C SER C 83 25.97 -5.29 -12.18
N VAL C 84 25.18 -6.16 -11.56
CA VAL C 84 25.66 -7.02 -10.45
C VAL C 84 26.87 -7.84 -10.90
N ASP C 85 28.03 -7.72 -10.21
CA ASP C 85 29.23 -8.59 -10.35
C ASP C 85 29.25 -9.69 -9.29
N ILE C 86 28.59 -9.45 -8.13
CA ILE C 86 28.65 -10.33 -6.93
C ILE C 86 27.23 -10.54 -6.42
N LEU C 87 26.74 -11.78 -6.47
CA LEU C 87 25.40 -12.20 -5.96
C LEU C 87 25.58 -13.12 -4.75
N VAL C 88 24.94 -12.79 -3.63
CA VAL C 88 24.84 -13.69 -2.44
C VAL C 88 23.37 -14.09 -2.29
N ASN C 89 23.10 -15.35 -2.60
CA ASN C 89 21.77 -15.97 -2.35
C ASN C 89 21.67 -16.32 -0.86
N ASN C 90 21.26 -15.34 -0.04
CA ASN C 90 21.26 -15.44 1.44
C ASN C 90 19.83 -15.51 2.00
N ALA C 91 18.81 -15.04 1.27
CA ALA C 91 17.40 -15.15 1.71
C ALA C 91 16.99 -16.63 1.90
N ALA C 92 16.23 -16.93 2.95
CA ALA C 92 15.74 -18.31 3.19
C ALA C 92 14.40 -18.24 3.92
N SER C 93 13.58 -19.26 3.70
CA SER C 93 12.32 -19.55 4.41
C SER C 93 12.44 -20.93 5.09
N GLY C 94 11.71 -21.11 6.19
CA GLY C 94 11.65 -22.34 7.00
C GLY C 94 13.01 -22.75 7.52
N ILE C 95 13.80 -21.78 7.98
CA ILE C 95 15.15 -22.00 8.56
C ILE C 95 15.03 -22.89 9.80
N VAL C 96 13.96 -22.73 10.57
CA VAL C 96 13.81 -23.41 11.89
C VAL C 96 12.38 -23.95 12.04
N ARG C 97 11.98 -24.85 11.15
CA ARG C 97 10.84 -25.77 11.38
C ARG C 97 11.37 -26.90 12.25
N ALA C 98 10.46 -27.56 12.94
CA ALA C 98 10.73 -28.66 13.87
C ALA C 98 9.47 -29.52 13.86
N THR C 99 9.17 -30.05 12.68
CA THR C 99 7.99 -30.90 12.36
C THR C 99 8.47 -32.11 11.57
N LEU C 100 8.12 -33.30 12.04
CA LEU C 100 8.37 -34.57 11.32
C LEU C 100 7.77 -34.45 9.91
N ILE C 101 8.34 -35.18 8.95
CA ILE C 101 7.94 -35.04 7.53
C ILE C 101 6.43 -35.29 7.40
N GLU C 102 5.87 -36.28 8.12
CA GLU C 102 4.43 -36.62 7.94
C GLU C 102 3.53 -35.52 8.53
N LYS C 103 4.04 -34.65 9.39
CA LYS C 103 3.27 -33.52 9.97
C LYS C 103 3.65 -32.20 9.27
N THR C 104 4.50 -32.24 8.24
CA THR C 104 4.90 -31.02 7.47
C THR C 104 3.80 -30.67 6.47
N ALA C 105 3.18 -29.50 6.62
CA ALA C 105 2.19 -28.96 5.66
C ALA C 105 2.83 -28.75 4.28
N LYS C 106 2.18 -29.21 3.21
CA LYS C 106 2.70 -29.05 1.83
C LYS C 106 2.86 -27.55 1.52
N GLU C 107 1.93 -26.68 1.97
CA GLU C 107 2.03 -25.20 1.77
C GLU C 107 3.38 -24.70 2.32
N ASP C 108 3.84 -25.19 3.47
CA ASP C 108 5.12 -24.72 4.07
C ASP C 108 6.33 -25.26 3.28
N TRP C 109 6.32 -26.55 2.94
CA TRP C 109 7.32 -27.20 2.04
C TRP C 109 7.42 -26.39 0.74
N ASP C 110 6.27 -26.14 0.09
CA ASP C 110 6.25 -25.42 -1.21
C ASP C 110 6.90 -24.04 -1.01
N GLN C 111 6.60 -23.33 0.08
CA GLN C 111 7.15 -21.97 0.29
C GLN C 111 8.67 -22.09 0.44
N ASP C 112 9.13 -23.06 1.22
CA ASP C 112 10.59 -23.23 1.49
C ASP C 112 11.32 -23.52 0.18
N LEU C 113 10.74 -24.36 -0.69
CA LEU C 113 11.36 -24.62 -2.03
C LEU C 113 11.35 -23.35 -2.89
N ARG C 114 10.26 -22.59 -2.92
CA ARG C 114 10.10 -21.39 -3.81
C ARG C 114 11.20 -20.36 -3.44
N VAL C 115 11.42 -20.15 -2.15
CA VAL C 115 12.37 -19.10 -1.68
C VAL C 115 13.81 -19.60 -1.81
N ASN C 116 14.10 -20.77 -1.23
CA ASN C 116 15.47 -21.29 -1.01
C ASN C 116 16.07 -21.78 -2.34
N LEU C 117 15.26 -22.42 -3.20
CA LEU C 117 15.74 -22.97 -4.49
C LEU C 117 15.34 -22.02 -5.63
N THR C 118 14.06 -21.73 -5.80
CA THR C 118 13.64 -20.89 -6.94
C THR C 118 14.19 -19.46 -6.79
N GLY C 119 14.31 -18.95 -5.57
CA GLY C 119 14.94 -17.63 -5.31
C GLY C 119 16.34 -17.59 -5.90
N ALA C 120 17.16 -18.60 -5.62
CA ALA C 120 18.57 -18.63 -6.09
C ALA C 120 18.53 -18.75 -7.61
N PHE C 121 17.62 -19.56 -8.14
CA PHE C 121 17.49 -19.77 -9.60
C PHE C 121 17.15 -18.41 -10.23
N ASN C 122 16.12 -17.73 -9.69
CA ASN C 122 15.63 -16.42 -10.20
C ASN C 122 16.80 -15.43 -10.26
N CYS C 123 17.52 -15.25 -9.16
CA CYS C 123 18.57 -14.21 -9.01
C CYS C 123 19.77 -14.59 -9.89
N ILE C 124 20.15 -15.86 -9.97
CA ILE C 124 21.29 -16.26 -10.84
C ILE C 124 20.92 -15.97 -12.30
N LYS C 125 19.72 -16.37 -12.71
CA LYS C 125 19.22 -16.18 -14.09
C LYS C 125 19.33 -14.70 -14.47
N ALA C 126 18.94 -13.80 -13.56
CA ALA C 126 18.85 -12.34 -13.80
C ALA C 126 20.26 -11.76 -13.95
N VAL C 127 21.24 -12.23 -13.17
CA VAL C 127 22.54 -11.53 -13.06
C VAL C 127 23.55 -12.12 -14.04
N ILE C 128 23.41 -13.37 -14.44
CA ILE C 128 24.57 -14.07 -15.09
C ILE C 128 24.80 -13.55 -16.52
N PRO C 129 23.80 -13.10 -17.33
CA PRO C 129 24.10 -12.57 -18.67
C PRO C 129 25.06 -11.36 -18.61
N ASP C 130 24.91 -10.42 -17.69
CA ASP C 130 25.86 -9.27 -17.58
C ASP C 130 27.23 -9.75 -17.07
N MET C 131 27.28 -10.75 -16.19
CA MET C 131 28.57 -11.30 -15.72
C MET C 131 29.28 -11.93 -16.91
N LYS C 132 28.57 -12.67 -17.74
CA LYS C 132 29.22 -13.29 -18.94
C LYS C 132 29.74 -12.17 -19.85
N LYS C 133 28.90 -11.17 -20.12
CA LYS C 133 29.27 -10.00 -20.95
C LYS C 133 30.52 -9.30 -20.38
N ASN C 134 30.67 -9.18 -19.05
CA ASN C 134 31.77 -8.40 -18.44
C ASN C 134 32.96 -9.30 -18.14
N ASN C 135 32.83 -10.60 -18.39
CA ASN C 135 33.90 -11.61 -18.25
C ASN C 135 34.37 -11.71 -16.79
N TRP C 136 33.46 -11.52 -15.82
CA TRP C 136 33.76 -11.63 -14.37
C TRP C 136 32.46 -11.75 -13.58
N GLY C 137 32.45 -12.57 -12.52
CA GLY C 137 31.27 -12.78 -11.68
C GLY C 137 31.60 -13.57 -10.43
N ARG C 138 30.89 -13.30 -9.34
CA ARG C 138 30.97 -14.13 -8.11
C ARG C 138 29.54 -14.43 -7.67
N ILE C 139 29.17 -15.70 -7.60
CA ILE C 139 27.88 -16.13 -7.03
C ILE C 139 28.19 -16.94 -5.77
N ILE C 140 27.60 -16.55 -4.65
CA ILE C 140 27.81 -17.30 -3.39
C ILE C 140 26.43 -17.73 -2.90
N ASN C 141 26.22 -19.04 -2.85
CA ASN C 141 25.01 -19.69 -2.29
C ASN C 141 25.27 -20.04 -0.82
N ILE C 142 24.22 -20.02 -0.02
CA ILE C 142 24.30 -20.22 1.45
C ILE C 142 23.61 -21.53 1.77
N SER C 143 24.43 -22.51 2.09
CA SER C 143 24.01 -23.87 2.51
C SER C 143 24.14 -23.99 4.02
N SER C 144 23.97 -25.20 4.53
CA SER C 144 23.92 -25.53 5.97
C SER C 144 24.35 -26.98 6.14
N VAL C 145 24.95 -27.32 7.29
CA VAL C 145 25.34 -28.72 7.62
C VAL C 145 24.07 -29.57 7.73
N THR C 146 22.89 -28.96 7.86
CA THR C 146 21.60 -29.68 7.80
C THR C 146 21.43 -30.30 6.41
N GLY C 147 21.91 -29.63 5.36
CA GLY C 147 21.82 -30.16 4.00
C GLY C 147 22.74 -31.35 3.82
N THR C 148 23.92 -31.34 4.46
CA THR C 148 24.98 -32.36 4.21
C THR C 148 24.93 -33.46 5.28
N MET C 149 24.27 -33.21 6.41
CA MET C 149 24.23 -34.16 7.54
C MET C 149 22.79 -34.47 7.96
N GLY C 150 21.79 -33.85 7.34
CA GLY C 150 20.40 -34.05 7.74
C GLY C 150 20.07 -33.29 9.03
N GLY C 151 18.78 -33.18 9.32
CA GLY C 151 18.26 -32.67 10.61
C GLY C 151 16.85 -33.12 10.80
N SER C 152 16.60 -33.83 11.90
CA SER C 152 15.25 -34.29 12.28
C SER C 152 14.32 -33.09 12.34
N GLY C 153 13.10 -33.23 11.82
CA GLY C 153 12.07 -32.18 11.78
C GLY C 153 12.32 -31.09 10.74
N GLN C 154 13.36 -31.19 9.90
CA GLN C 154 13.77 -30.09 9.00
C GLN C 154 13.85 -30.58 7.56
N CYS C 155 12.81 -31.25 7.06
CA CYS C 155 12.84 -31.90 5.72
C CYS C 155 13.04 -30.84 4.63
N SER C 156 12.36 -29.69 4.68
CA SER C 156 12.46 -28.65 3.63
C SER C 156 13.84 -28.04 3.64
N TYR C 157 14.41 -27.85 4.82
CA TYR C 157 15.65 -27.06 4.95
C TYR C 157 16.83 -27.92 4.51
N ALA C 158 16.85 -29.17 4.96
CA ALA C 158 17.86 -30.17 4.53
C ALA C 158 17.82 -30.34 3.01
N THR C 159 16.63 -30.48 2.42
CA THR C 159 16.41 -30.66 0.97
C THR C 159 16.95 -29.43 0.23
N THR C 160 16.55 -28.23 0.62
CA THR C 160 16.85 -26.99 -0.14
C THR C 160 18.34 -26.65 0.03
N LYS C 161 18.86 -26.77 1.23
CA LYS C 161 20.28 -26.45 1.52
C LYS C 161 21.19 -27.45 0.81
N ALA C 162 20.78 -28.72 0.69
CA ALA C 162 21.49 -29.75 -0.08
C ALA C 162 21.38 -29.39 -1.56
N GLY C 163 20.18 -29.03 -2.01
CA GLY C 163 19.91 -28.66 -3.41
C GLY C 163 20.84 -27.56 -3.91
N LEU C 164 21.07 -26.54 -3.09
CA LEU C 164 21.93 -25.38 -3.48
C LEU C 164 23.33 -25.85 -3.87
N ILE C 165 23.77 -27.01 -3.38
CA ILE C 165 25.15 -27.50 -3.66
C ILE C 165 25.16 -28.06 -5.08
N GLY C 166 24.08 -28.76 -5.47
CA GLY C 166 23.87 -29.13 -6.88
C GLY C 166 23.76 -27.90 -7.75
N LEU C 167 22.93 -26.92 -7.37
CA LEU C 167 22.76 -25.69 -8.18
C LEU C 167 24.15 -25.09 -8.34
N THR C 168 24.92 -25.04 -7.25
CA THR C 168 26.23 -24.36 -7.22
C THR C 168 27.13 -25.00 -8.28
N LYS C 169 27.14 -26.32 -8.34
CA LYS C 169 28.07 -27.10 -9.20
C LYS C 169 27.69 -26.92 -10.67
N THR C 170 26.40 -26.80 -11.00
CA THR C 170 25.96 -26.58 -12.41
C THR C 170 26.40 -25.17 -12.83
N VAL C 171 26.22 -24.19 -11.96
CA VAL C 171 26.44 -22.76 -12.31
C VAL C 171 27.94 -22.55 -12.45
N ALA C 172 28.74 -23.18 -11.61
CA ALA C 172 30.22 -23.23 -11.75
C ALA C 172 30.58 -23.75 -13.14
N LEU C 173 29.99 -24.85 -13.60
CA LEU C 173 30.34 -25.42 -14.93
C LEU C 173 29.99 -24.41 -16.03
N GLU C 174 28.79 -23.84 -16.02
CA GLU C 174 28.31 -22.88 -17.04
C GLU C 174 29.14 -21.59 -17.05
N GLY C 175 29.62 -21.12 -15.89
CA GLY C 175 30.28 -19.82 -15.73
C GLY C 175 31.80 -19.88 -15.85
N ALA C 176 32.40 -21.07 -15.81
CA ALA C 176 33.86 -21.20 -15.58
C ALA C 176 34.69 -20.42 -16.62
N ARG C 177 34.26 -20.33 -17.87
CA ARG C 177 35.15 -19.84 -18.97
C ARG C 177 35.02 -18.33 -19.06
N TYR C 178 34.08 -17.75 -18.30
CA TYR C 178 33.78 -16.30 -18.21
C TYR C 178 34.32 -15.70 -16.90
N ASN C 179 35.27 -16.37 -16.24
CA ASN C 179 35.83 -15.96 -14.92
C ASN C 179 34.67 -15.73 -13.95
N ILE C 180 33.57 -16.48 -14.09
CA ILE C 180 32.49 -16.51 -13.06
C ILE C 180 32.70 -17.76 -12.20
N THR C 181 32.87 -17.55 -10.89
CA THR C 181 32.90 -18.66 -9.91
C THR C 181 31.55 -18.71 -9.21
N CYS C 182 31.19 -19.90 -8.77
CA CYS C 182 29.98 -20.15 -7.97
C CYS C 182 30.37 -21.14 -6.89
N ASN C 183 30.14 -20.77 -5.64
CA ASN C 183 30.52 -21.55 -4.43
C ASN C 183 29.37 -21.52 -3.42
N ALA C 184 29.31 -22.58 -2.61
CA ALA C 184 28.36 -22.74 -1.51
C ALA C 184 29.13 -22.61 -0.21
N LEU C 185 28.66 -21.76 0.67
CA LEU C 185 29.11 -21.79 2.09
C LEU C 185 28.16 -22.70 2.86
N VAL C 186 28.71 -23.75 3.46
CA VAL C 186 27.99 -24.70 4.35
C VAL C 186 28.13 -24.18 5.79
N LEU C 187 27.10 -23.52 6.28
CA LEU C 187 27.10 -22.87 7.61
C LEU C 187 26.88 -23.91 8.72
N GLY C 188 27.66 -23.79 9.79
CA GLY C 188 27.31 -24.26 11.14
C GLY C 188 26.27 -23.34 11.75
N VAL C 189 26.51 -22.87 12.97
CA VAL C 189 25.52 -22.01 13.69
C VAL C 189 26.26 -20.72 14.06
N PHE C 190 25.55 -19.60 14.00
CA PHE C 190 26.10 -18.24 14.17
C PHE C 190 25.29 -17.53 15.25
N GLY C 191 26.01 -16.83 16.14
CA GLY C 191 25.45 -16.11 17.29
C GLY C 191 26.08 -14.73 17.36
N GLY C 192 25.34 -13.69 17.00
CA GLY C 192 25.81 -12.31 17.17
C GLY C 192 25.29 -11.72 18.48
N ARG C 193 24.62 -10.56 18.41
CA ARG C 193 24.06 -9.83 19.57
C ARG C 193 22.74 -10.50 20.00
N GLY C 194 22.11 -11.24 19.10
CA GLY C 194 20.81 -11.89 19.36
C GLY C 194 20.02 -12.03 18.08
N ARG C 195 18.70 -12.21 18.18
CA ARG C 195 17.86 -12.51 17.00
C ARG C 195 18.17 -11.56 15.83
N GLU C 196 18.54 -10.30 16.09
CA GLU C 196 18.70 -9.30 15.01
C GLU C 196 19.83 -9.77 14.07
N ASP C 197 20.76 -10.58 14.59
CA ASP C 197 21.99 -10.99 13.86
C ASP C 197 21.85 -12.42 13.30
N SER C 198 20.97 -13.24 13.86
CA SER C 198 20.98 -14.70 13.58
C SER C 198 19.66 -15.40 13.93
N SER C 199 19.15 -16.19 12.99
CA SER C 199 17.95 -17.06 13.17
C SER C 199 18.21 -18.17 14.19
N PHE C 200 19.48 -18.39 14.57
CA PHE C 200 19.88 -19.32 15.65
C PHE C 200 19.03 -19.03 16.91
N TYR C 201 18.78 -17.76 17.24
CA TYR C 201 18.04 -17.36 18.49
C TYR C 201 16.55 -17.76 18.43
N ASP C 202 16.03 -18.20 17.29
CA ASP C 202 14.69 -18.84 17.18
C ASP C 202 14.73 -20.26 17.72
N VAL C 203 15.92 -20.83 17.91
CA VAL C 203 16.10 -22.14 18.62
C VAL C 203 16.13 -21.85 20.13
N ALA C 204 15.35 -22.62 20.90
CA ALA C 204 15.27 -22.53 22.38
C ALA C 204 16.66 -22.74 23.00
N GLU C 205 17.01 -21.96 24.02
CA GLU C 205 18.39 -21.91 24.58
C GLU C 205 18.86 -23.31 25.00
N PRO C 206 18.02 -24.17 25.62
CA PRO C 206 18.46 -25.52 25.96
C PRO C 206 19.00 -26.26 24.72
N PHE C 207 18.26 -26.28 23.60
CA PHE C 207 18.75 -26.88 22.32
C PHE C 207 20.00 -26.13 21.82
N ARG C 208 20.00 -24.79 21.86
CA ARG C 208 21.17 -23.99 21.40
C ARG C 208 22.43 -24.48 22.11
N GLU C 209 22.37 -24.70 23.43
CA GLU C 209 23.59 -24.98 24.22
C GLU C 209 24.08 -26.41 23.89
N ARG C 210 23.17 -27.34 23.61
CA ARG C 210 23.53 -28.71 23.12
C ARG C 210 24.21 -28.61 21.73
N ILE C 211 23.66 -27.80 20.82
CA ILE C 211 24.24 -27.68 19.45
C ILE C 211 25.65 -27.11 19.61
N ILE C 212 25.80 -26.10 20.48
CA ILE C 212 27.10 -25.41 20.70
C ILE C 212 28.09 -26.43 21.24
N LYS C 213 27.64 -27.34 22.11
CA LYS C 213 28.50 -28.41 22.66
C LYS C 213 28.89 -29.36 21.52
N ARG C 214 28.19 -29.37 20.40
CA ARG C 214 28.54 -30.25 19.26
C ARG C 214 29.58 -29.59 18.35
N THR C 215 29.83 -28.27 18.48
CA THR C 215 30.91 -27.56 17.75
C THR C 215 32.24 -27.92 18.42
N ALA C 216 33.27 -28.25 17.63
CA ALA C 216 34.62 -28.51 18.14
C ALA C 216 35.10 -27.28 18.92
N MET C 217 34.72 -26.08 18.50
CA MET C 217 35.24 -24.82 19.08
C MET C 217 34.43 -24.41 20.32
N ARG C 218 33.30 -25.07 20.58
CA ARG C 218 32.42 -24.86 21.76
C ARG C 218 31.88 -23.44 21.76
N ARG C 219 31.46 -22.92 20.60
CA ARG C 219 30.86 -21.58 20.47
C ARG C 219 30.19 -21.43 19.10
N PRO C 220 29.14 -20.59 18.98
CA PRO C 220 28.58 -20.26 17.68
C PRO C 220 29.58 -19.33 16.98
N GLY C 221 29.55 -19.23 15.65
CA GLY C 221 30.38 -18.27 14.91
C GLY C 221 29.88 -16.84 15.11
N ASP C 222 30.79 -15.88 15.06
CA ASP C 222 30.45 -14.45 14.92
C ASP C 222 30.03 -14.28 13.47
N PRO C 223 29.00 -13.46 13.17
CA PRO C 223 28.62 -13.18 11.79
C PRO C 223 29.82 -12.80 10.90
N LYS C 224 30.80 -12.10 11.45
CA LYS C 224 32.01 -11.62 10.72
C LYS C 224 32.84 -12.83 10.30
N GLU C 225 32.87 -13.87 11.11
CA GLU C 225 33.66 -15.08 10.79
C GLU C 225 33.10 -15.72 9.52
N LEU C 226 31.82 -15.54 9.23
CA LEU C 226 31.23 -16.03 7.96
C LEU C 226 31.48 -15.01 6.83
N SER C 227 31.13 -13.74 7.06
CA SER C 227 31.22 -12.64 6.07
C SER C 227 32.64 -12.55 5.50
N ASN C 228 33.65 -12.85 6.31
CA ASN C 228 35.05 -12.67 5.90
C ASN C 228 35.44 -13.79 4.96
N VAL C 229 34.88 -15.01 5.13
CA VAL C 229 35.11 -16.10 4.13
C VAL C 229 34.40 -15.73 2.82
N LEU C 230 33.13 -15.35 2.90
CA LEU C 230 32.34 -14.83 1.74
C LEU C 230 33.15 -13.72 1.00
N ALA C 231 33.63 -12.72 1.73
CA ALA C 231 34.35 -11.56 1.14
C ALA C 231 35.59 -12.08 0.40
N PHE C 232 36.34 -13.04 0.95
CA PHE C 232 37.51 -13.62 0.25
C PHE C 232 37.08 -14.31 -1.07
N LEU C 233 36.03 -15.14 -1.05
CA LEU C 233 35.50 -15.82 -2.27
C LEU C 233 35.03 -14.78 -3.31
N ALA C 234 34.51 -13.65 -2.84
CA ALA C 234 33.94 -12.57 -3.68
C ALA C 234 35.08 -11.75 -4.31
N SER C 235 36.35 -11.99 -3.93
CA SER C 235 37.53 -11.22 -4.40
C SER C 235 38.10 -11.83 -5.67
N ASP C 236 38.87 -11.03 -6.41
CA ASP C 236 39.58 -11.44 -7.66
C ASP C 236 40.52 -12.59 -7.31
N GLU C 237 41.08 -12.63 -6.11
CA GLU C 237 42.13 -13.63 -5.74
C GLU C 237 41.56 -15.06 -5.66
N ALA C 238 40.25 -15.25 -5.48
CA ALA C 238 39.59 -16.57 -5.29
C ALA C 238 39.19 -17.17 -6.65
N SER C 239 39.94 -16.82 -7.69
CA SER C 239 39.57 -17.00 -9.11
C SER C 239 39.63 -18.49 -9.45
N TYR C 240 40.43 -19.29 -8.73
CA TYR C 240 40.55 -20.74 -9.05
C TYR C 240 39.66 -21.64 -8.15
N VAL C 241 38.78 -21.07 -7.35
CA VAL C 241 37.87 -21.81 -6.42
C VAL C 241 36.49 -21.73 -7.05
N THR C 242 35.96 -22.84 -7.52
CA THR C 242 34.59 -22.83 -8.06
C THR C 242 33.97 -24.21 -7.86
N GLY C 243 32.66 -24.20 -7.70
CA GLY C 243 31.84 -25.41 -7.50
C GLY C 243 32.06 -26.01 -6.12
N ASP C 244 32.70 -25.30 -5.17
CA ASP C 244 33.03 -25.96 -3.87
C ASP C 244 31.89 -25.74 -2.86
N ALA C 245 31.83 -26.63 -1.90
CA ALA C 245 30.97 -26.53 -0.72
C ALA C 245 31.90 -26.30 0.48
N ILE C 246 32.07 -25.05 0.89
CA ILE C 246 33.09 -24.68 1.91
C ILE C 246 32.38 -24.56 3.25
N VAL C 247 32.79 -25.40 4.18
CA VAL C 247 32.14 -25.51 5.51
C VAL C 247 32.66 -24.37 6.38
N VAL C 248 31.76 -23.56 6.95
CA VAL C 248 32.14 -22.52 7.96
C VAL C 248 31.36 -22.83 9.24
N GLY C 249 31.89 -23.70 10.10
CA GLY C 249 31.11 -24.41 11.12
C GLY C 249 31.83 -24.72 12.43
N GLY C 250 33.01 -24.15 12.69
CA GLY C 250 33.74 -24.36 13.95
C GLY C 250 33.79 -25.82 14.36
N GLY C 251 33.81 -26.73 13.39
CA GLY C 251 34.00 -28.18 13.61
C GLY C 251 32.70 -28.91 13.92
N ILE C 252 31.55 -28.28 13.69
CA ILE C 252 30.21 -28.88 13.98
C ILE C 252 30.01 -30.16 13.16
N ASP C 253 30.68 -30.28 12.01
CA ASP C 253 30.55 -31.40 11.03
C ASP C 253 31.57 -32.51 11.36
N LEU C 254 32.41 -32.32 12.37
CA LEU C 254 33.42 -33.31 12.83
C LEU C 254 32.80 -34.19 13.92
N PHE C 255 33.50 -35.26 14.26
CA PHE C 255 33.12 -36.26 15.28
C PHE C 255 33.56 -35.73 16.65
N THR C 256 32.90 -34.71 17.14
CA THR C 256 33.21 -33.98 18.40
C THR C 256 32.69 -34.76 19.63
N PHE C 257 33.43 -34.75 20.76
CA PHE C 257 32.93 -35.01 22.14
C PHE C 257 33.36 -33.89 23.09
N SER D 2 43.29 46.39 19.65
CA SER D 2 42.82 45.40 20.63
C SER D 2 41.32 45.63 20.90
N LEU D 3 40.67 44.68 21.57
CA LEU D 3 39.25 44.71 21.96
C LEU D 3 39.14 45.01 23.46
N GLN D 4 40.18 45.59 24.06
CA GLN D 4 40.12 46.00 25.49
C GLN D 4 38.96 47.00 25.63
N LYS D 5 38.23 46.88 26.75
CA LYS D 5 37.04 47.67 27.15
C LYS D 5 35.80 47.20 26.39
N ARG D 6 35.87 46.12 25.62
CA ARG D 6 34.71 45.64 24.80
C ARG D 6 34.17 44.35 25.37
N VAL D 7 32.88 44.08 25.15
CA VAL D 7 32.23 42.82 25.59
C VAL D 7 31.73 42.09 24.34
N ALA D 8 32.03 40.80 24.26
CA ALA D 8 31.57 39.91 23.18
C ALA D 8 30.66 38.84 23.79
N LEU D 9 29.61 38.49 23.05
CA LEU D 9 28.75 37.32 23.21
C LEU D 9 28.92 36.46 21.95
N VAL D 10 29.44 35.22 22.11
CA VAL D 10 29.46 34.15 21.06
C VAL D 10 28.36 33.14 21.37
N THR D 11 27.35 33.00 20.51
CA THR D 11 26.31 31.97 20.65
C THR D 11 26.96 30.65 20.22
N GLY D 12 26.61 29.55 20.88
CA GLY D 12 27.27 28.25 20.66
C GLY D 12 28.76 28.33 20.95
N GLY D 13 29.10 29.00 22.04
CA GLY D 13 30.48 29.11 22.54
C GLY D 13 30.88 27.92 23.38
N SER D 14 30.03 26.90 23.48
CA SER D 14 30.19 25.75 24.41
C SER D 14 31.15 24.71 23.82
N GLY D 15 31.26 24.64 22.49
CA GLY D 15 32.31 23.84 21.82
C GLY D 15 32.49 24.29 20.39
N GLY D 16 33.14 23.47 19.57
CA GLY D 16 33.25 23.68 18.11
C GLY D 16 34.04 24.93 17.77
N LEU D 17 33.71 25.51 16.63
CA LEU D 17 34.32 26.78 16.18
C LEU D 17 33.98 27.93 17.14
N GLY D 18 32.79 27.90 17.76
CA GLY D 18 32.33 28.96 18.68
C GLY D 18 33.30 29.17 19.84
N ARG D 19 33.81 28.07 20.39
CA ARG D 19 34.74 28.09 21.55
C ARG D 19 35.99 28.83 21.13
N VAL D 20 36.50 28.55 19.92
CA VAL D 20 37.72 29.17 19.37
C VAL D 20 37.44 30.66 19.07
N HIS D 21 36.23 31.01 18.63
CA HIS D 21 35.84 32.43 18.42
C HIS D 21 35.93 33.16 19.78
N ALA D 22 35.33 32.61 20.81
CA ALA D 22 35.34 33.13 22.20
C ALA D 22 36.78 33.35 22.71
N LEU D 23 37.62 32.32 22.63
CA LEU D 23 39.04 32.39 23.09
C LEU D 23 39.83 33.42 22.25
N THR D 24 39.61 33.50 20.94
CA THR D 24 40.33 34.47 20.08
C THR D 24 39.93 35.91 20.46
N LEU D 25 38.64 36.19 20.61
CA LEU D 25 38.21 37.54 21.03
C LEU D 25 38.81 37.84 22.42
N ALA D 26 38.85 36.86 23.34
CA ALA D 26 39.42 37.02 24.70
C ALA D 26 40.89 37.39 24.61
N GLN D 27 41.66 36.67 23.79
CA GLN D 27 43.10 36.85 23.56
C GLN D 27 43.36 38.25 23.01
N ASN D 28 42.42 38.83 22.27
CA ASN D 28 42.58 40.17 21.64
C ASN D 28 42.10 41.27 22.59
N GLY D 29 41.65 40.91 23.80
CA GLY D 29 41.44 41.86 24.91
C GLY D 29 40.00 41.94 25.39
N ALA D 30 39.07 41.22 24.77
CA ALA D 30 37.63 41.37 25.09
C ALA D 30 37.25 40.52 26.31
N ASP D 31 36.35 41.03 27.14
CA ASP D 31 35.54 40.16 28.03
C ASP D 31 34.49 39.45 27.20
N VAL D 32 34.26 38.17 27.46
CA VAL D 32 33.50 37.29 26.54
C VAL D 32 32.46 36.50 27.33
N ALA D 33 31.20 36.64 26.92
CA ALA D 33 30.08 35.75 27.29
C ALA D 33 29.95 34.65 26.23
N VAL D 34 29.70 33.41 26.67
CA VAL D 34 29.39 32.28 25.75
C VAL D 34 28.06 31.69 26.17
N THR D 35 27.28 31.21 25.20
CA THR D 35 26.03 30.46 25.46
C THR D 35 26.31 28.96 25.43
N GLY D 36 25.60 28.25 26.28
CA GLY D 36 25.35 26.82 26.09
C GLY D 36 23.86 26.59 26.07
N ASN D 37 23.42 25.57 25.35
CA ASN D 37 22.00 25.15 25.32
C ASN D 37 21.87 23.78 25.99
N ARG D 38 22.35 22.72 25.32
CA ARG D 38 22.37 21.34 25.87
C ARG D 38 23.70 21.06 26.60
N ASN D 39 24.65 22.01 26.64
CA ASN D 39 26.04 21.79 27.16
C ASN D 39 26.52 22.98 27.97
N ILE D 40 25.75 23.45 28.94
CA ILE D 40 26.13 24.63 29.78
C ILE D 40 27.46 24.37 30.52
N ASP D 41 27.76 23.12 30.88
CA ASP D 41 29.03 22.74 31.58
C ASP D 41 30.22 22.98 30.65
N LYS D 42 30.11 22.62 29.38
CA LYS D 42 31.18 22.93 28.38
C LYS D 42 31.31 24.46 28.21
N ALA D 43 30.20 25.21 28.27
CA ALA D 43 30.24 26.69 28.18
C ALA D 43 30.97 27.25 29.39
N GLU D 44 30.57 26.88 30.61
CA GLU D 44 31.25 27.29 31.87
C GLU D 44 32.74 26.92 31.80
N SER D 45 33.06 25.78 31.18
CA SER D 45 34.46 25.34 31.00
C SER D 45 35.18 26.34 30.08
N VAL D 46 34.50 26.77 29.01
CA VAL D 46 35.09 27.79 28.09
C VAL D 46 35.24 29.13 28.84
N ALA D 47 34.28 29.51 29.68
CA ALA D 47 34.38 30.71 30.55
C ALA D 47 35.63 30.63 31.43
N ASN D 48 36.04 29.42 31.85
CA ASN D 48 37.23 29.23 32.73
C ASN D 48 38.49 29.33 31.89
N GLU D 49 38.48 28.80 30.66
CA GLU D 49 39.60 29.02 29.71
C GLU D 49 39.79 30.54 29.46
N ILE D 50 38.70 31.31 29.35
CA ILE D 50 38.80 32.78 29.06
C ILE D 50 39.36 33.46 30.31
N ARG D 51 38.84 33.12 31.49
CA ARG D 51 39.30 33.66 32.80
C ARG D 51 40.78 33.37 33.03
N ALA D 52 41.29 32.19 32.65
CA ALA D 52 42.73 31.83 32.72
C ALA D 52 43.56 32.76 31.84
N LEU D 53 42.99 33.37 30.78
CA LEU D 53 43.72 34.37 29.96
C LEU D 53 43.69 35.72 30.66
N GLY D 54 43.09 35.82 31.86
CA GLY D 54 42.96 37.08 32.61
C GLY D 54 41.75 37.92 32.23
N ARG D 55 40.86 37.46 31.34
CA ARG D 55 39.60 38.17 31.02
C ARG D 55 38.46 37.76 31.95
N LYS D 56 37.46 38.64 32.06
CA LYS D 56 36.16 38.33 32.68
C LYS D 56 35.34 37.55 31.66
N ALA D 57 34.46 36.68 32.14
CA ALA D 57 33.67 35.81 31.25
C ALA D 57 32.39 35.44 31.96
N LEU D 58 31.42 34.96 31.19
CA LEU D 58 30.13 34.49 31.71
C LEU D 58 29.59 33.41 30.77
N ALA D 59 29.18 32.27 31.32
CA ALA D 59 28.38 31.23 30.63
C ALA D 59 26.91 31.45 30.97
N ILE D 60 26.04 31.51 29.98
CA ILE D 60 24.57 31.66 30.17
C ILE D 60 23.92 30.53 29.39
N LYS D 61 22.86 29.96 29.94
CA LYS D 61 22.09 28.87 29.32
C LYS D 61 21.03 29.54 28.43
N VAL D 62 21.10 29.31 27.13
CA VAL D 62 20.23 30.02 26.16
C VAL D 62 19.95 29.08 25.00
N ASP D 63 18.66 28.87 24.74
CA ASP D 63 18.12 28.46 23.43
C ASP D 63 17.90 29.76 22.64
N VAL D 64 18.67 29.99 21.59
CA VAL D 64 18.66 31.29 20.85
C VAL D 64 17.29 31.46 20.18
N SER D 65 16.57 30.36 19.90
CA SER D 65 15.23 30.40 19.27
C SER D 65 14.18 30.98 20.21
N ASN D 66 14.50 31.09 21.52
CA ASN D 66 13.60 31.53 22.62
C ASN D 66 13.91 32.97 23.04
N GLU D 67 13.08 33.93 22.66
CA GLU D 67 13.40 35.37 22.85
C GLU D 67 13.58 35.69 24.34
N ASP D 68 12.89 35.00 25.26
CA ASP D 68 12.96 35.30 26.71
C ASP D 68 14.32 34.85 27.23
N GLU D 69 14.79 33.65 26.85
CA GLU D 69 16.13 33.15 27.25
C GLU D 69 17.18 34.11 26.71
N VAL D 70 17.02 34.58 25.47
CA VAL D 70 17.97 35.54 24.84
C VAL D 70 17.94 36.85 25.63
N ASN D 71 16.76 37.40 25.94
CA ASN D 71 16.66 38.71 26.61
C ASN D 71 17.19 38.59 28.05
N GLU D 72 16.93 37.47 28.74
CA GLU D 72 17.42 37.25 30.14
C GLU D 72 18.95 37.11 30.08
N GLY D 73 19.44 36.28 29.16
CA GLY D 73 20.88 36.05 28.96
C GLY D 73 21.63 37.35 28.74
N VAL D 74 21.12 38.20 27.85
CA VAL D 74 21.79 39.48 27.49
C VAL D 74 21.71 40.44 28.69
N GLU D 75 20.59 40.50 29.41
CA GLU D 75 20.47 41.34 30.66
C GLU D 75 21.53 40.91 31.69
N LYS D 76 21.80 39.61 31.78
CA LYS D 76 22.77 39.06 32.76
C LYS D 76 24.16 39.55 32.35
N ILE D 77 24.50 39.48 31.05
CA ILE D 77 25.82 39.93 30.50
C ILE D 77 25.97 41.42 30.83
N LYS D 78 24.90 42.19 30.60
CA LYS D 78 24.91 43.67 30.80
C LYS D 78 25.27 43.99 32.25
N LYS D 79 24.60 43.33 33.20
CA LYS D 79 24.82 43.51 34.66
C LYS D 79 26.26 43.10 35.00
N GLU D 80 26.71 41.92 34.53
CA GLU D 80 28.00 41.29 34.96
C GLU D 80 29.19 41.88 34.20
N LEU D 81 29.17 41.89 32.87
CA LEU D 81 30.32 42.27 32.02
C LEU D 81 30.12 43.68 31.46
N GLY D 82 28.86 44.07 31.22
CA GLY D 82 28.52 45.26 30.42
C GLY D 82 27.88 44.89 29.11
N SER D 83 27.23 45.86 28.46
CA SER D 83 26.43 45.61 27.24
C SER D 83 27.32 45.02 26.16
N VAL D 84 26.72 44.20 25.30
CA VAL D 84 27.41 43.44 24.23
C VAL D 84 27.76 44.48 23.17
N ASP D 85 29.06 44.65 22.93
CA ASP D 85 29.67 45.44 21.84
C ASP D 85 29.75 44.59 20.56
N ILE D 86 29.98 43.28 20.72
CA ILE D 86 30.37 42.34 19.61
C ILE D 86 29.46 41.12 19.74
N LEU D 87 28.59 40.85 18.77
CA LEU D 87 27.73 39.64 18.78
C LEU D 87 28.20 38.70 17.67
N VAL D 88 28.50 37.45 18.03
CA VAL D 88 28.74 36.37 17.02
C VAL D 88 27.57 35.38 17.03
N ASN D 89 26.79 35.38 15.94
CA ASN D 89 25.67 34.41 15.79
C ASN D 89 26.28 33.12 15.23
N ASN D 90 26.77 32.26 16.12
CA ASN D 90 27.54 31.05 15.73
C ASN D 90 26.64 29.80 15.89
N ALA D 91 25.72 29.81 16.86
CA ALA D 91 24.82 28.68 17.15
C ALA D 91 24.10 28.29 15.86
N ALA D 92 24.07 27.00 15.55
CA ALA D 92 23.42 26.44 14.35
C ALA D 92 22.82 25.06 14.64
N SER D 93 21.75 24.72 13.95
CA SER D 93 21.08 23.39 13.95
C SER D 93 21.09 22.87 12.51
N GLY D 94 21.12 21.55 12.32
CA GLY D 94 20.96 20.90 11.01
C GLY D 94 22.20 21.10 10.13
N ILE D 95 23.34 21.27 10.77
CA ILE D 95 24.62 21.58 10.08
C ILE D 95 24.95 20.49 9.07
N VAL D 96 24.67 19.22 9.42
CA VAL D 96 25.17 18.04 8.65
C VAL D 96 24.04 17.04 8.30
N ARG D 97 22.76 17.41 8.31
CA ARG D 97 21.68 16.65 7.61
C ARG D 97 22.08 16.42 6.16
N ALA D 98 21.59 15.34 5.55
CA ALA D 98 21.83 14.96 4.14
C ALA D 98 20.63 14.14 3.61
N THR D 99 19.43 14.74 3.65
CA THR D 99 18.14 14.14 3.23
C THR D 99 17.52 14.95 2.10
N LEU D 100 17.01 14.30 1.06
CA LEU D 100 16.35 15.01 -0.07
C LEU D 100 15.17 15.82 0.49
N ILE D 101 14.79 16.91 -0.19
CA ILE D 101 13.75 17.82 0.35
C ILE D 101 12.43 17.04 0.63
N GLU D 102 11.96 16.19 -0.28
CA GLU D 102 10.65 15.46 -0.13
C GLU D 102 10.72 14.47 1.04
N LYS D 103 11.93 14.08 1.46
CA LYS D 103 12.12 13.15 2.61
C LYS D 103 12.53 13.95 3.86
N THR D 104 12.61 15.29 3.77
CA THR D 104 13.02 16.14 4.92
C THR D 104 11.78 16.37 5.78
N ALA D 105 11.83 16.03 7.06
CA ALA D 105 10.71 16.18 8.02
C ALA D 105 10.52 17.67 8.33
N LYS D 106 9.29 18.14 8.26
CA LYS D 106 8.94 19.53 8.58
C LYS D 106 9.56 19.95 9.92
N GLU D 107 9.65 19.06 10.92
CA GLU D 107 10.04 19.50 12.28
C GLU D 107 11.55 19.72 12.33
N ASP D 108 12.31 19.02 11.50
CA ASP D 108 13.77 19.26 11.33
C ASP D 108 13.91 20.62 10.64
N TRP D 109 13.14 20.85 9.58
CA TRP D 109 13.11 22.15 8.83
C TRP D 109 12.78 23.30 9.79
N ASP D 110 11.73 23.18 10.60
CA ASP D 110 11.28 24.26 11.49
C ASP D 110 12.37 24.55 12.50
N GLN D 111 12.92 23.52 13.13
CA GLN D 111 13.97 23.69 14.15
C GLN D 111 15.14 24.47 13.52
N ASP D 112 15.58 24.08 12.31
CA ASP D 112 16.74 24.74 11.64
C ASP D 112 16.41 26.23 11.41
N LEU D 113 15.17 26.57 11.02
CA LEU D 113 14.78 27.99 10.83
C LEU D 113 14.78 28.73 12.17
N ARG D 114 14.25 28.11 13.24
CA ARG D 114 14.09 28.77 14.55
C ARG D 114 15.50 29.11 15.09
N VAL D 115 16.42 28.17 14.97
CA VAL D 115 17.76 28.33 15.58
C VAL D 115 18.59 29.23 14.66
N ASN D 116 18.63 28.96 13.37
CA ASN D 116 19.60 29.63 12.46
C ASN D 116 19.13 31.05 12.14
N LEU D 117 17.83 31.28 11.95
CA LEU D 117 17.33 32.62 11.53
C LEU D 117 16.79 33.37 12.74
N THR D 118 15.81 32.80 13.42
CA THR D 118 15.19 33.44 14.61
C THR D 118 16.25 33.63 15.71
N GLY D 119 17.19 32.71 15.87
CA GLY D 119 18.27 32.88 16.84
C GLY D 119 19.01 34.18 16.61
N ALA D 120 19.45 34.39 15.37
CA ALA D 120 20.20 35.61 14.98
C ALA D 120 19.31 36.83 15.22
N PHE D 121 18.06 36.78 14.76
CA PHE D 121 17.05 37.85 14.90
C PHE D 121 16.95 38.22 16.39
N ASN D 122 16.65 37.23 17.26
CA ASN D 122 16.44 37.44 18.71
C ASN D 122 17.67 38.12 19.32
N CYS D 123 18.87 37.60 19.05
CA CYS D 123 20.13 38.09 19.64
C CYS D 123 20.39 39.53 19.16
N ILE D 124 20.25 39.77 17.86
CA ILE D 124 20.49 41.11 17.28
C ILE D 124 19.53 42.12 17.92
N LYS D 125 18.26 41.74 18.06
CA LYS D 125 17.21 42.57 18.70
C LYS D 125 17.63 42.93 20.13
N ALA D 126 18.17 41.98 20.90
CA ALA D 126 18.51 42.16 22.32
C ALA D 126 19.71 43.11 22.50
N VAL D 127 20.65 43.11 21.55
CA VAL D 127 21.97 43.79 21.75
C VAL D 127 21.96 45.14 21.05
N ILE D 128 21.18 45.31 19.99
CA ILE D 128 21.40 46.48 19.09
C ILE D 128 20.93 47.82 19.74
N PRO D 129 19.92 47.90 20.64
CA PRO D 129 19.64 49.16 21.36
C PRO D 129 20.85 49.77 22.07
N ASP D 130 21.56 49.00 22.89
CA ASP D 130 22.80 49.47 23.60
C ASP D 130 23.91 49.79 22.58
N MET D 131 24.06 49.05 21.47
CA MET D 131 25.05 49.42 20.42
C MET D 131 24.72 50.80 19.85
N LYS D 132 23.44 51.06 19.53
CA LYS D 132 22.95 52.39 19.09
C LYS D 132 23.28 53.45 20.16
N LYS D 133 22.96 53.22 21.42
CA LYS D 133 23.21 54.19 22.53
C LYS D 133 24.70 54.51 22.61
N ASN D 134 25.58 53.50 22.46
CA ASN D 134 27.04 53.63 22.65
C ASN D 134 27.72 53.99 21.32
N ASN D 135 26.98 54.07 20.22
CA ASN D 135 27.52 54.44 18.91
C ASN D 135 28.68 53.51 18.56
N TRP D 136 28.50 52.22 18.79
CA TRP D 136 29.52 51.21 18.42
C TRP D 136 28.90 49.82 18.49
N GLY D 137 29.16 49.04 17.45
CA GLY D 137 28.75 47.63 17.47
C GLY D 137 29.40 46.84 16.36
N ARG D 138 29.49 45.54 16.57
CA ARG D 138 30.04 44.57 15.59
C ARG D 138 29.15 43.34 15.67
N ILE D 139 28.47 42.99 14.58
CA ILE D 139 27.60 41.78 14.53
C ILE D 139 28.13 40.91 13.40
N ILE D 140 28.48 39.66 13.73
CA ILE D 140 29.06 38.69 12.77
C ILE D 140 28.11 37.50 12.69
N ASN D 141 27.58 37.26 11.50
CA ASN D 141 26.68 36.13 11.22
C ASN D 141 27.52 35.07 10.49
N ILE D 142 27.30 33.83 10.89
CA ILE D 142 28.05 32.66 10.34
C ILE D 142 27.16 32.00 9.30
N SER D 143 27.60 32.11 8.06
CA SER D 143 26.99 31.52 6.87
C SER D 143 27.89 30.37 6.35
N SER D 144 27.57 29.86 5.16
CA SER D 144 28.18 28.66 4.54
C SER D 144 28.10 28.80 3.02
N VAL D 145 29.12 28.30 2.32
CA VAL D 145 29.09 28.17 0.85
C VAL D 145 27.92 27.29 0.46
N THR D 146 27.33 26.52 1.39
CA THR D 146 26.08 25.77 1.12
C THR D 146 24.96 26.77 0.83
N GLY D 147 24.96 27.92 1.52
CA GLY D 147 23.99 29.00 1.29
C GLY D 147 24.23 29.70 -0.02
N THR D 148 25.46 29.77 -0.54
CA THR D 148 25.70 30.54 -1.78
C THR D 148 25.73 29.63 -3.00
N MET D 149 25.90 28.31 -2.83
CA MET D 149 26.15 27.38 -3.96
C MET D 149 25.19 26.19 -3.88
N GLY D 150 24.34 26.14 -2.88
CA GLY D 150 23.45 24.98 -2.65
C GLY D 150 24.19 23.82 -1.98
N GLY D 151 23.43 22.92 -1.38
CA GLY D 151 23.95 21.64 -0.87
C GLY D 151 22.92 20.56 -1.05
N SER D 152 23.20 19.55 -1.86
CA SER D 152 22.27 18.41 -2.05
C SER D 152 21.91 17.86 -0.67
N GLY D 153 20.61 17.72 -0.38
CA GLY D 153 20.14 17.15 0.89
C GLY D 153 20.21 18.11 2.07
N GLN D 154 20.50 19.39 1.87
CA GLN D 154 20.67 20.36 2.98
C GLN D 154 19.68 21.51 2.81
N CYS D 155 18.42 21.23 2.45
CA CYS D 155 17.47 22.30 2.07
C CYS D 155 17.39 23.33 3.22
N SER D 156 17.24 22.91 4.46
CA SER D 156 17.04 23.87 5.59
C SER D 156 18.32 24.70 5.82
N TYR D 157 19.49 24.08 5.70
CA TYR D 157 20.79 24.70 6.05
C TYR D 157 21.17 25.70 4.95
N ALA D 158 21.11 25.30 3.69
CA ALA D 158 21.42 26.19 2.57
C ALA D 158 20.49 27.41 2.67
N THR D 159 19.20 27.16 2.98
CA THR D 159 18.15 28.20 3.06
C THR D 159 18.49 29.19 4.18
N THR D 160 18.82 28.68 5.37
CA THR D 160 19.05 29.53 6.58
C THR D 160 20.40 30.25 6.41
N LYS D 161 21.39 29.60 5.81
CA LYS D 161 22.74 30.19 5.67
C LYS D 161 22.72 31.28 4.56
N ALA D 162 21.92 31.10 3.50
CA ALA D 162 21.66 32.18 2.52
C ALA D 162 20.83 33.29 3.20
N GLY D 163 19.81 32.92 3.96
CA GLY D 163 18.93 33.92 4.59
C GLY D 163 19.75 34.87 5.45
N LEU D 164 20.76 34.33 6.12
CA LEU D 164 21.57 35.12 7.07
C LEU D 164 22.30 36.23 6.30
N ILE D 165 22.58 36.04 5.01
CA ILE D 165 23.20 37.11 4.18
C ILE D 165 22.20 38.26 3.98
N GLY D 166 20.92 37.97 3.74
CA GLY D 166 19.89 39.02 3.66
C GLY D 166 19.73 39.76 4.99
N LEU D 167 19.64 39.02 6.09
CA LEU D 167 19.59 39.62 7.44
C LEU D 167 20.77 40.58 7.59
N THR D 168 21.97 40.10 7.27
CA THR D 168 23.25 40.85 7.44
C THR D 168 23.11 42.22 6.78
N LYS D 169 22.59 42.28 5.55
CA LYS D 169 22.55 43.49 4.72
C LYS D 169 21.50 44.45 5.30
N THR D 170 20.39 43.93 5.83
CA THR D 170 19.35 44.79 6.48
C THR D 170 19.95 45.43 7.75
N VAL D 171 20.50 44.63 8.66
CA VAL D 171 21.08 45.10 9.94
C VAL D 171 22.25 46.08 9.68
N ALA D 172 23.05 45.82 8.65
CA ALA D 172 24.10 46.76 8.21
C ALA D 172 23.47 48.12 7.84
N LEU D 173 22.36 48.13 7.10
CA LEU D 173 21.67 49.38 6.71
C LEU D 173 21.14 50.10 7.97
N GLU D 174 20.47 49.41 8.89
CA GLU D 174 19.90 50.03 10.11
C GLU D 174 20.97 50.48 11.09
N GLY D 175 22.19 49.90 11.05
CA GLY D 175 23.21 50.10 12.10
C GLY D 175 24.28 51.06 11.67
N ALA D 176 24.40 51.29 10.37
CA ALA D 176 25.52 52.03 9.74
C ALA D 176 25.75 53.39 10.43
N ARG D 177 24.70 54.18 10.68
CA ARG D 177 24.84 55.58 11.18
C ARG D 177 25.37 55.58 12.62
N TYR D 178 25.37 54.42 13.29
CA TYR D 178 25.73 54.29 14.71
C TYR D 178 27.08 53.56 14.84
N ASN D 179 27.84 53.47 13.76
CA ASN D 179 29.13 52.73 13.74
C ASN D 179 28.88 51.28 14.19
N ILE D 180 27.72 50.71 13.87
CA ILE D 180 27.43 49.27 14.04
C ILE D 180 27.69 48.63 12.68
N THR D 181 28.66 47.72 12.55
CA THR D 181 28.83 46.97 11.28
C THR D 181 28.19 45.60 11.43
N CYS D 182 27.73 45.03 10.33
CA CYS D 182 27.15 43.67 10.31
C CYS D 182 27.62 42.95 9.06
N ASN D 183 28.29 41.81 9.25
CA ASN D 183 28.96 41.06 8.17
C ASN D 183 28.70 39.59 8.40
N ALA D 184 28.71 38.84 7.31
CA ALA D 184 28.53 37.37 7.29
C ALA D 184 29.85 36.76 6.87
N LEU D 185 30.30 35.75 7.61
CA LEU D 185 31.41 34.89 7.16
C LEU D 185 30.77 33.68 6.48
N VAL D 186 31.11 33.51 5.22
CA VAL D 186 30.66 32.35 4.40
C VAL D 186 31.77 31.29 4.51
N LEU D 187 31.56 30.30 5.39
CA LEU D 187 32.56 29.24 5.73
C LEU D 187 32.58 28.17 4.64
N GLY D 188 33.77 27.68 4.33
CA GLY D 188 33.98 26.37 3.69
C GLY D 188 33.84 25.29 4.73
N VAL D 189 34.87 24.48 4.91
CA VAL D 189 34.91 23.40 5.93
C VAL D 189 36.13 23.59 6.82
N PHE D 190 36.00 23.26 8.10
CA PHE D 190 37.06 23.43 9.12
C PHE D 190 37.34 22.09 9.82
N GLY D 191 38.61 21.89 10.16
CA GLY D 191 39.14 20.72 10.88
C GLY D 191 39.39 21.02 12.34
N GLY D 192 40.64 21.23 12.72
CA GLY D 192 41.07 21.21 14.14
C GLY D 192 41.30 19.78 14.59
N ARG D 193 41.09 19.48 15.87
CA ARG D 193 41.59 18.24 16.50
C ARG D 193 40.64 17.07 16.21
N GLY D 194 39.38 17.34 15.88
CA GLY D 194 38.29 16.34 15.82
C GLY D 194 36.94 16.97 16.11
N ARG D 195 35.96 16.15 16.45
CA ARG D 195 34.54 16.58 16.58
C ARG D 195 34.43 17.72 17.58
N GLU D 196 35.35 17.82 18.55
CA GLU D 196 35.23 18.80 19.66
C GLU D 196 35.46 20.22 19.08
N ASP D 197 36.09 20.32 17.91
CA ASP D 197 36.44 21.61 17.25
C ASP D 197 35.54 21.93 16.05
N SER D 198 34.84 20.95 15.47
CA SER D 198 34.21 21.07 14.15
C SER D 198 33.20 19.95 13.93
N SER D 199 32.00 20.35 13.51
CA SER D 199 30.88 19.46 13.16
C SER D 199 31.19 18.77 11.84
N PHE D 200 32.18 19.24 11.08
CA PHE D 200 32.67 18.56 9.86
C PHE D 200 32.97 17.06 10.10
N TYR D 201 33.39 16.70 11.32
CA TYR D 201 33.76 15.31 11.73
C TYR D 201 32.51 14.44 11.86
N ASP D 202 31.31 15.01 11.79
CA ASP D 202 30.03 14.25 11.73
C ASP D 202 29.74 13.76 10.31
N VAL D 203 30.41 14.33 9.31
CA VAL D 203 30.37 13.84 7.90
C VAL D 203 31.33 12.65 7.82
N ALA D 204 30.86 11.53 7.27
CA ALA D 204 31.65 10.28 7.09
C ALA D 204 32.94 10.61 6.35
N GLU D 205 34.06 10.02 6.80
CA GLU D 205 35.43 10.37 6.35
C GLU D 205 35.53 10.32 4.82
N PRO D 206 34.99 9.30 4.12
CA PRO D 206 35.12 9.25 2.66
C PRO D 206 34.49 10.47 1.98
N PHE D 207 33.45 11.06 2.58
CA PHE D 207 32.82 12.31 2.08
C PHE D 207 33.79 13.46 2.37
N ARG D 208 34.35 13.53 3.59
CA ARG D 208 35.28 14.62 3.97
C ARG D 208 36.43 14.68 2.98
N GLU D 209 37.05 13.54 2.67
CA GLU D 209 38.26 13.47 1.80
C GLU D 209 37.89 14.07 0.44
N ARG D 210 36.65 13.87 -0.02
CA ARG D 210 36.18 14.36 -1.33
C ARG D 210 35.92 15.87 -1.27
N ILE D 211 35.30 16.39 -0.19
CA ILE D 211 35.09 17.84 0.02
C ILE D 211 36.45 18.56 0.08
N ILE D 212 37.42 18.01 0.81
CA ILE D 212 38.80 18.59 0.93
C ILE D 212 39.45 18.66 -0.47
N LYS D 213 39.17 17.70 -1.36
CA LYS D 213 39.74 17.68 -2.73
C LYS D 213 39.11 18.78 -3.59
N ARG D 214 37.92 19.27 -3.19
CA ARG D 214 37.24 20.41 -3.87
C ARG D 214 37.69 21.78 -3.34
N THR D 215 38.52 21.85 -2.29
CA THR D 215 39.16 23.09 -1.79
C THR D 215 40.45 23.31 -2.59
N ALA D 216 40.75 24.54 -3.00
CA ALA D 216 41.97 24.86 -3.78
C ALA D 216 43.20 24.56 -2.92
N MET D 217 43.09 24.70 -1.60
CA MET D 217 44.22 24.52 -0.64
C MET D 217 44.34 23.05 -0.18
N ARG D 218 43.46 22.16 -0.63
CA ARG D 218 43.54 20.69 -0.42
C ARG D 218 43.65 20.41 1.08
N ARG D 219 42.97 21.21 1.90
CA ARG D 219 42.82 20.96 3.36
C ARG D 219 41.61 21.72 3.85
N PRO D 220 41.01 21.27 4.97
CA PRO D 220 39.99 22.04 5.66
C PRO D 220 40.76 23.17 6.37
N GLY D 221 40.08 24.20 6.84
CA GLY D 221 40.70 25.34 7.54
C GLY D 221 40.92 25.00 8.99
N ASP D 222 41.95 25.57 9.61
CA ASP D 222 42.08 25.49 11.09
C ASP D 222 41.04 26.45 11.67
N PRO D 223 40.36 26.09 12.77
CA PRO D 223 39.46 27.04 13.43
C PRO D 223 40.03 28.46 13.53
N LYS D 224 41.31 28.60 13.88
CA LYS D 224 42.00 29.91 14.08
C LYS D 224 41.98 30.72 12.76
N GLU D 225 42.05 30.04 11.61
CA GLU D 225 42.06 30.73 10.30
C GLU D 225 40.70 31.38 10.06
N LEU D 226 39.65 30.94 10.76
CA LEU D 226 38.32 31.58 10.72
C LEU D 226 38.25 32.64 11.82
N SER D 227 38.58 32.24 13.06
CA SER D 227 38.49 33.11 14.26
C SER D 227 39.29 34.40 14.05
N ASN D 228 40.43 34.31 13.37
CA ASN D 228 41.28 35.51 13.13
C ASN D 228 40.61 36.46 12.12
N VAL D 229 39.89 35.96 11.12
CA VAL D 229 39.13 36.84 10.18
C VAL D 229 38.02 37.50 11.00
N LEU D 230 37.31 36.70 11.79
CA LEU D 230 36.22 37.18 12.70
C LEU D 230 36.75 38.30 13.60
N ALA D 231 37.87 38.06 14.30
CA ALA D 231 38.47 38.99 15.29
C ALA D 231 38.86 40.29 14.58
N PHE D 232 39.32 40.25 13.34
CA PHE D 232 39.59 41.49 12.56
C PHE D 232 38.28 42.28 12.33
N LEU D 233 37.22 41.62 11.90
CA LEU D 233 35.90 42.25 11.63
C LEU D 233 35.35 42.91 12.90
N ALA D 234 35.62 42.28 14.05
CA ALA D 234 35.16 42.72 15.40
C ALA D 234 35.97 43.91 15.90
N SER D 235 37.05 44.31 15.20
CA SER D 235 37.93 45.40 15.68
C SER D 235 37.42 46.76 15.18
N ASP D 236 37.92 47.83 15.78
CA ASP D 236 37.60 49.23 15.36
C ASP D 236 38.08 49.45 13.92
N GLU D 237 39.18 48.79 13.54
CA GLU D 237 39.85 49.03 12.24
C GLU D 237 38.94 48.55 11.08
N ALA D 238 38.00 47.63 11.31
CA ALA D 238 37.06 47.16 10.27
C ALA D 238 35.78 48.01 10.24
N SER D 239 35.88 49.31 10.60
CA SER D 239 34.74 50.27 10.67
C SER D 239 34.10 50.58 9.29
N TYR D 240 34.75 50.31 8.16
CA TYR D 240 34.20 50.63 6.81
C TYR D 240 33.79 49.36 6.05
N VAL D 241 33.80 48.20 6.70
CA VAL D 241 33.34 46.91 6.10
C VAL D 241 31.97 46.64 6.70
N THR D 242 30.92 46.67 5.91
CA THR D 242 29.59 46.33 6.45
C THR D 242 28.71 45.76 5.36
N GLY D 243 27.83 44.83 5.74
CA GLY D 243 26.90 44.16 4.82
C GLY D 243 27.59 43.17 3.90
N ASP D 244 28.84 42.79 4.14
CA ASP D 244 29.55 41.87 3.21
C ASP D 244 29.33 40.40 3.62
N ALA D 245 29.42 39.53 2.61
CA ALA D 245 29.52 38.06 2.69
C ALA D 245 30.98 37.73 2.35
N ILE D 246 31.82 37.51 3.34
CA ILE D 246 33.28 37.29 3.12
C ILE D 246 33.51 35.79 3.24
N VAL D 247 34.05 35.21 2.19
CA VAL D 247 34.27 33.74 2.09
C VAL D 247 35.57 33.40 2.80
N VAL D 248 35.54 32.48 3.77
CA VAL D 248 36.77 31.92 4.40
C VAL D 248 36.71 30.41 4.11
N GLY D 249 37.28 29.98 3.00
CA GLY D 249 36.93 28.63 2.48
C GLY D 249 38.04 27.96 1.67
N GLY D 250 39.27 28.49 1.69
CA GLY D 250 40.43 27.89 1.00
C GLY D 250 40.16 27.55 -0.45
N GLY D 251 39.31 28.34 -1.11
CA GLY D 251 39.05 28.25 -2.55
C GLY D 251 38.05 27.16 -2.89
N ILE D 252 37.30 26.65 -1.91
CA ILE D 252 36.19 25.67 -2.12
C ILE D 252 35.10 26.26 -3.06
N ASP D 253 35.01 27.59 -3.20
CA ASP D 253 33.96 28.28 -4.00
C ASP D 253 34.54 28.59 -5.39
N LEU D 254 35.80 28.26 -5.65
CA LEU D 254 36.44 28.46 -6.97
C LEU D 254 36.21 27.20 -7.85
N PHE D 255 36.53 27.28 -9.13
CA PHE D 255 36.43 26.13 -10.07
C PHE D 255 37.73 25.32 -9.94
N THR D 256 37.81 24.41 -8.98
CA THR D 256 39.06 23.70 -8.61
C THR D 256 39.20 22.40 -9.40
N PHE D 257 40.25 22.25 -10.21
CA PHE D 257 40.75 20.95 -10.75
C PHE D 257 39.65 20.25 -11.57
N SER E 2 14.02 -62.93 -0.26
CA SER E 2 14.43 -61.95 0.76
C SER E 2 13.30 -60.96 1.05
N LEU E 3 12.40 -60.68 0.10
CA LEU E 3 11.37 -59.59 0.25
C LEU E 3 9.94 -60.12 0.40
N GLN E 4 9.74 -61.42 0.61
CA GLN E 4 8.44 -62.03 1.00
C GLN E 4 7.88 -61.29 2.22
N LYS E 5 6.56 -61.16 2.30
CA LYS E 5 5.81 -60.47 3.38
C LYS E 5 5.81 -58.97 3.15
N ARG E 6 6.59 -58.46 2.18
CA ARG E 6 6.75 -56.99 2.02
C ARG E 6 6.00 -56.49 0.79
N VAL E 7 5.58 -55.23 0.84
CA VAL E 7 4.94 -54.50 -0.28
C VAL E 7 5.82 -53.29 -0.63
N ALA E 8 6.20 -53.22 -1.90
CA ALA E 8 7.02 -52.13 -2.48
C ALA E 8 6.13 -51.25 -3.33
N LEU E 9 6.34 -49.93 -3.31
CA LEU E 9 5.77 -48.97 -4.28
C LEU E 9 6.93 -48.37 -5.08
N VAL E 10 6.98 -48.60 -6.39
CA VAL E 10 7.99 -47.95 -7.28
C VAL E 10 7.27 -46.85 -8.07
N THR E 11 7.64 -45.59 -7.81
CA THR E 11 7.10 -44.44 -8.59
C THR E 11 7.82 -44.43 -9.94
N GLY E 12 7.11 -44.08 -10.99
CA GLY E 12 7.56 -44.26 -12.38
C GLY E 12 7.92 -45.71 -12.63
N GLY E 13 7.06 -46.64 -12.21
CA GLY E 13 7.22 -48.08 -12.52
C GLY E 13 6.77 -48.43 -13.93
N SER E 14 6.22 -47.46 -14.66
CA SER E 14 5.47 -47.67 -15.93
C SER E 14 6.45 -48.00 -17.05
N GLY E 15 7.73 -47.71 -16.88
CA GLY E 15 8.78 -48.11 -17.84
C GLY E 15 10.13 -47.64 -17.35
N GLY E 16 11.14 -47.67 -18.21
CA GLY E 16 12.53 -47.33 -17.88
C GLY E 16 13.12 -48.15 -16.73
N LEU E 17 13.95 -47.52 -15.90
CA LEU E 17 14.67 -48.19 -14.79
C LEU E 17 13.67 -48.64 -13.73
N GLY E 18 12.60 -47.87 -13.55
CA GLY E 18 11.53 -48.12 -12.56
C GLY E 18 10.86 -49.48 -12.78
N ARG E 19 10.56 -49.79 -14.04
CA ARG E 19 10.01 -51.11 -14.42
C ARG E 19 10.98 -52.19 -13.93
N VAL E 20 12.28 -52.07 -14.20
CA VAL E 20 13.25 -53.14 -13.81
C VAL E 20 13.38 -53.19 -12.28
N HIS E 21 13.25 -52.05 -11.57
CA HIS E 21 13.25 -52.05 -10.10
C HIS E 21 12.04 -52.88 -9.60
N ALA E 22 10.84 -52.59 -10.09
CA ALA E 22 9.59 -53.30 -9.71
C ALA E 22 9.75 -54.82 -9.98
N LEU E 23 10.21 -55.21 -11.17
CA LEU E 23 10.37 -56.64 -11.53
C LEU E 23 11.39 -57.30 -10.60
N THR E 24 12.52 -56.64 -10.29
CA THR E 24 13.59 -57.17 -9.41
C THR E 24 13.03 -57.37 -7.99
N LEU E 25 12.29 -56.39 -7.48
CA LEU E 25 11.73 -56.48 -6.11
C LEU E 25 10.73 -57.64 -6.10
N ALA E 26 9.98 -57.80 -7.20
CA ALA E 26 9.00 -58.90 -7.36
C ALA E 26 9.70 -60.27 -7.39
N GLN E 27 10.78 -60.40 -8.17
CA GLN E 27 11.58 -61.66 -8.22
C GLN E 27 12.10 -62.00 -6.83
N ASN E 28 12.37 -61.02 -5.96
CA ASN E 28 12.98 -61.26 -4.63
C ASN E 28 11.89 -61.48 -3.57
N GLY E 29 10.62 -61.50 -3.98
CA GLY E 29 9.49 -61.98 -3.14
C GLY E 29 8.47 -60.90 -2.78
N ALA E 30 8.69 -59.65 -3.15
CA ALA E 30 7.77 -58.54 -2.79
C ALA E 30 6.51 -58.59 -3.64
N ASP E 31 5.38 -58.20 -3.06
CA ASP E 31 4.21 -57.68 -3.81
C ASP E 31 4.49 -56.22 -4.17
N VAL E 32 4.16 -55.82 -5.39
CA VAL E 32 4.70 -54.55 -5.97
C VAL E 32 3.57 -53.74 -6.59
N ALA E 33 3.40 -52.52 -6.08
CA ALA E 33 2.62 -51.43 -6.70
C ALA E 33 3.54 -50.58 -7.57
N VAL E 34 3.08 -50.23 -8.76
CA VAL E 34 3.77 -49.28 -9.68
C VAL E 34 2.82 -48.13 -10.00
N THR E 35 3.37 -46.92 -10.09
CA THR E 35 2.62 -45.75 -10.60
C THR E 35 2.82 -45.65 -12.11
N GLY E 36 1.76 -45.18 -12.77
CA GLY E 36 1.82 -44.57 -14.10
C GLY E 36 1.23 -43.19 -14.00
N ASN E 37 1.73 -42.23 -14.78
CA ASN E 37 1.16 -40.87 -14.81
C ASN E 37 0.56 -40.60 -16.20
N ARG E 38 1.42 -40.43 -17.21
CA ARG E 38 1.04 -40.34 -18.64
C ARG E 38 0.99 -41.73 -19.30
N ASN E 39 1.40 -42.81 -18.61
CA ASN E 39 1.43 -44.17 -19.23
C ASN E 39 0.88 -45.23 -18.25
N ILE E 40 -0.32 -45.00 -17.72
CA ILE E 40 -1.01 -45.94 -16.80
C ILE E 40 -1.13 -47.32 -17.46
N ASP E 41 -1.28 -47.39 -18.79
CA ASP E 41 -1.40 -48.66 -19.55
C ASP E 41 -0.08 -49.44 -19.42
N LYS E 42 1.06 -48.78 -19.60
CA LYS E 42 2.38 -49.44 -19.45
C LYS E 42 2.53 -49.93 -18.00
N ALA E 43 2.01 -49.19 -17.02
CA ALA E 43 2.04 -49.59 -15.60
C ALA E 43 1.27 -50.91 -15.42
N GLU E 44 0.10 -51.03 -16.04
CA GLU E 44 -0.79 -52.21 -15.92
C GLU E 44 -0.09 -53.38 -16.60
N SER E 45 0.56 -53.15 -17.73
CA SER E 45 1.42 -54.17 -18.37
C SER E 45 2.54 -54.60 -17.40
N VAL E 46 3.14 -53.69 -16.62
CA VAL E 46 4.21 -54.10 -15.66
C VAL E 46 3.56 -54.87 -14.50
N ALA E 47 2.39 -54.46 -14.01
CA ALA E 47 1.67 -55.21 -12.96
C ALA E 47 1.42 -56.66 -13.42
N ASN E 48 1.08 -56.86 -14.69
CA ASN E 48 0.80 -58.20 -15.25
C ASN E 48 2.08 -59.03 -15.30
N GLU E 49 3.20 -58.44 -15.72
CA GLU E 49 4.54 -59.08 -15.66
C GLU E 49 4.80 -59.57 -14.23
N ILE E 50 4.57 -58.68 -13.24
CA ILE E 50 4.78 -58.99 -11.80
C ILE E 50 3.88 -60.17 -11.41
N ARG E 51 2.58 -60.12 -11.76
CA ARG E 51 1.60 -61.20 -11.50
C ARG E 51 2.10 -62.50 -12.15
N ALA E 52 2.67 -62.44 -13.36
CA ALA E 52 3.20 -63.63 -14.06
C ALA E 52 4.43 -64.18 -13.31
N LEU E 53 4.97 -63.47 -12.31
CA LEU E 53 6.07 -64.03 -11.48
C LEU E 53 5.49 -64.69 -10.24
N GLY E 54 4.17 -64.69 -10.04
CA GLY E 54 3.50 -65.29 -8.88
C GLY E 54 3.33 -64.35 -7.68
N ARG E 55 3.60 -63.06 -7.85
CA ARG E 55 3.40 -62.01 -6.82
C ARG E 55 2.10 -61.26 -7.13
N LYS E 56 1.52 -60.59 -6.13
CA LYS E 56 0.41 -59.62 -6.36
C LYS E 56 1.00 -58.27 -6.82
N ALA E 57 0.25 -57.53 -7.63
CA ALA E 57 0.65 -56.25 -8.22
C ALA E 57 -0.56 -55.32 -8.22
N LEU E 58 -0.30 -54.02 -8.25
CA LEU E 58 -1.34 -53.01 -8.53
C LEU E 58 -0.71 -51.87 -9.33
N ALA E 59 -1.37 -51.43 -10.38
CA ALA E 59 -1.01 -50.20 -11.10
C ALA E 59 -1.93 -49.10 -10.58
N ILE E 60 -1.35 -48.01 -10.10
CA ILE E 60 -2.13 -46.81 -9.72
C ILE E 60 -1.69 -45.67 -10.64
N LYS E 61 -2.64 -44.80 -10.96
CA LYS E 61 -2.46 -43.55 -11.74
C LYS E 61 -2.17 -42.45 -10.72
N VAL E 62 -0.94 -41.92 -10.76
CA VAL E 62 -0.42 -40.97 -9.75
C VAL E 62 0.53 -40.00 -10.43
N ASP E 63 0.22 -38.72 -10.30
CA ASP E 63 1.19 -37.61 -10.46
C ASP E 63 1.73 -37.35 -9.06
N VAL E 64 2.98 -37.73 -8.80
CA VAL E 64 3.55 -37.73 -7.42
C VAL E 64 3.59 -36.30 -6.87
N SER E 65 3.54 -35.26 -7.73
CA SER E 65 3.55 -33.82 -7.31
C SER E 65 2.22 -33.48 -6.65
N ASN E 66 1.20 -34.31 -6.88
CA ASN E 66 -0.18 -34.07 -6.38
C ASN E 66 -0.43 -34.89 -5.11
N GLU E 67 -0.56 -34.24 -3.96
CA GLU E 67 -0.64 -34.94 -2.65
C GLU E 67 -1.92 -35.80 -2.58
N ASP E 68 -3.05 -35.39 -3.18
CA ASP E 68 -4.34 -36.14 -3.10
C ASP E 68 -4.22 -37.40 -3.96
N GLU E 69 -3.62 -37.30 -5.15
CA GLU E 69 -3.38 -38.51 -5.99
C GLU E 69 -2.47 -39.48 -5.21
N VAL E 70 -1.37 -39.02 -4.61
CA VAL E 70 -0.39 -39.88 -3.89
C VAL E 70 -1.11 -40.58 -2.73
N ASN E 71 -1.89 -39.85 -1.95
CA ASN E 71 -2.54 -40.37 -0.72
C ASN E 71 -3.63 -41.38 -1.11
N GLU E 72 -4.34 -41.16 -2.21
CA GLU E 72 -5.37 -42.09 -2.75
C GLU E 72 -4.68 -43.39 -3.20
N GLY E 73 -3.65 -43.28 -4.04
CA GLY E 73 -2.86 -44.41 -4.54
C GLY E 73 -2.31 -45.25 -3.41
N VAL E 74 -1.84 -44.62 -2.33
CA VAL E 74 -1.26 -45.34 -1.16
C VAL E 74 -2.40 -46.04 -0.41
N GLU E 75 -3.55 -45.38 -0.26
CA GLU E 75 -4.71 -45.99 0.46
C GLU E 75 -5.16 -47.20 -0.37
N LYS E 76 -5.22 -47.07 -1.68
CA LYS E 76 -5.59 -48.18 -2.61
C LYS E 76 -4.59 -49.33 -2.40
N ILE E 77 -3.29 -49.04 -2.36
CA ILE E 77 -2.23 -50.07 -2.16
C ILE E 77 -2.49 -50.76 -0.80
N LYS E 78 -2.76 -50.00 0.25
CA LYS E 78 -2.99 -50.59 1.59
C LYS E 78 -4.15 -51.61 1.50
N LYS E 79 -5.27 -51.20 0.91
CA LYS E 79 -6.50 -52.02 0.80
C LYS E 79 -6.19 -53.30 0.01
N GLU E 80 -5.49 -53.22 -1.12
CA GLU E 80 -5.32 -54.34 -2.09
C GLU E 80 -4.14 -55.25 -1.72
N LEU E 81 -2.98 -54.70 -1.33
CA LEU E 81 -1.71 -55.47 -1.11
C LEU E 81 -1.30 -55.41 0.37
N GLY E 82 -1.81 -54.47 1.15
CA GLY E 82 -1.26 -54.14 2.48
C GLY E 82 -0.37 -52.90 2.42
N SER E 83 0.04 -52.39 3.58
CA SER E 83 0.76 -51.10 3.71
C SER E 83 2.15 -51.22 3.07
N VAL E 84 2.61 -50.14 2.45
CA VAL E 84 3.92 -50.07 1.76
C VAL E 84 5.04 -50.23 2.79
N ASP E 85 5.94 -51.19 2.55
CA ASP E 85 7.13 -51.44 3.38
C ASP E 85 8.37 -50.81 2.72
N ILE E 86 8.39 -50.75 1.38
CA ILE E 86 9.54 -50.35 0.52
C ILE E 86 9.03 -49.29 -0.47
N LEU E 87 9.53 -48.06 -0.36
CA LEU E 87 9.20 -46.96 -1.31
C LEU E 87 10.46 -46.64 -2.13
N VAL E 88 10.36 -46.76 -3.45
CA VAL E 88 11.39 -46.25 -4.39
C VAL E 88 10.85 -44.99 -5.06
N ASN E 89 11.42 -43.84 -4.71
CA ASN E 89 11.14 -42.54 -5.34
C ASN E 89 11.94 -42.49 -6.63
N ASN E 90 11.41 -43.05 -7.71
CA ASN E 90 12.15 -43.20 -8.99
C ASN E 90 11.60 -42.24 -10.05
N ALA E 91 10.32 -41.86 -9.99
CA ALA E 91 9.71 -40.89 -10.92
C ALA E 91 10.55 -39.61 -10.97
N ALA E 92 10.74 -39.04 -12.15
CA ALA E 92 11.55 -37.81 -12.31
C ALA E 92 11.10 -37.08 -13.56
N SER E 93 11.18 -35.76 -13.47
CA SER E 93 11.00 -34.79 -14.56
C SER E 93 12.35 -34.11 -14.87
N GLY E 94 12.57 -33.77 -16.13
CA GLY E 94 13.68 -32.91 -16.56
C GLY E 94 14.99 -33.64 -16.53
N ILE E 95 14.97 -34.94 -16.79
CA ILE E 95 16.18 -35.80 -16.68
C ILE E 95 17.20 -35.38 -17.72
N VAL E 96 16.72 -34.96 -18.90
CA VAL E 96 17.59 -34.79 -20.09
C VAL E 96 17.44 -33.37 -20.65
N ARG E 97 16.97 -32.42 -19.84
CA ARG E 97 17.13 -30.95 -20.12
C ARG E 97 18.60 -30.66 -20.42
N ALA E 98 18.85 -29.76 -21.38
CA ALA E 98 20.19 -29.25 -21.69
C ALA E 98 20.04 -27.80 -22.15
N THR E 99 19.79 -26.92 -21.18
CA THR E 99 19.63 -25.46 -21.37
C THR E 99 20.37 -24.74 -20.25
N LEU E 100 21.21 -23.77 -20.60
CA LEU E 100 21.94 -22.90 -19.66
C LEU E 100 20.92 -22.28 -18.71
N ILE E 101 21.33 -21.97 -17.48
CA ILE E 101 20.37 -21.47 -16.45
C ILE E 101 19.62 -20.24 -16.98
N GLU E 102 20.30 -19.28 -17.64
CA GLU E 102 19.65 -17.99 -18.06
C GLU E 102 18.62 -18.26 -19.16
N LYS E 103 18.72 -19.39 -19.88
CA LYS E 103 17.75 -19.80 -20.93
C LYS E 103 16.73 -20.81 -20.37
N THR E 104 16.74 -21.14 -19.07
CA THR E 104 15.87 -22.20 -18.51
C THR E 104 14.52 -21.59 -18.12
N ALA E 105 13.40 -22.09 -18.67
CA ALA E 105 12.05 -21.54 -18.40
C ALA E 105 11.66 -21.89 -16.96
N LYS E 106 11.16 -20.91 -16.21
CA LYS E 106 10.75 -21.12 -14.80
C LYS E 106 9.68 -22.23 -14.70
N GLU E 107 8.87 -22.41 -15.75
CA GLU E 107 7.78 -23.42 -15.77
C GLU E 107 8.41 -24.82 -15.74
N ASP E 108 9.49 -25.04 -16.47
CA ASP E 108 10.28 -26.28 -16.55
C ASP E 108 10.99 -26.51 -15.21
N TRP E 109 11.62 -25.48 -14.66
CA TRP E 109 12.29 -25.54 -13.33
C TRP E 109 11.27 -26.00 -12.27
N ASP E 110 10.10 -25.33 -12.22
CA ASP E 110 9.05 -25.54 -11.17
C ASP E 110 8.50 -26.97 -11.27
N GLN E 111 8.34 -27.47 -12.50
CA GLN E 111 7.82 -28.83 -12.74
C GLN E 111 8.85 -29.84 -12.20
N ASP E 112 10.14 -29.61 -12.48
CA ASP E 112 11.24 -30.52 -12.08
C ASP E 112 11.29 -30.59 -10.55
N LEU E 113 11.10 -29.46 -9.85
CA LEU E 113 11.15 -29.42 -8.37
C LEU E 113 9.91 -30.12 -7.81
N ARG E 114 8.76 -29.88 -8.44
CA ARG E 114 7.46 -30.45 -8.02
C ARG E 114 7.54 -31.97 -8.07
N VAL E 115 8.06 -32.51 -9.18
CA VAL E 115 8.11 -33.98 -9.40
C VAL E 115 9.24 -34.59 -8.58
N ASN E 116 10.45 -34.02 -8.64
CA ASN E 116 11.67 -34.70 -8.15
C ASN E 116 11.81 -34.52 -6.64
N LEU E 117 11.41 -33.36 -6.11
CA LEU E 117 11.52 -33.07 -4.66
C LEU E 117 10.16 -33.27 -3.98
N THR E 118 9.08 -32.60 -4.41
CA THR E 118 7.76 -32.67 -3.75
C THR E 118 7.12 -34.07 -3.96
N GLY E 119 7.33 -34.68 -5.13
CA GLY E 119 7.00 -36.09 -5.38
C GLY E 119 7.49 -36.98 -4.25
N ALA E 120 8.78 -36.93 -3.95
CA ALA E 120 9.42 -37.73 -2.87
C ALA E 120 8.81 -37.41 -1.50
N PHE E 121 8.66 -36.12 -1.22
CA PHE E 121 8.13 -35.63 0.07
C PHE E 121 6.74 -36.24 0.27
N ASN E 122 5.88 -36.08 -0.74
CA ASN E 122 4.46 -36.55 -0.77
C ASN E 122 4.38 -38.04 -0.48
N CYS E 123 5.19 -38.84 -1.18
CA CYS E 123 5.16 -40.32 -1.10
C CYS E 123 5.67 -40.73 0.28
N ILE E 124 6.73 -40.09 0.77
CA ILE E 124 7.32 -40.45 2.08
C ILE E 124 6.31 -40.16 3.21
N LYS E 125 5.69 -38.97 3.19
CA LYS E 125 4.60 -38.59 4.13
C LYS E 125 3.52 -39.68 4.19
N ALA E 126 3.09 -40.18 3.03
CA ALA E 126 1.97 -41.11 2.88
C ALA E 126 2.33 -42.48 3.46
N VAL E 127 3.58 -42.95 3.31
CA VAL E 127 3.93 -44.38 3.61
C VAL E 127 4.49 -44.47 5.02
N ILE E 128 5.02 -43.38 5.57
CA ILE E 128 5.87 -43.49 6.77
C ILE E 128 5.07 -43.76 8.06
N PRO E 129 3.79 -43.32 8.24
CA PRO E 129 3.06 -43.64 9.47
C PRO E 129 2.91 -45.15 9.70
N ASP E 130 2.61 -45.91 8.64
CA ASP E 130 2.45 -47.37 8.70
C ASP E 130 3.82 -48.06 8.81
N MET E 131 4.86 -47.51 8.21
CA MET E 131 6.22 -48.02 8.47
C MET E 131 6.50 -47.87 9.99
N LYS E 132 6.22 -46.71 10.60
CA LYS E 132 6.48 -46.51 12.06
C LYS E 132 5.63 -47.52 12.83
N LYS E 133 4.37 -47.65 12.47
CA LYS E 133 3.43 -48.57 13.15
C LYS E 133 3.99 -49.99 13.10
N ASN E 134 4.58 -50.41 11.99
CA ASN E 134 5.07 -51.82 11.84
C ASN E 134 6.55 -51.91 12.22
N ASN E 135 7.20 -50.83 12.65
CA ASN E 135 8.65 -50.81 12.99
C ASN E 135 9.47 -51.44 11.86
N TRP E 136 9.13 -51.13 10.62
CA TRP E 136 9.90 -51.57 9.45
C TRP E 136 9.64 -50.66 8.27
N GLY E 137 10.70 -50.18 7.61
CA GLY E 137 10.54 -49.50 6.31
C GLY E 137 11.86 -49.37 5.58
N ARG E 138 11.79 -49.24 4.27
CA ARG E 138 12.96 -49.01 3.40
C ARG E 138 12.51 -47.95 2.41
N ILE E 139 13.12 -46.78 2.47
CA ILE E 139 12.90 -45.69 1.47
C ILE E 139 14.18 -45.50 0.67
N ILE E 140 14.07 -45.64 -0.65
CA ILE E 140 15.23 -45.41 -1.56
C ILE E 140 14.87 -44.25 -2.48
N ASN E 141 15.67 -43.21 -2.40
CA ASN E 141 15.59 -42.04 -3.30
C ASN E 141 16.62 -42.19 -4.41
N ILE E 142 16.29 -41.76 -5.61
CA ILE E 142 17.14 -41.91 -6.81
C ILE E 142 17.76 -40.55 -7.13
N SER E 143 19.08 -40.48 -6.97
CA SER E 143 19.91 -39.28 -7.22
C SER E 143 20.77 -39.52 -8.47
N SER E 144 21.76 -38.68 -8.67
CA SER E 144 22.59 -38.66 -9.91
C SER E 144 23.90 -37.97 -9.60
N VAL E 145 24.96 -38.43 -10.24
CA VAL E 145 26.32 -37.82 -10.15
C VAL E 145 26.20 -36.35 -10.61
N THR E 146 25.12 -35.97 -11.32
CA THR E 146 24.82 -34.56 -11.69
C THR E 146 24.58 -33.74 -10.42
N GLY E 147 23.95 -34.34 -9.41
CA GLY E 147 23.68 -33.70 -8.11
C GLY E 147 24.96 -33.43 -7.33
N THR E 148 25.94 -34.34 -7.40
CA THR E 148 27.16 -34.32 -6.55
C THR E 148 28.31 -33.69 -7.33
N MET E 149 28.25 -33.63 -8.67
CA MET E 149 29.40 -33.14 -9.50
C MET E 149 28.96 -32.02 -10.46
N GLY E 150 27.68 -31.71 -10.49
CA GLY E 150 27.10 -30.73 -11.42
C GLY E 150 26.90 -31.34 -12.80
N GLY E 151 26.12 -30.65 -13.62
CA GLY E 151 26.02 -30.91 -15.07
C GLY E 151 25.61 -29.66 -15.81
N SER E 152 26.39 -29.26 -16.81
CA SER E 152 26.12 -28.05 -17.59
C SER E 152 24.76 -28.24 -18.27
N GLY E 153 23.92 -27.23 -18.24
CA GLY E 153 22.60 -27.24 -18.90
C GLY E 153 21.54 -27.87 -18.03
N GLN E 154 21.90 -28.35 -16.84
CA GLN E 154 20.98 -29.22 -16.06
C GLN E 154 20.75 -28.63 -14.68
N CYS E 155 20.40 -27.34 -14.58
CA CYS E 155 20.32 -26.65 -13.27
C CYS E 155 19.24 -27.28 -12.38
N SER E 156 18.02 -27.50 -12.87
CA SER E 156 16.90 -28.12 -12.11
C SER E 156 17.23 -29.56 -11.70
N TYR E 157 17.85 -30.33 -12.58
CA TYR E 157 18.17 -31.76 -12.33
C TYR E 157 19.29 -31.87 -11.30
N ALA E 158 20.37 -31.11 -11.44
CA ALA E 158 21.48 -31.09 -10.47
C ALA E 158 20.92 -30.68 -9.10
N THR E 159 20.03 -29.70 -9.07
CA THR E 159 19.48 -29.12 -7.83
C THR E 159 18.61 -30.19 -7.15
N THR E 160 17.69 -30.79 -7.88
CA THR E 160 16.73 -31.74 -7.30
C THR E 160 17.49 -33.00 -6.86
N LYS E 161 18.41 -33.50 -7.69
CA LYS E 161 19.14 -34.76 -7.37
C LYS E 161 20.06 -34.55 -6.15
N ALA E 162 20.63 -33.36 -5.97
CA ALA E 162 21.42 -33.03 -4.78
C ALA E 162 20.46 -32.87 -3.59
N GLY E 163 19.31 -32.27 -3.83
CA GLY E 163 18.30 -32.01 -2.80
C GLY E 163 17.80 -33.30 -2.17
N LEU E 164 17.64 -34.34 -2.99
CA LEU E 164 17.20 -35.68 -2.53
C LEU E 164 18.19 -36.26 -1.52
N ILE E 165 19.49 -35.92 -1.56
CA ILE E 165 20.47 -36.46 -0.57
C ILE E 165 20.17 -35.83 0.80
N GLY E 166 19.88 -34.53 0.83
CA GLY E 166 19.46 -33.83 2.05
C GLY E 166 18.17 -34.41 2.61
N LEU E 167 17.14 -34.59 1.76
CA LEU E 167 15.86 -35.19 2.20
C LEU E 167 16.15 -36.55 2.85
N THR E 168 16.97 -37.36 2.19
CA THR E 168 17.36 -38.74 2.60
C THR E 168 17.92 -38.70 4.02
N LYS E 169 18.85 -37.80 4.31
CA LYS E 169 19.51 -37.72 5.63
C LYS E 169 18.48 -37.36 6.74
N THR E 170 17.59 -36.39 6.50
CA THR E 170 16.52 -36.01 7.46
C THR E 170 15.59 -37.21 7.69
N VAL E 171 15.11 -37.83 6.62
CA VAL E 171 14.18 -38.98 6.75
C VAL E 171 14.87 -40.12 7.50
N ALA E 172 16.16 -40.35 7.25
CA ALA E 172 16.96 -41.38 7.96
C ALA E 172 16.96 -41.12 9.47
N LEU E 173 17.16 -39.85 9.86
CA LEU E 173 17.15 -39.39 11.27
C LEU E 173 15.77 -39.63 11.88
N GLU E 174 14.71 -39.28 11.18
CA GLU E 174 13.33 -39.38 11.70
C GLU E 174 12.90 -40.86 11.79
N GLY E 175 13.48 -41.74 10.96
CA GLY E 175 13.04 -43.13 10.77
C GLY E 175 13.83 -44.12 11.60
N ALA E 176 15.02 -43.76 12.03
CA ALA E 176 16.05 -44.67 12.56
C ALA E 176 15.51 -45.54 13.72
N ARG E 177 14.75 -44.97 14.64
CA ARG E 177 14.31 -45.65 15.89
C ARG E 177 13.19 -46.66 15.56
N TYR E 178 12.63 -46.60 14.35
CA TYR E 178 11.54 -47.47 13.85
C TYR E 178 12.05 -48.50 12.85
N ASN E 179 13.36 -48.65 12.70
CA ASN E 179 13.94 -49.60 11.70
C ASN E 179 13.42 -49.20 10.31
N ILE E 180 13.35 -47.88 10.06
CA ILE E 180 13.09 -47.29 8.73
C ILE E 180 14.40 -46.64 8.28
N THR E 181 15.00 -47.23 7.25
CA THR E 181 16.22 -46.72 6.60
C THR E 181 15.78 -45.86 5.44
N CYS E 182 16.59 -44.86 5.17
CA CYS E 182 16.43 -44.00 3.99
C CYS E 182 17.82 -43.78 3.41
N ASN E 183 17.99 -44.21 2.18
CA ASN E 183 19.26 -44.11 1.41
C ASN E 183 18.96 -43.58 0.01
N ALA E 184 19.93 -42.88 -0.56
CA ALA E 184 19.95 -42.37 -1.93
C ALA E 184 20.92 -43.21 -2.75
N LEU E 185 20.51 -43.61 -3.94
CA LEU E 185 21.43 -44.20 -4.94
C LEU E 185 21.81 -43.06 -5.89
N VAL E 186 23.10 -42.82 -6.04
CA VAL E 186 23.66 -41.75 -6.91
C VAL E 186 24.05 -42.43 -8.22
N LEU E 187 23.19 -42.32 -9.21
CA LEU E 187 23.30 -43.05 -10.51
C LEU E 187 24.35 -42.37 -11.39
N GLY E 188 25.17 -43.19 -12.04
CA GLY E 188 25.87 -42.86 -13.28
C GLY E 188 24.92 -42.96 -14.45
N VAL E 189 25.28 -43.66 -15.51
CA VAL E 189 24.40 -43.78 -16.72
C VAL E 189 24.08 -45.25 -16.95
N PHE E 190 22.85 -45.53 -17.39
CA PHE E 190 22.32 -46.90 -17.58
C PHE E 190 21.84 -47.04 -19.03
N GLY E 191 22.23 -48.15 -19.64
CA GLY E 191 21.81 -48.56 -21.01
C GLY E 191 20.59 -49.44 -20.92
N GLY E 192 20.71 -50.69 -21.40
CA GLY E 192 19.58 -51.62 -21.53
C GLY E 192 19.26 -51.82 -22.99
N ARG E 193 18.01 -52.11 -23.34
CA ARG E 193 17.60 -52.48 -24.74
C ARG E 193 17.46 -51.22 -25.60
N GLY E 194 17.41 -50.04 -24.97
CA GLY E 194 17.07 -48.78 -25.63
C GLY E 194 16.21 -47.91 -24.73
N ARG E 195 15.52 -46.95 -25.34
CA ARG E 195 14.75 -45.90 -24.65
C ARG E 195 13.72 -46.52 -23.71
N GLU E 196 13.18 -47.69 -24.04
CA GLU E 196 12.18 -48.34 -23.15
C GLU E 196 12.83 -48.62 -21.79
N ASP E 197 14.15 -48.83 -21.73
CA ASP E 197 14.84 -49.17 -20.45
C ASP E 197 15.46 -47.93 -19.79
N SER E 198 15.75 -46.86 -20.52
CA SER E 198 16.63 -45.77 -20.00
C SER E 198 16.48 -44.48 -20.79
N SER E 199 16.22 -43.37 -20.09
CA SER E 199 16.22 -41.98 -20.63
C SER E 199 17.59 -41.63 -21.20
N PHE E 200 18.63 -42.37 -20.83
CA PHE E 200 20.00 -42.13 -21.35
C PHE E 200 19.97 -42.05 -22.89
N TYR E 201 19.04 -42.76 -23.52
CA TYR E 201 18.91 -42.86 -25.01
C TYR E 201 18.29 -41.60 -25.60
N ASP E 202 17.76 -40.70 -24.78
CA ASP E 202 17.36 -39.33 -25.19
C ASP E 202 18.57 -38.40 -25.18
N VAL E 203 19.76 -38.90 -24.91
CA VAL E 203 21.01 -38.12 -25.08
C VAL E 203 21.56 -38.52 -26.46
N ALA E 204 21.96 -37.55 -27.28
CA ALA E 204 22.41 -37.79 -28.66
C ALA E 204 23.59 -38.77 -28.61
N GLU E 205 23.59 -39.80 -29.48
CA GLU E 205 24.56 -40.93 -29.48
C GLU E 205 25.97 -40.42 -29.26
N PRO E 206 26.44 -39.32 -29.93
CA PRO E 206 27.82 -38.86 -29.75
C PRO E 206 28.11 -38.36 -28.33
N PHE E 207 27.15 -37.70 -27.68
CA PHE E 207 27.25 -37.22 -26.27
C PHE E 207 27.35 -38.46 -25.33
N ARG E 208 26.44 -39.44 -25.53
CA ARG E 208 26.46 -40.76 -24.87
C ARG E 208 27.86 -41.38 -24.90
N GLU E 209 28.53 -41.33 -26.06
CA GLU E 209 29.82 -42.04 -26.30
C GLU E 209 30.92 -41.37 -25.47
N ARG E 210 30.87 -40.05 -25.36
CA ARG E 210 31.81 -39.29 -24.50
C ARG E 210 31.50 -39.61 -23.03
N ILE E 211 30.24 -39.54 -22.60
CA ILE E 211 29.87 -39.87 -21.18
C ILE E 211 30.41 -41.29 -20.85
N ILE E 212 30.26 -42.28 -21.73
CA ILE E 212 30.73 -43.68 -21.50
C ILE E 212 32.26 -43.71 -21.37
N LYS E 213 32.97 -42.89 -22.14
CA LYS E 213 34.46 -42.84 -22.09
C LYS E 213 34.89 -42.28 -20.72
N ARG E 214 34.02 -41.54 -20.01
CA ARG E 214 34.31 -40.98 -18.66
C ARG E 214 34.02 -42.03 -17.55
N THR E 215 33.42 -43.19 -17.88
CA THR E 215 33.19 -44.29 -16.89
C THR E 215 34.45 -45.14 -16.85
N ALA E 216 34.91 -45.57 -15.67
CA ALA E 216 36.12 -46.41 -15.57
C ALA E 216 35.86 -47.75 -16.29
N MET E 217 34.63 -48.26 -16.23
CA MET E 217 34.27 -49.58 -16.79
C MET E 217 33.94 -49.48 -18.29
N ARG E 218 33.93 -48.27 -18.84
CA ARG E 218 33.85 -48.03 -20.31
C ARG E 218 32.57 -48.67 -20.85
N ARG E 219 31.46 -48.51 -20.12
CA ARG E 219 30.10 -48.99 -20.51
C ARG E 219 29.08 -48.34 -19.58
N PRO E 220 27.83 -48.14 -20.05
CA PRO E 220 26.74 -47.69 -19.19
C PRO E 220 26.36 -48.91 -18.34
N GLY E 221 25.67 -48.72 -17.21
CA GLY E 221 25.24 -49.85 -16.37
C GLY E 221 24.11 -50.63 -17.03
N ASP E 222 24.01 -51.93 -16.78
CA ASP E 222 22.74 -52.66 -17.01
C ASP E 222 21.75 -52.20 -15.96
N PRO E 223 20.47 -51.97 -16.33
CA PRO E 223 19.44 -51.65 -15.35
C PRO E 223 19.51 -52.56 -14.13
N LYS E 224 19.80 -53.83 -14.33
CA LYS E 224 19.81 -54.84 -13.25
C LYS E 224 20.94 -54.52 -12.27
N GLU E 225 22.03 -53.92 -12.75
CA GLU E 225 23.21 -53.62 -11.91
C GLU E 225 22.79 -52.53 -10.93
N LEU E 226 21.83 -51.68 -11.29
CA LEU E 226 21.20 -50.74 -10.36
C LEU E 226 20.17 -51.46 -9.47
N SER E 227 19.21 -52.15 -10.05
CA SER E 227 18.09 -52.77 -9.31
C SER E 227 18.60 -53.74 -8.24
N ASN E 228 19.70 -54.44 -8.47
CA ASN E 228 20.24 -55.43 -7.50
C ASN E 228 20.77 -54.73 -6.26
N VAL E 229 21.36 -53.54 -6.42
CA VAL E 229 21.84 -52.72 -5.27
C VAL E 229 20.59 -52.24 -4.54
N LEU E 230 19.60 -51.80 -5.30
CA LEU E 230 18.34 -51.32 -4.71
C LEU E 230 17.71 -52.45 -3.88
N ALA E 231 17.63 -53.66 -4.45
CA ALA E 231 16.93 -54.81 -3.83
C ALA E 231 17.64 -55.18 -2.52
N PHE E 232 18.96 -55.08 -2.47
CA PHE E 232 19.76 -55.31 -1.25
C PHE E 232 19.39 -54.27 -0.18
N LEU E 233 19.36 -52.98 -0.53
CA LEU E 233 19.01 -51.90 0.43
C LEU E 233 17.58 -52.10 0.96
N ALA E 234 16.67 -52.62 0.15
CA ALA E 234 15.28 -52.91 0.55
C ALA E 234 15.20 -54.14 1.44
N SER E 235 16.29 -54.89 1.64
CA SER E 235 16.26 -56.15 2.39
C SER E 235 16.47 -55.88 3.88
N ASP E 236 16.11 -56.89 4.66
CA ASP E 236 16.28 -56.90 6.13
C ASP E 236 17.76 -56.78 6.49
N GLU E 237 18.65 -57.30 5.65
CA GLU E 237 20.11 -57.36 5.89
C GLU E 237 20.73 -55.96 5.87
N ALA E 238 20.08 -54.98 5.24
CA ALA E 238 20.63 -53.61 5.06
C ALA E 238 20.16 -52.74 6.24
N SER E 239 19.87 -53.36 7.38
CA SER E 239 19.27 -52.68 8.57
C SER E 239 20.21 -51.63 9.20
N TYR E 240 21.53 -51.66 9.01
CA TYR E 240 22.44 -50.65 9.62
C TYR E 240 22.95 -49.66 8.57
N VAL E 241 22.42 -49.69 7.35
CA VAL E 241 22.75 -48.69 6.29
C VAL E 241 21.60 -47.67 6.25
N THR E 242 21.89 -46.41 6.56
CA THR E 242 20.87 -45.34 6.51
C THR E 242 21.59 -44.00 6.35
N GLY E 243 20.92 -43.11 5.61
CA GLY E 243 21.32 -41.72 5.35
C GLY E 243 22.42 -41.63 4.31
N ASP E 244 22.75 -42.73 3.61
CA ASP E 244 23.94 -42.74 2.73
C ASP E 244 23.52 -42.42 1.30
N ALA E 245 24.45 -41.87 0.56
CA ALA E 245 24.38 -41.63 -0.89
C ALA E 245 25.35 -42.60 -1.53
N ILE E 246 24.85 -43.74 -1.99
CA ILE E 246 25.67 -44.85 -2.53
C ILE E 246 25.76 -44.67 -4.05
N VAL E 247 26.97 -44.61 -4.58
CA VAL E 247 27.22 -44.34 -6.03
C VAL E 247 27.13 -45.66 -6.77
N VAL E 248 26.32 -45.68 -7.82
CA VAL E 248 26.25 -46.84 -8.75
C VAL E 248 26.49 -46.26 -10.13
N GLY E 249 27.75 -46.19 -10.52
CA GLY E 249 28.14 -45.38 -11.70
C GLY E 249 29.33 -45.91 -12.47
N GLY E 250 29.86 -47.09 -12.15
CA GLY E 250 30.97 -47.72 -12.89
C GLY E 250 32.17 -46.80 -12.98
N GLY E 251 32.44 -46.00 -11.95
CA GLY E 251 33.64 -45.15 -11.88
C GLY E 251 33.45 -43.81 -12.55
N ILE E 252 32.23 -43.45 -12.91
CA ILE E 252 31.96 -42.19 -13.66
C ILE E 252 32.34 -40.99 -12.76
N ASP E 253 32.40 -41.19 -11.45
CA ASP E 253 32.64 -40.13 -10.45
C ASP E 253 34.13 -40.11 -10.06
N LEU E 254 34.93 -41.07 -10.52
CA LEU E 254 36.40 -41.14 -10.27
C LEU E 254 37.16 -40.33 -11.32
N PHE E 255 38.46 -40.08 -11.13
CA PHE E 255 39.27 -39.33 -12.13
C PHE E 255 39.80 -40.28 -13.22
N THR E 256 38.97 -40.64 -14.18
CA THR E 256 39.27 -41.66 -15.23
C THR E 256 40.06 -41.01 -16.36
N PHE E 257 41.06 -41.72 -16.89
CA PHE E 257 41.86 -41.40 -18.11
C PHE E 257 41.82 -42.56 -19.09
N SER F 2 6.01 25.75 -25.61
CA SER F 2 4.74 26.52 -25.42
C SER F 2 3.81 25.75 -24.48
N LEU F 3 4.35 25.19 -23.39
CA LEU F 3 3.66 24.83 -22.12
C LEU F 3 2.36 24.05 -22.36
N GLN F 4 2.16 23.53 -23.58
CA GLN F 4 1.05 22.59 -23.94
C GLN F 4 1.22 21.32 -23.12
N LYS F 5 0.12 20.76 -22.58
CA LYS F 5 0.11 19.50 -21.79
C LYS F 5 0.75 19.69 -20.40
N ARG F 6 1.01 20.93 -19.97
CA ARG F 6 1.64 21.23 -18.65
C ARG F 6 0.57 21.70 -17.66
N VAL F 7 0.65 21.26 -16.40
CA VAL F 7 -0.08 21.83 -15.23
C VAL F 7 0.90 22.73 -14.45
N ALA F 8 0.51 23.98 -14.22
CA ALA F 8 1.23 24.96 -13.37
C ALA F 8 0.43 25.16 -12.09
N LEU F 9 1.12 25.34 -10.96
CA LEU F 9 0.52 25.86 -9.71
C LEU F 9 1.17 27.20 -9.39
N VAL F 10 0.37 28.26 -9.32
CA VAL F 10 0.81 29.60 -8.88
C VAL F 10 0.20 29.85 -7.50
N THR F 11 1.04 29.78 -6.47
CA THR F 11 0.76 30.24 -5.10
C THR F 11 0.55 31.77 -5.10
N GLY F 12 -0.40 32.25 -4.30
CA GLY F 12 -0.86 33.66 -4.34
C GLY F 12 -1.32 34.07 -5.73
N GLY F 13 -2.16 33.25 -6.37
CA GLY F 13 -2.86 33.57 -7.63
C GLY F 13 -4.07 34.49 -7.42
N SER F 14 -4.55 34.65 -6.18
CA SER F 14 -5.65 35.55 -5.76
C SER F 14 -5.67 36.81 -6.61
N GLY F 15 -4.53 37.49 -6.70
CA GLY F 15 -4.35 38.70 -7.51
C GLY F 15 -2.89 39.09 -7.57
N GLY F 16 -2.63 40.37 -7.74
CA GLY F 16 -1.26 40.94 -7.77
C GLY F 16 -0.45 40.34 -8.90
N LEU F 17 0.86 40.14 -8.68
CA LEU F 17 1.74 39.61 -9.74
C LEU F 17 1.34 38.15 -10.04
N GLY F 18 0.90 37.40 -9.03
CA GLY F 18 0.56 35.96 -9.16
C GLY F 18 -0.54 35.72 -10.19
N ARG F 19 -1.59 36.56 -10.21
CA ARG F 19 -2.67 36.54 -11.23
C ARG F 19 -2.03 36.60 -12.62
N VAL F 20 -1.12 37.56 -12.85
CA VAL F 20 -0.54 37.74 -14.21
C VAL F 20 0.39 36.57 -14.55
N HIS F 21 1.10 35.98 -13.58
CA HIS F 21 1.91 34.75 -13.83
C HIS F 21 0.96 33.66 -14.36
N ALA F 22 -0.13 33.41 -13.61
CA ALA F 22 -1.17 32.38 -13.91
C ALA F 22 -1.73 32.60 -15.32
N LEU F 23 -2.15 33.84 -15.63
CA LEU F 23 -2.75 34.18 -16.95
C LEU F 23 -1.70 33.98 -18.03
N THR F 24 -0.45 34.37 -17.78
CA THR F 24 0.62 34.27 -18.79
C THR F 24 0.92 32.79 -19.06
N LEU F 25 0.91 31.96 -18.02
CA LEU F 25 1.20 30.51 -18.19
C LEU F 25 0.05 29.90 -19.03
N ALA F 26 -1.20 30.16 -18.61
CA ALA F 26 -2.45 29.81 -19.33
C ALA F 26 -2.30 30.17 -20.81
N GLN F 27 -1.98 31.43 -21.10
CA GLN F 27 -1.82 31.97 -22.47
C GLN F 27 -0.80 31.12 -23.23
N ASN F 28 0.29 30.70 -22.59
CA ASN F 28 1.40 30.01 -23.30
C ASN F 28 1.06 28.52 -23.46
N GLY F 29 -0.03 28.05 -22.86
CA GLY F 29 -0.61 26.72 -23.16
C GLY F 29 -0.89 25.86 -21.94
N ALA F 30 -0.50 26.32 -20.74
CA ALA F 30 -0.57 25.53 -19.50
C ALA F 30 -2.02 25.50 -18.99
N ASP F 31 -2.45 24.37 -18.43
CA ASP F 31 -3.60 24.33 -17.48
C ASP F 31 -3.02 24.80 -16.14
N VAL F 32 -3.77 25.57 -15.37
CA VAL F 32 -3.22 26.39 -14.26
C VAL F 32 -4.12 26.32 -13.03
N ALA F 33 -3.54 25.86 -11.93
CA ALA F 33 -4.10 25.96 -10.58
C ALA F 33 -3.52 27.21 -9.92
N VAL F 34 -4.36 27.96 -9.23
CA VAL F 34 -3.95 29.17 -8.46
C VAL F 34 -4.49 28.95 -7.06
N THR F 35 -3.77 29.52 -6.11
CA THR F 35 -4.07 29.51 -4.67
C THR F 35 -4.80 30.79 -4.33
N GLY F 36 -5.71 30.70 -3.38
CA GLY F 36 -6.13 31.83 -2.55
C GLY F 36 -6.06 31.40 -1.11
N ASN F 37 -5.92 32.36 -0.21
CA ASN F 37 -5.85 32.09 1.25
C ASN F 37 -7.01 32.85 1.92
N ARG F 38 -6.91 34.18 2.04
CA ARG F 38 -7.96 35.05 2.62
C ARG F 38 -8.87 35.59 1.52
N ASN F 39 -8.54 35.33 0.26
CA ASN F 39 -9.26 35.85 -0.93
C ASN F 39 -9.45 34.72 -1.96
N ILE F 40 -10.04 33.61 -1.52
CA ILE F 40 -10.36 32.42 -2.35
C ILE F 40 -11.28 32.82 -3.51
N ASP F 41 -12.11 33.85 -3.31
CA ASP F 41 -13.08 34.34 -4.34
C ASP F 41 -12.27 34.94 -5.50
N LYS F 42 -11.33 35.84 -5.19
CA LYS F 42 -10.44 36.49 -6.19
C LYS F 42 -9.67 35.43 -6.98
N ALA F 43 -9.37 34.28 -6.39
CA ALA F 43 -8.64 33.18 -7.05
C ALA F 43 -9.57 32.52 -8.08
N GLU F 44 -10.81 32.21 -7.66
CA GLU F 44 -11.85 31.65 -8.56
C GLU F 44 -12.02 32.59 -9.76
N SER F 45 -12.11 33.90 -9.52
CA SER F 45 -12.24 34.89 -10.59
C SER F 45 -11.12 34.68 -11.62
N VAL F 46 -9.89 34.42 -11.15
CA VAL F 46 -8.69 34.22 -12.01
C VAL F 46 -8.83 32.88 -12.74
N ALA F 47 -9.25 31.83 -12.03
CA ALA F 47 -9.51 30.50 -12.63
C ALA F 47 -10.49 30.66 -13.81
N ASN F 48 -11.53 31.49 -13.64
CA ASN F 48 -12.51 31.83 -14.70
C ASN F 48 -11.83 32.60 -15.84
N GLU F 49 -10.87 33.47 -15.54
CA GLU F 49 -10.16 34.18 -16.62
C GLU F 49 -9.38 33.16 -17.44
N ILE F 50 -8.82 32.13 -16.79
CA ILE F 50 -7.96 31.14 -17.49
C ILE F 50 -8.88 30.26 -18.35
N ARG F 51 -10.05 29.88 -17.81
CA ARG F 51 -11.13 29.15 -18.53
C ARG F 51 -11.55 29.98 -19.75
N ALA F 52 -11.75 31.29 -19.62
CA ALA F 52 -12.10 32.17 -20.76
C ALA F 52 -11.04 32.10 -21.87
N LEU F 53 -9.82 31.60 -21.60
CA LEU F 53 -8.73 31.48 -22.61
C LEU F 53 -8.81 30.12 -23.29
N GLY F 54 -9.61 29.20 -22.75
CA GLY F 54 -9.80 27.85 -23.29
C GLY F 54 -9.04 26.79 -22.51
N ARG F 55 -8.32 27.18 -21.46
CA ARG F 55 -7.53 26.24 -20.64
C ARG F 55 -8.39 25.71 -19.49
N LYS F 56 -7.96 24.60 -18.90
CA LYS F 56 -8.52 24.06 -17.64
C LYS F 56 -7.82 24.81 -16.51
N ALA F 57 -8.49 24.92 -15.37
CA ALA F 57 -8.16 25.85 -14.28
C ALA F 57 -8.81 25.37 -12.99
N LEU F 58 -8.17 25.63 -11.85
CA LEU F 58 -8.69 25.29 -10.51
C LEU F 58 -8.19 26.33 -9.48
N ALA F 59 -9.07 26.79 -8.60
CA ALA F 59 -8.76 27.65 -7.42
C ALA F 59 -8.89 26.78 -6.17
N ILE F 60 -7.79 26.62 -5.41
CA ILE F 60 -7.74 25.85 -4.14
C ILE F 60 -7.44 26.81 -2.99
N LYS F 61 -8.05 26.59 -1.83
CA LYS F 61 -7.80 27.41 -0.63
C LYS F 61 -6.61 26.77 0.10
N VAL F 62 -5.49 27.49 0.22
CA VAL F 62 -4.22 26.93 0.75
C VAL F 62 -3.50 28.07 1.47
N ASP F 63 -3.24 27.87 2.76
CA ASP F 63 -2.17 28.55 3.51
C ASP F 63 -0.86 27.76 3.28
N VAL F 64 0.04 28.27 2.41
CA VAL F 64 1.25 27.51 1.98
C VAL F 64 2.09 27.09 3.20
N SER F 65 1.95 27.75 4.34
CA SER F 65 2.71 27.47 5.58
C SER F 65 2.19 26.21 6.27
N ASN F 66 0.97 25.80 5.93
CA ASN F 66 0.23 24.63 6.50
C ASN F 66 0.46 23.45 5.54
N GLU F 67 1.23 22.47 5.97
CA GLU F 67 1.64 21.29 5.16
C GLU F 67 0.40 20.52 4.65
N ASP F 68 -0.64 20.42 5.49
CA ASP F 68 -1.85 19.60 5.20
C ASP F 68 -2.59 20.26 4.03
N GLU F 69 -2.86 21.57 4.15
CA GLU F 69 -3.61 22.35 3.14
C GLU F 69 -2.85 22.28 1.83
N VAL F 70 -1.51 22.24 1.87
CA VAL F 70 -0.65 22.15 0.64
C VAL F 70 -0.76 20.75 0.01
N ASN F 71 -0.58 19.70 0.81
CA ASN F 71 -0.60 18.29 0.34
C ASN F 71 -1.97 17.97 -0.31
N GLU F 72 -3.06 18.36 0.35
CA GLU F 72 -4.46 18.25 -0.16
C GLU F 72 -4.59 18.97 -1.50
N GLY F 73 -4.31 20.28 -1.53
CA GLY F 73 -4.30 21.11 -2.74
C GLY F 73 -3.61 20.41 -3.89
N VAL F 74 -2.37 19.97 -3.69
CA VAL F 74 -1.55 19.36 -4.78
C VAL F 74 -2.23 18.06 -5.26
N GLU F 75 -2.87 17.29 -4.38
CA GLU F 75 -3.64 16.05 -4.74
C GLU F 75 -4.90 16.43 -5.54
N LYS F 76 -5.68 17.39 -5.05
CA LYS F 76 -6.87 17.90 -5.79
C LYS F 76 -6.45 18.28 -7.20
N ILE F 77 -5.34 19.01 -7.36
CA ILE F 77 -4.82 19.39 -8.71
C ILE F 77 -4.46 18.13 -9.50
N LYS F 78 -3.69 17.21 -8.94
CA LYS F 78 -3.38 15.91 -9.58
C LYS F 78 -4.68 15.34 -10.16
N LYS F 79 -5.71 15.23 -9.31
CA LYS F 79 -7.06 14.70 -9.62
C LYS F 79 -7.68 15.44 -10.81
N GLU F 80 -7.81 16.78 -10.74
CA GLU F 80 -8.59 17.60 -11.70
C GLU F 80 -7.79 17.90 -12.97
N LEU F 81 -6.54 18.38 -12.87
CA LEU F 81 -5.76 18.91 -14.03
C LEU F 81 -4.67 17.94 -14.43
N GLY F 82 -4.20 17.09 -13.50
CA GLY F 82 -2.93 16.35 -13.64
C GLY F 82 -1.92 16.81 -12.61
N SER F 83 -0.79 16.10 -12.50
CA SER F 83 0.33 16.41 -11.58
C SER F 83 1.03 17.71 -12.01
N VAL F 84 1.40 18.53 -11.04
CA VAL F 84 2.05 19.85 -11.29
C VAL F 84 3.39 19.60 -12.00
N ASP F 85 3.61 20.16 -13.19
CA ASP F 85 4.92 20.20 -13.90
C ASP F 85 5.69 21.48 -13.56
N ILE F 86 4.96 22.54 -13.20
CA ILE F 86 5.47 23.94 -13.09
C ILE F 86 4.94 24.50 -11.77
N LEU F 87 5.82 24.76 -10.79
CA LEU F 87 5.44 25.38 -9.50
C LEU F 87 6.00 26.80 -9.44
N VAL F 88 5.16 27.78 -9.09
CA VAL F 88 5.62 29.16 -8.83
C VAL F 88 5.34 29.47 -7.35
N ASN F 89 6.40 29.65 -6.57
CA ASN F 89 6.29 30.00 -5.14
C ASN F 89 6.21 31.53 -5.07
N ASN F 90 4.99 32.08 -5.18
CA ASN F 90 4.74 33.53 -5.36
C ASN F 90 4.08 34.12 -4.09
N ALA F 91 3.32 33.35 -3.34
CA ALA F 91 2.75 33.83 -2.05
C ALA F 91 3.87 34.42 -1.19
N ALA F 92 3.63 35.57 -0.58
CA ALA F 92 4.55 36.13 0.42
C ALA F 92 3.75 36.85 1.48
N SER F 93 4.28 36.80 2.69
CA SER F 93 3.87 37.59 3.87
C SER F 93 4.95 38.66 4.11
N GLY F 94 4.54 39.79 4.70
CA GLY F 94 5.41 40.87 5.17
C GLY F 94 6.15 41.60 4.09
N ILE F 95 5.54 41.77 2.91
CA ILE F 95 6.22 42.34 1.71
C ILE F 95 6.70 43.77 2.00
N VAL F 96 5.94 44.51 2.81
CA VAL F 96 6.10 45.99 3.04
C VAL F 96 6.03 46.27 4.54
N ARG F 97 6.76 45.53 5.36
CA ARG F 97 7.06 45.95 6.74
C ARG F 97 8.02 47.13 6.65
N ALA F 98 7.97 47.98 7.65
CA ALA F 98 8.80 49.19 7.75
C ALA F 98 9.08 49.42 9.22
N THR F 99 9.66 48.41 9.86
CA THR F 99 10.00 48.39 11.29
C THR F 99 11.46 47.98 11.44
N LEU F 100 12.21 48.75 12.23
CA LEU F 100 13.60 48.43 12.61
C LEU F 100 13.60 47.07 13.33
N ILE F 101 14.67 46.31 13.22
CA ILE F 101 14.73 44.94 13.80
C ILE F 101 14.35 44.97 15.30
N GLU F 102 14.81 45.96 16.09
CA GLU F 102 14.56 45.93 17.57
C GLU F 102 13.07 46.20 17.88
N LYS F 103 12.32 46.84 16.98
CA LYS F 103 10.86 47.08 17.09
C LYS F 103 10.06 46.04 16.28
N THR F 104 10.68 45.04 15.65
CA THR F 104 9.95 44.00 14.88
C THR F 104 9.45 42.91 15.85
N ALA F 105 8.17 42.59 15.82
CA ALA F 105 7.55 41.63 16.76
C ALA F 105 7.84 40.23 16.26
N LYS F 106 8.30 39.35 17.15
CA LYS F 106 8.58 37.93 16.85
C LYS F 106 7.39 37.29 16.09
N GLU F 107 6.15 37.64 16.42
CA GLU F 107 4.95 37.00 15.79
C GLU F 107 4.93 37.36 14.30
N ASP F 108 5.28 38.59 13.93
CA ASP F 108 5.33 39.05 12.52
C ASP F 108 6.48 38.37 11.77
N TRP F 109 7.65 38.33 12.41
CA TRP F 109 8.87 37.63 11.90
C TRP F 109 8.52 36.16 11.63
N ASP F 110 7.95 35.49 12.63
CA ASP F 110 7.61 34.04 12.52
C ASP F 110 6.68 33.80 11.33
N GLN F 111 5.68 34.67 11.12
CA GLN F 111 4.69 34.48 10.03
C GLN F 111 5.41 34.60 8.68
N ASP F 112 6.28 35.62 8.53
CA ASP F 112 7.01 35.89 7.27
C ASP F 112 7.86 34.65 6.90
N LEU F 113 8.55 34.06 7.88
CA LEU F 113 9.39 32.86 7.66
C LEU F 113 8.51 31.66 7.26
N ARG F 114 7.39 31.43 7.96
CA ARG F 114 6.47 30.28 7.72
C ARG F 114 5.93 30.38 6.28
N VAL F 115 5.55 31.58 5.86
CA VAL F 115 4.92 31.75 4.52
C VAL F 115 5.99 31.70 3.44
N ASN F 116 7.02 32.54 3.58
CA ASN F 116 8.01 32.84 2.52
C ASN F 116 8.98 31.67 2.33
N LEU F 117 9.39 31.01 3.42
CA LEU F 117 10.33 29.85 3.40
C LEU F 117 9.54 28.53 3.52
N THR F 118 8.89 28.25 4.65
CA THR F 118 8.17 26.95 4.84
C THR F 118 7.18 26.72 3.69
N GLY F 119 6.47 27.76 3.28
CA GLY F 119 5.56 27.69 2.11
C GLY F 119 6.28 27.08 0.91
N ALA F 120 7.44 27.62 0.53
CA ALA F 120 8.23 27.14 -0.62
C ALA F 120 8.58 25.66 -0.44
N PHE F 121 9.09 25.34 0.76
CA PHE F 121 9.48 23.98 1.22
C PHE F 121 8.29 23.02 1.06
N ASN F 122 7.15 23.35 1.68
CA ASN F 122 5.92 22.51 1.65
C ASN F 122 5.51 22.25 0.21
N CYS F 123 5.48 23.29 -0.64
CA CYS F 123 5.01 23.19 -2.04
C CYS F 123 6.00 22.36 -2.85
N ILE F 124 7.31 22.58 -2.70
CA ILE F 124 8.31 21.77 -3.46
C ILE F 124 8.22 20.31 -3.00
N LYS F 125 8.12 20.04 -1.70
CA LYS F 125 7.98 18.64 -1.19
C LYS F 125 6.80 17.95 -1.88
N ALA F 126 5.65 18.62 -1.96
CA ALA F 126 4.39 18.04 -2.49
C ALA F 126 4.54 17.70 -3.97
N VAL F 127 5.24 18.52 -4.76
CA VAL F 127 5.20 18.41 -6.24
C VAL F 127 6.42 17.65 -6.78
N ILE F 128 7.54 17.60 -6.05
CA ILE F 128 8.85 17.13 -6.62
C ILE F 128 8.81 15.61 -6.88
N PRO F 129 8.12 14.77 -6.05
CA PRO F 129 8.07 13.33 -6.34
C PRO F 129 7.50 13.02 -7.74
N ASP F 130 6.32 13.56 -8.10
CA ASP F 130 5.72 13.34 -9.44
C ASP F 130 6.60 13.93 -10.53
N MET F 131 7.17 15.11 -10.32
CA MET F 131 8.09 15.71 -11.32
C MET F 131 9.22 14.72 -11.60
N LYS F 132 9.81 14.14 -10.54
CA LYS F 132 10.89 13.13 -10.67
C LYS F 132 10.39 11.93 -11.49
N LYS F 133 9.26 11.32 -11.08
CA LYS F 133 8.60 10.17 -11.76
C LYS F 133 8.42 10.52 -13.25
N ASN F 134 7.92 11.70 -13.56
CA ASN F 134 7.66 12.13 -14.95
C ASN F 134 8.96 12.57 -15.62
N ASN F 135 10.07 12.62 -14.88
CA ASN F 135 11.39 13.03 -15.43
C ASN F 135 11.30 14.45 -16.00
N TRP F 136 10.42 15.32 -15.49
CA TRP F 136 10.37 16.75 -15.93
C TRP F 136 9.84 17.68 -14.81
N GLY F 137 10.32 18.92 -14.77
CA GLY F 137 9.94 19.87 -13.70
C GLY F 137 10.50 21.26 -13.92
N ARG F 138 9.74 22.26 -13.44
CA ARG F 138 10.06 23.70 -13.45
C ARG F 138 9.56 24.25 -12.12
N ILE F 139 10.48 24.69 -11.28
CA ILE F 139 10.20 25.33 -9.97
C ILE F 139 10.79 26.72 -10.06
N ILE F 140 9.97 27.74 -9.76
CA ILE F 140 10.40 29.16 -9.85
C ILE F 140 10.02 29.83 -8.53
N ASN F 141 11.04 30.29 -7.83
CA ASN F 141 10.89 30.92 -6.51
C ASN F 141 10.97 32.44 -6.72
N ILE F 142 10.33 33.21 -5.87
CA ILE F 142 10.21 34.67 -6.10
C ILE F 142 11.00 35.35 -5.00
N SER F 143 12.12 35.94 -5.39
CA SER F 143 13.02 36.65 -4.46
C SER F 143 12.84 38.15 -4.72
N SER F 144 13.79 38.96 -4.25
CA SER F 144 13.74 40.44 -4.28
C SER F 144 15.15 40.99 -4.08
N VAL F 145 15.45 42.12 -4.70
CA VAL F 145 16.77 42.78 -4.53
C VAL F 145 16.92 43.17 -3.05
N THR F 146 15.85 43.29 -2.28
CA THR F 146 15.94 43.47 -0.81
C THR F 146 16.72 42.29 -0.22
N GLY F 147 16.52 41.09 -0.75
CA GLY F 147 17.22 39.90 -0.26
C GLY F 147 18.71 39.95 -0.57
N THR F 148 19.09 40.51 -1.71
CA THR F 148 20.50 40.49 -2.19
C THR F 148 21.20 41.80 -1.85
N MET F 149 20.47 42.88 -1.50
CA MET F 149 21.09 44.21 -1.22
C MET F 149 20.65 44.78 0.15
N GLY F 150 19.78 44.09 0.88
CA GLY F 150 19.26 44.56 2.18
C GLY F 150 18.07 45.49 1.99
N GLY F 151 17.30 45.73 3.04
CA GLY F 151 16.30 46.80 3.06
C GLY F 151 16.07 47.29 4.47
N SER F 152 16.35 48.56 4.75
CA SER F 152 16.14 49.14 6.09
C SER F 152 14.68 48.92 6.48
N GLY F 153 14.40 48.35 7.65
CA GLY F 153 13.04 48.18 8.16
C GLY F 153 12.42 46.89 7.66
N GLN F 154 13.17 46.08 6.90
CA GLN F 154 12.63 44.84 6.28
C GLN F 154 13.43 43.60 6.70
N CYS F 155 13.72 43.37 7.98
CA CYS F 155 14.61 42.21 8.33
C CYS F 155 14.02 40.88 7.83
N SER F 156 12.73 40.60 8.03
CA SER F 156 12.13 39.30 7.68
C SER F 156 12.10 39.12 6.15
N TYR F 157 11.89 40.19 5.40
CA TYR F 157 11.68 40.09 3.94
C TYR F 157 13.03 39.83 3.28
N ALA F 158 14.04 40.61 3.71
CA ALA F 158 15.44 40.44 3.29
C ALA F 158 15.88 39.00 3.59
N THR F 159 15.59 38.53 4.79
CA THR F 159 16.06 37.21 5.31
C THR F 159 15.42 36.13 4.44
N THR F 160 14.09 36.16 4.27
CA THR F 160 13.37 35.10 3.53
C THR F 160 13.66 35.21 2.04
N LYS F 161 13.75 36.42 1.49
CA LYS F 161 13.93 36.56 0.02
C LYS F 161 15.37 36.14 -0.33
N ALA F 162 16.33 36.34 0.59
CA ALA F 162 17.72 35.81 0.47
C ALA F 162 17.69 34.28 0.65
N GLY F 163 16.91 33.80 1.61
CA GLY F 163 16.80 32.36 1.93
C GLY F 163 16.38 31.56 0.71
N LEU F 164 15.44 32.08 -0.06
CA LEU F 164 14.87 31.36 -1.21
C LEU F 164 15.98 31.10 -2.23
N ILE F 165 17.02 31.91 -2.25
CA ILE F 165 18.13 31.72 -3.23
C ILE F 165 18.91 30.45 -2.82
N GLY F 166 19.07 30.22 -1.50
CA GLY F 166 19.74 29.01 -0.98
C GLY F 166 18.86 27.80 -1.23
N LEU F 167 17.56 27.92 -0.93
CA LEU F 167 16.59 26.83 -1.21
C LEU F 167 16.71 26.47 -2.69
N THR F 168 16.71 27.50 -3.52
CA THR F 168 16.70 27.38 -4.99
C THR F 168 17.90 26.55 -5.44
N LYS F 169 19.10 26.85 -4.94
CA LYS F 169 20.35 26.16 -5.38
C LYS F 169 20.37 24.70 -4.90
N THR F 170 19.83 24.40 -3.71
CA THR F 170 19.69 23.03 -3.17
C THR F 170 18.68 22.24 -4.01
N VAL F 171 17.49 22.78 -4.27
CA VAL F 171 16.49 22.07 -5.11
C VAL F 171 17.04 21.89 -6.53
N ALA F 172 17.80 22.83 -7.08
CA ALA F 172 18.40 22.65 -8.42
C ALA F 172 19.39 21.48 -8.41
N LEU F 173 20.15 21.29 -7.33
CA LEU F 173 21.15 20.21 -7.28
C LEU F 173 20.40 18.88 -7.24
N GLU F 174 19.34 18.79 -6.44
CA GLU F 174 18.55 17.57 -6.19
C GLU F 174 17.71 17.18 -7.42
N GLY F 175 17.31 18.12 -8.26
CA GLY F 175 16.42 17.86 -9.41
C GLY F 175 17.14 17.77 -10.73
N ALA F 176 18.42 18.11 -10.80
CA ALA F 176 19.15 18.26 -12.08
C ALA F 176 19.08 16.97 -12.92
N ARG F 177 19.21 15.79 -12.31
CA ARG F 177 19.25 14.50 -13.07
C ARG F 177 17.90 14.20 -13.69
N TYR F 178 16.80 14.80 -13.19
CA TYR F 178 15.41 14.49 -13.60
C TYR F 178 14.83 15.54 -14.54
N ASN F 179 15.67 16.41 -15.10
CA ASN F 179 15.27 17.54 -15.97
C ASN F 179 14.31 18.45 -15.21
N ILE F 180 14.44 18.51 -13.87
CA ILE F 180 13.79 19.51 -12.98
C ILE F 180 14.76 20.68 -12.83
N THR F 181 14.41 21.87 -13.35
CA THR F 181 15.13 23.12 -13.05
C THR F 181 14.42 23.82 -11.90
N CYS F 182 15.20 24.51 -11.10
CA CYS F 182 14.77 25.40 -10.01
C CYS F 182 15.61 26.68 -10.11
N ASN F 183 14.93 27.79 -10.36
CA ASN F 183 15.51 29.14 -10.41
C ASN F 183 14.68 30.08 -9.54
N ALA F 184 15.33 31.17 -9.16
CA ALA F 184 14.75 32.30 -8.41
C ALA F 184 14.77 33.51 -9.33
N LEU F 185 13.65 34.23 -9.40
CA LEU F 185 13.57 35.58 -10.01
C LEU F 185 13.74 36.60 -8.88
N VAL F 186 14.77 37.44 -9.03
CA VAL F 186 15.13 38.51 -8.04
C VAL F 186 14.47 39.80 -8.54
N LEU F 187 13.31 40.13 -7.97
CA LEU F 187 12.45 41.23 -8.47
C LEU F 187 13.00 42.58 -8.01
N GLY F 188 12.93 43.56 -8.91
CA GLY F 188 12.88 44.98 -8.53
C GLY F 188 11.49 45.35 -8.02
N VAL F 189 10.91 46.45 -8.51
CA VAL F 189 9.54 46.91 -8.10
C VAL F 189 8.65 46.87 -9.34
N PHE F 190 7.39 46.50 -9.17
CA PHE F 190 6.41 46.33 -10.26
C PHE F 190 5.21 47.24 -10.01
N GLY F 191 4.74 47.89 -11.07
CA GLY F 191 3.59 48.81 -11.03
C GLY F 191 2.29 48.13 -11.43
N GLY F 192 1.92 48.24 -12.70
CA GLY F 192 0.57 47.91 -13.22
C GLY F 192 -0.42 49.03 -12.90
N ARG F 193 -1.69 48.70 -12.73
CA ARG F 193 -2.80 49.69 -12.68
C ARG F 193 -2.96 50.28 -11.28
N GLY F 194 -2.40 49.64 -10.25
CA GLY F 194 -2.65 49.98 -8.84
C GLY F 194 -2.47 48.78 -7.93
N ARG F 195 -2.98 48.85 -6.71
CA ARG F 195 -2.75 47.83 -5.65
C ARG F 195 -3.24 46.47 -6.14
N GLU F 196 -4.24 46.42 -7.02
CA GLU F 196 -4.85 45.15 -7.48
C GLU F 196 -3.76 44.33 -8.18
N ASP F 197 -2.79 45.01 -8.81
CA ASP F 197 -1.70 44.39 -9.61
C ASP F 197 -0.39 44.22 -8.78
N SER F 198 -0.13 45.00 -7.73
CA SER F 198 1.22 45.09 -7.09
C SER F 198 1.17 45.67 -5.67
N SER F 199 1.91 45.01 -4.77
CA SER F 199 2.08 45.41 -3.35
C SER F 199 2.91 46.68 -3.27
N PHE F 200 3.60 47.06 -4.35
CA PHE F 200 4.34 48.33 -4.43
C PHE F 200 3.41 49.49 -4.02
N TYR F 201 2.09 49.39 -4.27
CA TYR F 201 1.14 50.51 -4.00
C TYR F 201 0.86 50.61 -2.51
N ASP F 202 1.35 49.66 -1.71
CA ASP F 202 1.31 49.76 -0.23
C ASP F 202 2.44 50.68 0.27
N VAL F 203 3.45 50.95 -0.56
CA VAL F 203 4.54 51.90 -0.19
C VAL F 203 4.02 53.32 -0.45
N ALA F 204 4.15 54.24 0.52
CA ALA F 204 3.68 55.64 0.38
C ALA F 204 4.32 56.26 -0.87
N GLU F 205 3.56 57.08 -1.63
CA GLU F 205 3.95 57.64 -2.96
C GLU F 205 5.30 58.36 -2.89
N PRO F 206 5.63 59.16 -1.84
CA PRO F 206 6.95 59.81 -1.78
C PRO F 206 8.11 58.82 -1.88
N PHE F 207 8.00 57.68 -1.18
CA PHE F 207 9.04 56.61 -1.12
C PHE F 207 9.06 55.88 -2.47
N ARG F 208 7.89 55.67 -3.06
CA ARG F 208 7.72 55.00 -4.37
C ARG F 208 8.51 55.75 -5.43
N GLU F 209 8.44 57.09 -5.39
CA GLU F 209 9.07 57.96 -6.42
C GLU F 209 10.60 57.91 -6.27
N ARG F 210 11.12 57.89 -5.04
CA ARG F 210 12.56 57.74 -4.73
C ARG F 210 13.02 56.38 -5.28
N ILE F 211 12.28 55.30 -4.99
CA ILE F 211 12.66 53.92 -5.44
C ILE F 211 12.74 53.93 -6.97
N ILE F 212 11.75 54.53 -7.65
CA ILE F 212 11.64 54.51 -9.13
C ILE F 212 12.81 55.29 -9.72
N LYS F 213 13.24 56.35 -9.05
CA LYS F 213 14.42 57.18 -9.40
C LYS F 213 15.70 56.35 -9.32
N ARG F 214 15.70 55.24 -8.58
CA ARG F 214 16.87 54.35 -8.40
C ARG F 214 16.82 53.16 -9.38
N THR F 215 15.79 53.05 -10.23
CA THR F 215 15.81 52.12 -11.40
C THR F 215 16.51 52.85 -12.56
N ALA F 216 17.30 52.15 -13.38
CA ALA F 216 17.98 52.76 -14.54
C ALA F 216 16.90 53.16 -15.56
N MET F 217 15.82 52.41 -15.61
CA MET F 217 14.74 52.60 -16.59
C MET F 217 13.72 53.64 -16.11
N ARG F 218 13.86 54.13 -14.88
CA ARG F 218 13.09 55.25 -14.29
C ARG F 218 11.60 54.96 -14.45
N ARG F 219 11.22 53.69 -14.23
CA ARG F 219 9.82 53.22 -14.10
C ARG F 219 9.79 51.88 -13.37
N PRO F 220 8.68 51.57 -12.68
CA PRO F 220 8.44 50.22 -12.18
C PRO F 220 8.20 49.29 -13.39
N GLY F 221 8.31 47.98 -13.22
CA GLY F 221 8.07 47.02 -14.30
C GLY F 221 6.57 46.78 -14.46
N ASP F 222 6.12 46.41 -15.67
CA ASP F 222 4.76 45.83 -15.87
C ASP F 222 4.80 44.40 -15.35
N PRO F 223 3.74 43.92 -14.68
CA PRO F 223 3.66 42.50 -14.33
C PRO F 223 4.12 41.58 -15.48
N LYS F 224 3.72 41.88 -16.71
CA LYS F 224 4.02 41.08 -17.93
C LYS F 224 5.53 41.01 -18.17
N GLU F 225 6.25 42.07 -17.81
CA GLU F 225 7.71 42.10 -18.00
C GLU F 225 8.33 41.03 -17.09
N LEU F 226 7.67 40.69 -15.99
CA LEU F 226 8.12 39.62 -15.06
C LEU F 226 7.59 38.25 -15.53
N SER F 227 6.27 38.12 -15.75
CA SER F 227 5.56 36.89 -16.16
C SER F 227 6.17 36.32 -17.45
N ASN F 228 6.66 37.16 -18.34
CA ASN F 228 7.27 36.68 -19.61
C ASN F 228 8.65 36.07 -19.34
N VAL F 229 9.38 36.55 -18.33
CA VAL F 229 10.69 35.93 -17.98
C VAL F 229 10.33 34.59 -17.34
N LEU F 230 9.35 34.60 -16.45
CA LEU F 230 8.90 33.41 -15.73
C LEU F 230 8.46 32.38 -16.76
N ALA F 231 7.73 32.81 -17.80
CA ALA F 231 7.12 31.85 -18.75
C ALA F 231 8.24 31.22 -19.58
N PHE F 232 9.27 32.00 -19.92
CA PHE F 232 10.46 31.43 -20.61
C PHE F 232 11.12 30.36 -19.75
N LEU F 233 11.23 30.54 -18.43
CA LEU F 233 11.97 29.59 -17.54
C LEU F 233 11.20 28.28 -17.44
N ALA F 234 9.87 28.38 -17.52
CA ALA F 234 8.92 27.26 -17.34
C ALA F 234 8.83 26.43 -18.63
N SER F 235 9.43 26.90 -19.72
CA SER F 235 9.38 26.26 -21.07
C SER F 235 10.45 25.17 -21.17
N ASP F 236 10.31 24.28 -22.16
CA ASP F 236 11.25 23.16 -22.43
C ASP F 236 12.61 23.73 -22.79
N GLU F 237 12.66 24.92 -23.41
CA GLU F 237 13.91 25.49 -23.99
C GLU F 237 14.89 25.98 -22.91
N ALA F 238 14.43 26.24 -21.69
CA ALA F 238 15.27 26.75 -20.57
C ALA F 238 15.83 25.59 -19.74
N SER F 239 16.06 24.43 -20.38
CA SER F 239 16.37 23.12 -19.74
C SER F 239 17.79 23.13 -19.16
N TYR F 240 18.69 23.99 -19.64
CA TYR F 240 20.07 24.11 -19.11
C TYR F 240 20.24 25.29 -18.15
N VAL F 241 19.15 25.95 -17.74
CA VAL F 241 19.19 27.08 -16.77
C VAL F 241 18.70 26.53 -15.44
N THR F 242 19.56 26.46 -14.42
CA THR F 242 19.12 25.96 -13.08
C THR F 242 19.96 26.54 -11.93
N GLY F 243 19.34 26.67 -10.77
CA GLY F 243 19.95 27.26 -9.56
C GLY F 243 20.37 28.72 -9.75
N ASP F 244 19.92 29.41 -10.82
CA ASP F 244 20.28 30.85 -10.99
C ASP F 244 19.34 31.76 -10.19
N ALA F 245 19.85 32.93 -9.84
CA ALA F 245 19.10 34.07 -9.28
C ALA F 245 19.09 35.14 -10.37
N ILE F 246 17.97 35.27 -11.07
CA ILE F 246 17.92 36.12 -12.28
C ILE F 246 17.18 37.40 -11.92
N VAL F 247 17.84 38.54 -12.14
CA VAL F 247 17.32 39.86 -11.74
C VAL F 247 16.33 40.36 -12.82
N VAL F 248 15.11 40.67 -12.42
CA VAL F 248 14.12 41.43 -13.25
C VAL F 248 13.79 42.71 -12.49
N GLY F 249 14.54 43.78 -12.72
CA GLY F 249 14.42 44.99 -11.89
C GLY F 249 14.82 46.28 -12.59
N GLY F 250 14.96 46.27 -13.92
CA GLY F 250 15.19 47.49 -14.72
C GLY F 250 16.38 48.28 -14.23
N GLY F 251 17.44 47.60 -13.82
CA GLY F 251 18.71 48.23 -13.41
C GLY F 251 18.66 48.77 -11.99
N ILE F 252 17.67 48.40 -11.19
CA ILE F 252 17.54 48.84 -9.76
C ILE F 252 18.73 48.31 -8.93
N ASP F 253 19.44 47.27 -9.40
CA ASP F 253 20.59 46.67 -8.68
C ASP F 253 21.91 47.22 -9.24
N LEU F 254 21.84 48.14 -10.23
CA LEU F 254 23.03 48.79 -10.84
C LEU F 254 23.26 50.09 -10.07
N PHE F 255 24.44 50.69 -10.18
CA PHE F 255 24.79 51.96 -9.50
C PHE F 255 24.25 53.13 -10.34
N THR F 256 22.92 53.27 -10.30
CA THR F 256 22.12 54.38 -10.88
C THR F 256 22.59 55.72 -10.31
#